data_4YTX
#
_entry.id   4YTX
#
_cell.length_a   208.642
_cell.length_b   154.670
_cell.length_c   99.012
_cell.angle_alpha   90.00
_cell.angle_beta   104.42
_cell.angle_gamma   90.00
#
_symmetry.space_group_name_H-M   'C 1 2 1'
#
loop_
_entity.id
_entity.type
_entity.pdbx_description
1 polymer 'Mitochondrial distribution and morphology protein 35'
2 polymer 'Protein UPS1, mitochondrial'
3 non-polymer 1,2-DILAUROYL-SN-GLYCERO-3-PHOSPHATE
#
loop_
_entity_poly.entity_id
_entity_poly.type
_entity_poly.pdbx_seq_one_letter_code
_entity_poly.pdbx_strand_id
1 'polypeptide(L)'
;MGNIMSASFAPECTDLKTKYDSCFNEWYSEKFLKGKSVENECSKQWYAYTTCVNAALVKQGIKPALDEAREEAPFENGGK
L
;
A,C,E,G,I,K,M,O
2 'polypeptide(L)'
;MGSSHHHHHHSQDPMVLLHKSTHIFPTDFASVSRAFFNRYPNPYSPHVLSIDTISRNVDQEGNLRTTRLLKKSGKLPTWV
KPFLRGITETWIIEVSVVNPANSTMKTYTRNLDHTGIMKVEEYTTYQFDSATSSTIADSRVKFSSGFNMGIKSKVEDWSR
TKFDENVKKSRMGMAFVIQKLEEA
;
B,D,F,H,J,L,N,P
#
loop_
_chem_comp.id
_chem_comp.type
_chem_comp.name
_chem_comp.formula
PX2 non-polymer 1,2-DILAUROYL-SN-GLYCERO-3-PHOSPHATE 'C27 H52 O8 P -1'
#
# COMPACT_ATOMS: atom_id res chain seq x y z
N ILE A 4 59.51 6.08 -28.45
CA ILE A 4 60.13 7.21 -27.70
C ILE A 4 59.80 7.10 -26.22
N MET A 5 60.38 7.97 -25.40
CA MET A 5 60.10 7.98 -23.96
C MET A 5 59.32 9.23 -23.56
N SER A 6 58.92 9.29 -22.28
CA SER A 6 58.15 10.42 -21.78
C SER A 6 58.99 11.67 -21.57
N ALA A 7 58.64 12.73 -22.30
CA ALA A 7 59.34 14.01 -22.20
C ALA A 7 59.08 14.72 -20.91
N SER A 8 60.09 15.42 -20.42
CA SER A 8 59.93 16.23 -19.23
C SER A 8 59.53 17.58 -19.80
N PHE A 9 58.97 18.49 -19.02
CA PHE A 9 58.62 19.79 -19.61
C PHE A 9 59.92 20.54 -20.01
N ALA A 10 61.02 20.19 -19.35
CA ALA A 10 62.35 20.74 -19.64
C ALA A 10 63.04 19.62 -20.45
N PRO A 11 63.25 19.81 -21.76
CA PRO A 11 63.89 18.80 -22.61
C PRO A 11 65.25 18.36 -22.12
N GLU A 12 65.88 19.24 -21.33
CA GLU A 12 67.19 19.01 -20.72
C GLU A 12 67.15 18.07 -19.51
N CYS A 13 65.95 17.63 -19.10
CA CYS A 13 65.82 16.73 -17.97
C CYS A 13 65.22 15.40 -18.43
N THR A 14 64.69 15.37 -19.65
CA THR A 14 64.06 14.14 -20.14
C THR A 14 64.88 12.94 -19.74
N ASP A 15 66.19 13.07 -19.85
CA ASP A 15 67.06 11.95 -19.50
C ASP A 15 67.20 11.70 -18.00
N LEU A 16 67.72 12.66 -17.23
CA LEU A 16 67.84 12.41 -15.79
C LEU A 16 66.53 11.85 -15.30
N LYS A 17 65.44 12.23 -15.98
CA LYS A 17 64.09 11.75 -15.63
C LYS A 17 64.02 10.26 -15.86
N THR A 18 64.19 9.83 -17.11
CA THR A 18 64.12 8.41 -17.47
C THR A 18 64.78 7.51 -16.41
N LYS A 19 65.98 7.88 -16.01
CA LYS A 19 66.71 7.12 -15.02
C LYS A 19 65.99 7.13 -13.68
N TYR A 20 65.63 8.30 -13.17
CA TYR A 20 64.92 8.33 -11.91
C TYR A 20 63.75 7.38 -11.98
N ASP A 21 63.06 7.39 -13.11
CA ASP A 21 61.91 6.53 -13.31
C ASP A 21 62.28 5.04 -13.19
N SER A 22 63.27 4.62 -13.97
CA SER A 22 63.71 3.23 -13.93
C SER A 22 64.03 2.67 -12.55
N CYS A 23 64.87 3.35 -11.79
CA CYS A 23 65.21 2.86 -10.46
C CYS A 23 63.94 2.82 -9.61
N PHE A 24 62.97 3.68 -9.92
CA PHE A 24 61.73 3.74 -9.13
C PHE A 24 60.84 2.54 -9.39
N ASN A 25 60.61 2.26 -10.66
CA ASN A 25 59.78 1.14 -10.99
C ASN A 25 60.35 -0.07 -10.27
N GLU A 26 61.68 -0.15 -10.22
CA GLU A 26 62.33 -1.27 -9.56
C GLU A 26 62.03 -1.25 -8.06
N TRP A 27 62.21 -0.10 -7.44
CA TRP A 27 61.97 0.02 -6.02
C TRP A 27 60.49 -0.03 -5.72
N TYR A 28 59.65 0.21 -6.73
CA TYR A 28 58.22 0.17 -6.48
C TYR A 28 57.75 -1.27 -6.40
N SER A 29 57.80 -1.92 -7.56
CA SER A 29 57.39 -3.31 -7.71
C SER A 29 58.15 -4.28 -6.81
N GLU A 30 59.47 -4.21 -6.84
CA GLU A 30 60.31 -5.11 -6.05
C GLU A 30 60.57 -4.79 -4.60
N LYS A 31 60.26 -3.58 -4.16
CA LYS A 31 60.53 -3.27 -2.77
C LYS A 31 59.37 -2.61 -2.04
N PHE A 32 58.91 -1.45 -2.50
CA PHE A 32 57.82 -0.77 -1.80
C PHE A 32 56.54 -1.58 -1.72
N LEU A 33 56.18 -2.20 -2.82
CA LEU A 33 54.95 -3.00 -2.89
C LEU A 33 55.03 -4.32 -2.14
N LYS A 34 56.25 -4.80 -1.88
CA LYS A 34 56.42 -6.06 -1.18
C LYS A 34 56.88 -5.92 0.27
N GLY A 35 56.64 -4.75 0.87
CA GLY A 35 57.05 -4.51 2.25
C GLY A 35 58.55 -4.40 2.53
N LYS A 36 59.37 -4.76 1.54
CA LYS A 36 60.83 -4.76 1.65
C LYS A 36 61.53 -3.38 1.64
N SER A 37 60.76 -2.32 1.47
CA SER A 37 61.32 -0.97 1.41
C SER A 37 62.49 -0.69 2.37
N VAL A 38 63.35 0.23 1.96
CA VAL A 38 64.52 0.64 2.76
C VAL A 38 65.33 1.77 2.06
N GLU A 39 65.69 2.77 2.87
CA GLU A 39 66.46 3.95 2.46
C GLU A 39 66.60 4.39 1.00
N ASN A 40 65.49 4.87 0.42
CA ASN A 40 65.44 5.38 -0.96
C ASN A 40 66.62 4.94 -1.79
N GLU A 41 66.51 3.78 -2.40
CA GLU A 41 67.59 3.25 -3.19
C GLU A 41 67.93 4.10 -4.42
N CYS A 42 67.57 5.39 -4.41
CA CYS A 42 67.87 6.22 -5.57
C CYS A 42 68.21 7.70 -5.39
N SER A 43 68.62 8.07 -4.19
CA SER A 43 68.99 9.45 -3.91
C SER A 43 69.56 10.13 -5.15
N LYS A 44 70.58 9.49 -5.71
CA LYS A 44 71.25 9.98 -6.90
C LYS A 44 70.31 10.44 -8.00
N GLN A 45 69.75 9.46 -8.72
CA GLN A 45 68.86 9.68 -9.87
C GLN A 45 67.77 10.69 -9.63
N TRP A 46 67.19 10.65 -8.44
CA TRP A 46 66.14 11.58 -8.10
C TRP A 46 66.74 12.99 -8.07
N TYR A 47 67.68 13.21 -7.16
CA TYR A 47 68.32 14.51 -7.02
C TYR A 47 68.72 15.12 -8.36
N ALA A 48 69.36 14.32 -9.20
CA ALA A 48 69.77 14.81 -10.51
C ALA A 48 68.52 15.46 -11.07
N TYR A 49 67.59 14.59 -11.50
CA TYR A 49 66.29 14.97 -12.07
C TYR A 49 65.52 16.05 -11.30
N THR A 50 65.28 15.83 -10.01
CA THR A 50 64.54 16.82 -9.25
C THR A 50 65.20 18.19 -9.21
N THR A 51 66.53 18.29 -9.33
CA THR A 51 67.14 19.62 -9.30
C THR A 51 67.18 20.23 -10.68
N CYS A 52 67.06 19.38 -11.70
CA CYS A 52 67.06 19.80 -13.08
C CYS A 52 65.75 20.49 -13.32
N VAL A 53 64.68 19.80 -12.93
CA VAL A 53 63.31 20.28 -13.07
C VAL A 53 63.03 21.52 -12.21
N ASN A 54 63.57 21.58 -11.00
CA ASN A 54 63.35 22.75 -10.17
C ASN A 54 63.98 24.00 -10.78
N ALA A 55 65.12 23.85 -11.44
CA ALA A 55 65.77 24.99 -12.07
C ALA A 55 64.82 25.59 -13.10
N ALA A 56 64.40 24.75 -14.03
CA ALA A 56 63.50 25.13 -15.10
C ALA A 56 62.15 25.65 -14.59
N LEU A 57 61.68 25.12 -13.48
CA LEU A 57 60.40 25.54 -12.95
C LEU A 57 60.29 26.98 -12.55
N VAL A 58 61.38 27.55 -12.03
CA VAL A 58 61.29 28.93 -11.60
C VAL A 58 61.04 29.86 -12.77
N LYS A 59 61.53 29.50 -13.95
CA LYS A 59 61.31 30.35 -15.10
C LYS A 59 59.86 30.19 -15.58
N GLN A 60 59.19 29.14 -15.10
CA GLN A 60 57.81 28.81 -15.50
C GLN A 60 56.68 29.54 -14.79
N GLY A 61 55.91 30.31 -15.56
CA GLY A 61 54.82 31.06 -14.97
C GLY A 61 53.78 30.21 -14.26
N ILE A 62 53.74 28.94 -14.60
CA ILE A 62 52.77 28.04 -14.02
C ILE A 62 53.13 27.66 -12.59
N LYS A 63 54.37 27.88 -12.21
CA LYS A 63 54.85 27.50 -10.88
C LYS A 63 54.01 27.96 -9.69
N PRO A 64 53.71 29.27 -9.60
CA PRO A 64 52.91 29.76 -8.48
C PRO A 64 51.58 29.00 -8.34
N ALA A 65 50.92 28.76 -9.47
CA ALA A 65 49.66 28.03 -9.51
C ALA A 65 49.84 26.59 -9.00
N LEU A 66 50.98 25.99 -9.35
CA LEU A 66 51.32 24.62 -8.96
C LEU A 66 51.61 24.51 -7.49
N ASP A 67 52.35 25.47 -6.96
CA ASP A 67 52.70 25.49 -5.56
C ASP A 67 51.43 25.52 -4.71
N GLU A 68 50.59 26.48 -5.01
CA GLU A 68 49.30 26.65 -4.35
C GLU A 68 48.55 25.32 -4.34
N ALA A 69 48.32 24.77 -5.53
CA ALA A 69 47.62 23.50 -5.68
C ALA A 69 48.24 22.41 -4.82
N ARG A 70 49.52 22.55 -4.52
CA ARG A 70 50.20 21.55 -3.71
C ARG A 70 49.85 21.70 -2.23
N GLU A 71 49.22 22.82 -1.88
CA GLU A 71 48.84 23.09 -0.49
C GLU A 71 47.49 22.49 -0.20
N GLU A 72 46.63 22.44 -1.21
CA GLU A 72 45.30 21.90 -1.06
C GLU A 72 45.35 20.38 -0.83
N ALA A 73 44.28 19.85 -0.25
CA ALA A 73 44.15 18.41 -0.01
C ALA A 73 42.84 18.01 -0.70
N PRO A 74 42.93 17.62 -1.99
CA PRO A 74 41.75 17.21 -2.74
C PRO A 74 41.09 15.97 -2.13
N PHE A 75 41.81 15.29 -1.25
CA PHE A 75 41.30 14.11 -0.60
C PHE A 75 40.74 14.44 0.79
N GLU A 76 40.26 15.68 0.92
CA GLU A 76 39.69 16.21 2.17
C GLU A 76 39.77 15.29 3.37
N PRO B 14 29.90 27.39 -8.52
CA PRO B 14 29.32 27.80 -9.83
C PRO B 14 28.50 26.65 -10.40
N MET B 15 28.52 26.49 -11.72
CA MET B 15 27.79 25.39 -12.37
C MET B 15 28.68 24.15 -12.33
N VAL B 16 28.10 23.01 -11.91
CA VAL B 16 28.83 21.76 -11.78
C VAL B 16 28.14 20.58 -12.47
N LEU B 17 28.91 19.67 -13.06
CA LEU B 17 28.35 18.50 -13.73
C LEU B 17 29.09 17.19 -13.40
N LEU B 18 28.68 16.49 -12.35
CA LEU B 18 29.33 15.23 -11.98
C LEU B 18 29.13 14.13 -13.00
N HIS B 19 30.16 13.28 -13.16
CA HIS B 19 30.11 12.11 -14.07
C HIS B 19 30.87 10.92 -13.44
N LYS B 20 30.19 9.79 -13.27
CA LYS B 20 30.86 8.62 -12.69
C LYS B 20 30.87 7.54 -13.74
N SER B 21 31.75 6.58 -13.59
CA SER B 21 31.84 5.45 -14.50
C SER B 21 32.86 4.50 -13.92
N THR B 22 32.61 3.21 -14.13
CA THR B 22 33.49 2.20 -13.58
C THR B 22 34.15 1.29 -14.62
N HIS B 23 35.26 0.66 -14.23
CA HIS B 23 36.00 -0.26 -15.08
C HIS B 23 36.74 -1.25 -14.20
N ILE B 24 36.75 -2.51 -14.61
CA ILE B 24 37.45 -3.56 -13.87
C ILE B 24 38.61 -4.17 -14.68
N PHE B 25 39.80 -4.11 -14.08
CA PHE B 25 41.00 -4.63 -14.72
C PHE B 25 41.37 -6.05 -14.30
N PRO B 26 41.55 -6.94 -15.29
CA PRO B 26 41.90 -8.35 -15.09
C PRO B 26 43.32 -8.57 -14.55
N THR B 27 43.81 -7.66 -13.70
CA THR B 27 45.16 -7.81 -13.15
C THR B 27 45.20 -7.32 -11.71
N ASP B 28 46.33 -7.52 -11.04
CA ASP B 28 46.44 -7.10 -9.64
C ASP B 28 46.67 -5.62 -9.46
N PHE B 29 46.66 -5.20 -8.20
CA PHE B 29 46.87 -3.81 -7.84
C PHE B 29 48.26 -3.43 -8.23
N ALA B 30 49.21 -4.33 -8.04
CA ALA B 30 50.60 -4.07 -8.39
C ALA B 30 50.72 -3.79 -9.89
N SER B 31 50.17 -4.68 -10.71
CA SER B 31 50.21 -4.55 -12.17
C SER B 31 49.58 -3.25 -12.65
N VAL B 32 48.35 -2.99 -12.21
CA VAL B 32 47.64 -1.77 -12.61
C VAL B 32 48.33 -0.51 -12.08
N SER B 33 48.59 -0.42 -10.78
CA SER B 33 49.24 0.77 -10.24
C SER B 33 50.47 1.19 -11.05
N ARG B 34 51.34 0.23 -11.34
CA ARG B 34 52.55 0.50 -12.11
C ARG B 34 52.21 1.18 -13.45
N ALA B 35 51.23 0.60 -14.14
CA ALA B 35 50.81 1.14 -15.43
C ALA B 35 50.35 2.56 -15.22
N PHE B 36 49.67 2.83 -14.11
CA PHE B 36 49.23 4.20 -13.86
C PHE B 36 50.43 5.11 -13.97
N PHE B 37 51.42 4.86 -13.12
CA PHE B 37 52.65 5.63 -13.09
C PHE B 37 53.41 5.72 -14.41
N ASN B 38 53.30 4.69 -15.27
CA ASN B 38 53.99 4.73 -16.56
C ASN B 38 53.01 4.63 -17.74
N ARG B 39 51.86 5.29 -17.61
CA ARG B 39 50.82 5.24 -18.64
C ARG B 39 51.15 6.00 -19.92
N TYR B 40 52.18 6.86 -19.86
CA TYR B 40 52.62 7.63 -21.04
C TYR B 40 54.02 7.25 -21.54
N PRO B 41 54.19 7.23 -22.85
CA PRO B 41 53.12 7.57 -23.79
C PRO B 41 52.34 6.30 -24.18
N ASN B 42 51.26 6.47 -24.93
CA ASN B 42 50.47 5.33 -25.40
C ASN B 42 49.51 5.74 -26.53
N PRO B 43 49.20 4.78 -27.41
CA PRO B 43 48.32 4.92 -28.58
C PRO B 43 47.29 6.04 -28.56
N TYR B 44 46.70 6.31 -27.41
CA TYR B 44 45.66 7.33 -27.34
C TYR B 44 46.03 8.46 -26.39
N SER B 45 47.27 8.92 -26.47
CA SER B 45 47.77 10.00 -25.62
C SER B 45 48.63 10.98 -26.36
N PRO B 46 48.52 11.04 -27.70
CA PRO B 46 49.33 11.95 -28.51
C PRO B 46 49.31 13.36 -27.96
N HIS B 47 48.24 13.69 -27.25
CA HIS B 47 48.07 15.00 -26.66
C HIS B 47 48.83 15.18 -25.38
N VAL B 48 49.39 14.11 -24.84
CA VAL B 48 50.17 14.28 -23.61
C VAL B 48 51.60 14.58 -24.01
N LEU B 49 52.03 15.79 -23.68
CA LEU B 49 53.35 16.24 -24.07
C LEU B 49 54.43 15.87 -23.10
N SER B 50 54.21 16.13 -21.83
CA SER B 50 55.21 15.81 -20.86
C SER B 50 54.56 15.55 -19.53
N ILE B 51 55.25 14.78 -18.72
CA ILE B 51 54.77 14.46 -17.40
C ILE B 51 56.02 14.47 -16.56
N ASP B 52 55.95 15.07 -15.38
CA ASP B 52 57.10 15.14 -14.49
C ASP B 52 56.66 14.77 -13.11
N THR B 53 57.60 14.29 -12.31
CA THR B 53 57.30 13.86 -10.97
C THR B 53 57.73 14.97 -10.04
N ILE B 54 56.85 15.92 -9.80
CA ILE B 54 57.17 17.05 -8.94
C ILE B 54 57.67 16.69 -7.53
N SER B 55 57.03 15.71 -6.90
CA SER B 55 57.42 15.28 -5.56
C SER B 55 56.85 13.92 -5.18
N ARG B 56 57.67 13.11 -4.53
CA ARG B 56 57.28 11.79 -4.08
C ARG B 56 57.89 11.55 -2.70
N ASN B 57 57.30 10.63 -1.95
CA ASN B 57 57.73 10.30 -0.59
C ASN B 57 56.78 9.32 0.11
N VAL B 58 57.16 8.89 1.30
CA VAL B 58 56.34 7.97 2.04
C VAL B 58 55.96 8.61 3.38
N ASP B 59 54.67 8.87 3.56
CA ASP B 59 54.13 9.50 4.76
C ASP B 59 54.28 8.68 6.04
N GLN B 60 53.90 9.31 7.17
CA GLN B 60 53.95 8.65 8.48
C GLN B 60 53.13 7.37 8.39
N GLU B 61 52.06 7.45 7.61
CA GLU B 61 51.14 6.36 7.36
C GLU B 61 51.74 5.19 6.60
N GLY B 62 52.69 5.47 5.70
CA GLY B 62 53.33 4.41 4.94
C GLY B 62 52.97 4.32 3.46
N ASN B 63 52.06 5.17 3.00
CA ASN B 63 51.63 5.16 1.60
C ASN B 63 52.52 6.06 0.73
N LEU B 64 52.60 5.75 -0.55
CA LEU B 64 53.40 6.54 -1.46
C LEU B 64 52.60 7.78 -1.86
N ARG B 65 53.09 8.97 -1.49
CA ARG B 65 52.43 10.23 -1.82
C ARG B 65 53.15 10.81 -3.03
N THR B 66 52.45 10.98 -4.15
CA THR B 66 53.07 11.51 -5.36
C THR B 66 52.32 12.63 -6.09
N THR B 67 53.07 13.67 -6.45
CA THR B 67 52.53 14.79 -7.19
C THR B 67 53.29 14.89 -8.51
N ARG B 68 52.56 14.82 -9.62
CA ARG B 68 53.18 14.92 -10.93
C ARG B 68 52.54 16.00 -11.80
N LEU B 69 53.36 16.81 -12.44
CA LEU B 69 52.88 17.87 -13.28
C LEU B 69 52.87 17.34 -14.70
N LEU B 70 51.73 17.42 -15.37
CA LEU B 70 51.64 16.98 -16.75
C LEU B 70 51.20 18.15 -17.62
N LYS B 71 51.53 18.06 -18.91
CA LYS B 71 51.16 19.10 -19.86
C LYS B 71 50.53 18.45 -21.08
N LYS B 72 49.22 18.64 -21.24
CA LYS B 72 48.51 18.06 -22.37
C LYS B 72 48.08 19.17 -23.34
N SER B 73 48.04 18.83 -24.62
CA SER B 73 47.68 19.74 -25.69
C SER B 73 46.29 19.46 -26.24
N GLY B 74 45.74 20.42 -26.96
CA GLY B 74 44.40 20.25 -27.54
C GLY B 74 44.16 21.30 -28.61
N LYS B 75 43.22 21.05 -29.53
CA LYS B 75 42.89 21.98 -30.61
C LYS B 75 41.52 22.63 -30.43
N LEU B 76 41.51 23.85 -29.91
CA LEU B 76 40.27 24.59 -29.70
C LEU B 76 39.40 24.74 -30.97
N PRO B 77 38.06 24.68 -30.81
CA PRO B 77 37.15 24.82 -31.96
C PRO B 77 37.07 26.29 -32.36
N THR B 78 37.65 26.62 -33.52
CA THR B 78 37.65 27.99 -34.00
C THR B 78 36.31 28.69 -33.80
N TRP B 79 35.24 28.08 -34.30
CA TRP B 79 33.90 28.67 -34.19
C TRP B 79 33.42 28.99 -32.77
N VAL B 80 34.31 28.91 -31.78
CA VAL B 80 33.96 29.22 -30.40
C VAL B 80 35.26 29.54 -29.65
N LYS B 81 36.33 29.73 -30.40
CA LYS B 81 37.66 30.01 -29.86
C LYS B 81 38.26 31.42 -30.07
N PRO B 82 37.64 32.24 -30.93
CA PRO B 82 38.19 33.58 -31.17
C PRO B 82 38.45 34.38 -29.90
N PHE B 83 37.41 34.54 -29.10
CA PHE B 83 37.47 35.28 -27.86
C PHE B 83 38.73 34.96 -27.06
N LEU B 84 38.96 33.69 -26.78
CA LEU B 84 40.14 33.28 -26.03
C LEU B 84 41.40 33.54 -26.87
N ARG B 85 42.42 34.10 -26.23
CA ARG B 85 43.68 34.42 -26.90
C ARG B 85 44.30 33.20 -27.57
N GLY B 86 45.64 33.21 -27.63
CA GLY B 86 46.37 32.10 -28.23
C GLY B 86 46.72 31.06 -27.17
N ILE B 87 45.98 29.95 -27.15
CA ILE B 87 46.17 28.87 -26.18
C ILE B 87 45.88 27.48 -26.74
N THR B 88 46.91 26.64 -26.83
CA THR B 88 46.75 25.29 -27.37
C THR B 88 47.15 24.20 -26.38
N GLU B 89 47.29 24.56 -25.11
CA GLU B 89 47.70 23.56 -24.13
C GLU B 89 47.49 23.93 -22.68
N THR B 90 47.35 22.90 -21.84
CA THR B 90 47.10 23.04 -20.39
C THR B 90 48.11 22.31 -19.52
N TRP B 91 48.34 22.88 -18.34
CA TRP B 91 49.21 22.30 -17.35
C TRP B 91 48.23 21.60 -16.44
N ILE B 92 48.54 20.38 -15.99
CA ILE B 92 47.66 19.65 -15.07
C ILE B 92 48.44 19.09 -13.86
N ILE B 93 47.81 18.97 -12.71
CA ILE B 93 48.49 18.42 -11.56
C ILE B 93 47.78 17.10 -11.30
N GLU B 94 48.54 16.07 -10.95
CA GLU B 94 47.98 14.74 -10.71
C GLU B 94 48.48 14.20 -9.38
N VAL B 95 47.74 14.44 -8.30
CA VAL B 95 48.17 13.95 -6.99
C VAL B 95 47.70 12.53 -6.84
N SER B 96 48.45 11.71 -6.13
CA SER B 96 48.06 10.33 -5.92
C SER B 96 48.61 9.70 -4.65
N VAL B 97 47.90 8.69 -4.13
CA VAL B 97 48.33 7.97 -2.93
C VAL B 97 48.21 6.50 -3.15
N VAL B 98 49.22 5.76 -2.71
CA VAL B 98 49.22 4.31 -2.84
C VAL B 98 49.42 3.65 -1.49
N ASN B 99 48.40 2.90 -1.07
CA ASN B 99 48.45 2.18 0.19
C ASN B 99 48.86 0.75 -0.10
N PRO B 100 50.13 0.42 0.16
CA PRO B 100 50.69 -0.92 -0.09
C PRO B 100 50.06 -2.03 0.74
N ALA B 101 49.40 -1.65 1.84
CA ALA B 101 48.75 -2.62 2.71
C ALA B 101 47.44 -3.08 2.09
N ASN B 102 46.42 -2.25 2.19
CA ASN B 102 45.11 -2.60 1.65
C ASN B 102 45.05 -2.54 0.12
N SER B 103 46.22 -2.45 -0.51
CA SER B 103 46.29 -2.42 -1.95
C SER B 103 45.27 -1.50 -2.63
N THR B 104 45.31 -0.22 -2.29
CA THR B 104 44.42 0.76 -2.92
C THR B 104 45.21 2.03 -3.23
N MET B 105 44.79 2.73 -4.29
CA MET B 105 45.45 3.94 -4.70
C MET B 105 44.41 5.00 -5.11
N LYS B 106 44.53 6.20 -4.55
CA LYS B 106 43.63 7.31 -4.87
C LYS B 106 44.34 8.19 -5.89
N THR B 107 43.61 8.76 -6.86
CA THR B 107 44.27 9.62 -7.82
C THR B 107 43.46 10.83 -8.27
N TYR B 108 43.66 11.92 -7.56
CA TYR B 108 43.02 13.18 -7.90
C TYR B 108 43.77 13.75 -9.09
N THR B 109 43.11 14.55 -9.92
CA THR B 109 43.80 15.12 -11.07
C THR B 109 42.95 16.15 -11.81
N ARG B 110 43.43 17.39 -11.88
CA ARG B 110 42.70 18.48 -12.52
C ARG B 110 43.64 19.52 -13.12
N ASN B 111 43.09 20.47 -13.87
CA ASN B 111 43.91 21.51 -14.49
C ASN B 111 44.37 22.59 -13.52
N LEU B 112 45.52 23.20 -13.82
CA LEU B 112 46.13 24.24 -12.99
C LEU B 112 45.96 25.65 -13.58
N ASP B 113 46.09 25.75 -14.89
CA ASP B 113 45.93 27.02 -15.56
C ASP B 113 44.62 26.88 -16.32
N HIS B 114 43.97 28.00 -16.64
CA HIS B 114 42.67 28.02 -17.33
C HIS B 114 41.50 27.81 -16.38
N THR B 115 41.77 27.78 -15.07
CA THR B 115 40.68 27.60 -14.12
C THR B 115 39.71 28.74 -14.29
N GLY B 116 40.13 29.77 -15.03
CA GLY B 116 39.29 30.93 -15.30
C GLY B 116 38.05 30.52 -16.07
N ILE B 117 38.23 29.92 -17.25
CA ILE B 117 37.11 29.48 -18.06
C ILE B 117 36.36 28.33 -17.37
N MET B 118 37.03 27.19 -17.20
CA MET B 118 36.42 26.04 -16.54
C MET B 118 37.48 25.31 -15.75
N LYS B 119 37.05 24.33 -14.97
CA LYS B 119 37.98 23.57 -14.14
C LYS B 119 37.49 22.15 -14.00
N VAL B 120 38.26 21.22 -14.58
CA VAL B 120 37.91 19.80 -14.53
C VAL B 120 38.65 19.09 -13.42
N GLU B 121 37.99 18.14 -12.77
CA GLU B 121 38.61 17.37 -11.71
C GLU B 121 38.31 15.89 -11.92
N GLU B 122 39.26 15.03 -11.58
CA GLU B 122 39.07 13.61 -11.83
C GLU B 122 39.51 12.73 -10.69
N TYR B 123 38.57 12.27 -9.88
CA TYR B 123 38.93 11.39 -8.78
C TYR B 123 38.77 9.98 -9.30
N THR B 124 39.84 9.20 -9.19
CA THR B 124 39.78 7.82 -9.64
C THR B 124 40.45 7.01 -8.58
N THR B 125 39.82 5.90 -8.19
CA THR B 125 40.37 5.04 -7.17
C THR B 125 40.60 3.61 -7.63
N TYR B 126 41.67 3.02 -7.13
CA TYR B 126 41.99 1.67 -7.50
C TYR B 126 41.97 0.78 -6.28
N GLN B 127 41.04 -0.18 -6.32
CA GLN B 127 40.84 -1.17 -5.26
C GLN B 127 41.09 -2.52 -5.90
N PHE B 128 41.84 -3.36 -5.20
CA PHE B 128 42.07 -4.72 -5.69
C PHE B 128 41.04 -5.60 -5.02
N ASP B 129 40.30 -6.37 -5.82
CA ASP B 129 39.29 -7.27 -5.30
C ASP B 129 39.93 -8.61 -4.98
N SER B 130 40.34 -8.77 -3.73
CA SER B 130 40.99 -9.98 -3.23
C SER B 130 40.58 -11.22 -4.01
N ALA B 131 39.27 -11.41 -4.11
CA ALA B 131 38.66 -12.55 -4.81
C ALA B 131 38.87 -12.63 -6.32
N THR B 132 38.29 -11.70 -7.08
CA THR B 132 38.37 -11.68 -8.56
C THR B 132 39.72 -11.41 -9.23
N SER B 133 40.79 -11.37 -8.44
CA SER B 133 42.13 -11.11 -9.00
C SER B 133 42.13 -9.80 -9.76
N SER B 134 41.05 -9.04 -9.59
CA SER B 134 40.88 -7.76 -10.28
C SER B 134 41.17 -6.52 -9.46
N THR B 135 41.36 -5.43 -10.20
CA THR B 135 41.61 -4.10 -9.66
C THR B 135 40.46 -3.29 -10.23
N ILE B 136 39.65 -2.77 -9.33
CA ILE B 136 38.49 -2.00 -9.74
C ILE B 136 38.87 -0.56 -9.71
N ALA B 137 38.48 0.16 -10.76
CA ALA B 137 38.78 1.58 -10.86
C ALA B 137 37.51 2.40 -10.85
N ASP B 138 37.42 3.31 -9.88
CA ASP B 138 36.24 4.14 -9.72
C ASP B 138 36.47 5.61 -10.13
N SER B 139 36.02 5.98 -11.32
CA SER B 139 36.22 7.33 -11.82
C SER B 139 35.05 8.29 -11.67
N ARG B 140 35.32 9.44 -11.05
CA ARG B 140 34.31 10.48 -10.82
C ARG B 140 34.89 11.76 -11.41
N VAL B 141 34.24 12.33 -12.41
CA VAL B 141 34.75 13.57 -13.00
C VAL B 141 33.82 14.75 -12.75
N LYS B 142 34.39 15.87 -12.35
CA LYS B 142 33.59 17.02 -12.05
C LYS B 142 33.99 18.27 -12.82
N PHE B 143 33.07 18.78 -13.64
CA PHE B 143 33.31 20.01 -14.41
C PHE B 143 32.73 21.18 -13.60
N SER B 144 33.24 22.41 -13.64
CA SER B 144 32.77 23.62 -12.99
C SER B 144 33.07 24.73 -13.76
N SER B 145 33.04 25.92 -13.32
CA SER B 145 33.08 26.94 -14.25
C SER B 145 33.77 28.12 -13.81
N GLY B 146 34.45 28.80 -14.66
CA GLY B 146 35.19 29.98 -14.33
C GLY B 146 34.32 31.03 -13.86
N PHE B 147 33.09 30.93 -14.16
CA PHE B 147 32.25 31.98 -14.28
C PHE B 147 31.23 31.71 -13.27
N ASN B 148 30.08 32.38 -13.38
CA ASN B 148 28.62 32.12 -13.37
C ASN B 148 27.95 32.45 -12.16
N MET B 149 28.72 32.78 -11.20
CA MET B 149 28.29 32.94 -9.88
C MET B 149 27.17 33.98 -9.89
N GLY B 150 27.36 34.96 -10.75
CA GLY B 150 26.57 36.12 -10.59
C GLY B 150 25.29 36.23 -11.27
N ILE B 151 25.29 36.42 -12.53
CA ILE B 151 24.36 37.27 -13.05
C ILE B 151 23.03 36.78 -12.71
N LYS B 152 22.75 35.58 -13.01
CA LYS B 152 21.42 35.18 -13.23
C LYS B 152 20.62 35.43 -12.07
N SER B 153 21.24 35.16 -10.96
CA SER B 153 20.69 35.43 -9.72
C SER B 153 20.56 36.83 -9.61
N LYS B 154 21.49 37.61 -10.11
CA LYS B 154 21.41 39.06 -9.84
C LYS B 154 20.15 39.50 -10.45
N VAL B 155 20.09 39.12 -11.67
CA VAL B 155 19.18 39.50 -12.64
C VAL B 155 17.85 39.08 -12.25
N GLU B 156 17.70 37.92 -11.65
CA GLU B 156 16.44 37.30 -11.48
C GLU B 156 15.71 38.19 -10.68
N ASP B 157 16.49 38.39 -9.71
CA ASP B 157 15.78 39.28 -8.80
C ASP B 157 15.21 40.52 -9.50
N TRP B 158 15.86 41.00 -10.55
CA TRP B 158 15.32 42.16 -11.26
C TRP B 158 13.98 41.75 -11.79
N SER B 159 13.96 40.62 -12.49
CA SER B 159 12.72 40.11 -13.05
C SER B 159 11.69 39.99 -11.93
N ARG B 160 12.15 39.67 -10.73
CA ARG B 160 11.26 39.55 -9.59
C ARG B 160 10.62 40.89 -9.29
N THR B 161 11.45 41.89 -9.05
CA THR B 161 10.98 43.23 -8.73
C THR B 161 10.35 43.98 -9.91
N LYS B 162 10.93 43.83 -11.10
CA LYS B 162 10.39 44.52 -12.27
C LYS B 162 8.95 44.07 -12.50
N PHE B 163 8.63 42.87 -12.04
CA PHE B 163 7.28 42.34 -12.17
C PHE B 163 6.54 42.57 -10.86
N ASP B 164 7.29 42.56 -9.77
CA ASP B 164 6.74 42.79 -8.44
C ASP B 164 6.18 44.21 -8.50
N GLU B 165 6.74 44.98 -9.42
CA GLU B 165 6.36 46.36 -9.66
C GLU B 165 5.33 46.45 -10.77
N ASN B 166 5.49 45.65 -11.82
CA ASN B 166 4.56 45.68 -12.96
C ASN B 166 3.17 45.22 -12.56
N VAL B 167 3.08 44.19 -11.73
CA VAL B 167 1.79 43.70 -11.27
C VAL B 167 1.14 44.81 -10.44
N LYS B 168 1.84 45.26 -9.41
CA LYS B 168 1.35 46.31 -8.53
C LYS B 168 1.09 47.61 -9.31
N LYS B 169 1.94 47.86 -10.31
CA LYS B 169 1.81 49.06 -11.14
C LYS B 169 0.57 48.92 -12.03
N SER B 170 0.42 47.76 -12.64
CA SER B 170 -0.72 47.53 -13.51
C SER B 170 -2.00 47.44 -12.66
N ARG B 171 -1.88 46.83 -11.48
CA ARG B 171 -3.02 46.68 -10.58
C ARG B 171 -3.74 48.00 -10.43
N MET B 172 -3.06 48.97 -9.82
CA MET B 172 -3.60 50.31 -9.60
C MET B 172 -4.47 50.71 -10.79
N GLY B 173 -3.85 50.80 -11.97
CA GLY B 173 -4.58 51.18 -13.16
C GLY B 173 -5.87 50.39 -13.31
N ILE C 4 -29.33 6.22 -27.66
CA ILE C 4 -28.05 5.50 -27.94
C ILE C 4 -28.23 3.97 -27.94
N MET C 5 -27.28 3.27 -28.57
CA MET C 5 -27.30 1.79 -28.68
C MET C 5 -25.94 1.21 -28.23
N SER C 6 -25.94 -0.06 -27.86
CA SER C 6 -24.72 -0.71 -27.43
C SER C 6 -23.64 -0.59 -28.51
N ALA C 7 -22.39 -0.48 -28.08
CA ALA C 7 -21.25 -0.39 -28.96
C ALA C 7 -20.44 -1.67 -28.83
N SER C 8 -19.83 -2.14 -29.91
CA SER C 8 -19.00 -3.33 -29.83
C SER C 8 -17.67 -2.80 -29.32
N PHE C 9 -16.80 -3.62 -28.77
CA PHE C 9 -15.54 -3.05 -28.33
C PHE C 9 -14.78 -2.62 -29.56
N ALA C 10 -15.08 -3.29 -30.67
CA ALA C 10 -14.45 -3.00 -31.97
C ALA C 10 -15.46 -2.19 -32.75
N PRO C 11 -15.27 -0.87 -32.81
CA PRO C 11 -16.13 0.10 -33.49
C PRO C 11 -16.62 -0.36 -34.87
N GLU C 12 -15.68 -0.85 -35.67
CA GLU C 12 -16.01 -1.33 -36.98
C GLU C 12 -17.03 -2.45 -36.90
N CYS C 13 -17.40 -2.87 -35.69
CA CYS C 13 -18.37 -3.95 -35.57
C CYS C 13 -19.72 -3.50 -35.01
N THR C 14 -19.77 -2.30 -34.45
CA THR C 14 -21.03 -1.81 -33.89
C THR C 14 -22.19 -2.01 -34.85
N ASP C 15 -22.14 -1.42 -36.03
CA ASP C 15 -23.25 -1.61 -36.95
C ASP C 15 -23.59 -3.06 -37.19
N LEU C 16 -22.60 -3.90 -37.50
CA LEU C 16 -22.92 -5.32 -37.69
C LEU C 16 -23.55 -5.94 -36.47
N LYS C 17 -23.24 -5.36 -35.30
CA LYS C 17 -23.77 -5.81 -34.01
C LYS C 17 -25.21 -5.36 -33.86
N THR C 18 -25.45 -4.08 -34.06
CA THR C 18 -26.79 -3.53 -33.95
C THR C 18 -27.82 -4.35 -34.75
N LYS C 19 -27.37 -4.93 -35.87
CA LYS C 19 -28.24 -5.78 -36.71
C LYS C 19 -28.43 -7.19 -36.13
N TYR C 20 -27.34 -7.84 -35.74
CA TYR C 20 -27.45 -9.17 -35.15
C TYR C 20 -28.44 -9.05 -34.00
N ASP C 21 -28.22 -8.05 -33.16
CA ASP C 21 -29.07 -7.84 -32.01
C ASP C 21 -30.54 -7.64 -32.38
N SER C 22 -30.84 -6.72 -33.30
CA SER C 22 -32.24 -6.51 -33.69
C SER C 22 -32.85 -7.86 -34.00
N CYS C 23 -32.28 -8.54 -34.99
CA CYS C 23 -32.73 -9.86 -35.43
C CYS C 23 -32.94 -10.86 -34.28
N PHE C 24 -32.02 -10.86 -33.30
CA PHE C 24 -32.09 -11.76 -32.15
C PHE C 24 -33.16 -11.38 -31.15
N ASN C 25 -33.28 -10.10 -30.84
CA ASN C 25 -34.31 -9.75 -29.89
C ASN C 25 -35.64 -10.30 -30.41
N GLU C 26 -35.88 -10.09 -31.70
CA GLU C 26 -37.08 -10.56 -32.40
C GLU C 26 -37.21 -12.05 -32.16
N TRP C 27 -36.39 -12.81 -32.88
CA TRP C 27 -36.38 -14.25 -32.74
C TRP C 27 -36.48 -14.75 -31.29
N TYR C 28 -36.00 -13.96 -30.34
CA TYR C 28 -36.08 -14.38 -28.94
C TYR C 28 -37.49 -14.29 -28.42
N SER C 29 -38.03 -13.08 -28.47
CA SER C 29 -39.37 -12.78 -28.00
C SER C 29 -40.50 -13.36 -28.85
N GLU C 30 -40.26 -13.63 -30.12
CA GLU C 30 -41.29 -14.16 -30.98
C GLU C 30 -41.23 -15.66 -31.15
N LYS C 31 -40.13 -16.15 -31.71
CA LYS C 31 -39.99 -17.59 -31.94
C LYS C 31 -39.43 -18.45 -30.78
N PHE C 32 -38.27 -18.08 -30.24
CA PHE C 32 -37.66 -18.86 -29.15
C PHE C 32 -38.47 -19.08 -27.87
N LEU C 33 -39.05 -18.01 -27.33
CA LEU C 33 -39.81 -18.11 -26.10
C LEU C 33 -41.22 -18.63 -26.30
N LYS C 34 -41.64 -18.75 -27.55
CA LYS C 34 -42.98 -19.26 -27.89
C LYS C 34 -42.98 -20.62 -28.64
N GLY C 35 -41.91 -21.40 -28.45
CA GLY C 35 -41.80 -22.69 -29.09
C GLY C 35 -41.62 -22.68 -30.60
N LYS C 36 -42.09 -21.62 -31.25
CA LYS C 36 -42.01 -21.48 -32.70
C LYS C 36 -40.61 -21.19 -33.25
N SER C 37 -39.58 -21.82 -32.72
CA SER C 37 -38.24 -21.56 -33.23
C SER C 37 -38.00 -22.41 -34.47
N VAL C 38 -36.90 -22.15 -35.15
CA VAL C 38 -36.59 -22.90 -36.35
C VAL C 38 -35.15 -22.63 -36.79
N GLU C 39 -34.65 -23.46 -37.71
CA GLU C 39 -33.29 -23.35 -38.25
C GLU C 39 -32.79 -21.92 -38.50
N ASN C 40 -31.70 -21.56 -37.80
CA ASN C 40 -31.06 -20.24 -37.91
C ASN C 40 -31.76 -19.14 -38.72
N GLU C 41 -32.33 -18.16 -38.01
CA GLU C 41 -33.05 -17.06 -38.63
C GLU C 41 -32.24 -15.77 -38.68
N CYS C 42 -31.02 -15.81 -38.15
CA CYS C 42 -30.15 -14.65 -38.15
C CYS C 42 -28.74 -14.99 -38.60
N SER C 43 -28.58 -16.06 -39.37
CA SER C 43 -27.26 -16.52 -39.87
C SER C 43 -26.39 -15.40 -40.38
N LYS C 44 -26.77 -14.89 -41.54
CA LYS C 44 -26.05 -13.81 -42.18
C LYS C 44 -25.63 -12.73 -41.19
N GLN C 45 -26.58 -12.22 -40.40
CA GLN C 45 -26.31 -11.17 -39.43
C GLN C 45 -25.25 -11.53 -38.41
N TRP C 46 -25.29 -12.79 -37.97
CA TRP C 46 -24.37 -13.29 -36.98
C TRP C 46 -22.98 -13.53 -37.52
N TYR C 47 -22.89 -14.32 -38.59
CA TYR C 47 -21.61 -14.65 -39.21
C TYR C 47 -20.85 -13.36 -39.50
N ALA C 48 -21.56 -12.37 -40.02
CA ALA C 48 -20.93 -11.10 -40.30
C ALA C 48 -20.47 -10.54 -38.97
N TYR C 49 -21.41 -10.29 -38.05
CA TYR C 49 -21.08 -9.75 -36.74
C TYR C 49 -19.94 -10.51 -36.10
N THR C 50 -20.20 -11.76 -35.72
CA THR C 50 -19.19 -12.64 -35.10
C THR C 50 -17.83 -12.57 -35.80
N THR C 51 -17.81 -12.68 -37.12
CA THR C 51 -16.57 -12.63 -37.88
C THR C 51 -15.84 -11.27 -37.79
N CYS C 52 -16.60 -10.18 -37.59
CA CYS C 52 -16.02 -8.84 -37.41
C CYS C 52 -15.42 -8.89 -36.00
N VAL C 53 -16.28 -9.07 -35.02
CA VAL C 53 -15.85 -9.17 -33.63
C VAL C 53 -14.55 -9.95 -33.45
N ASN C 54 -14.51 -11.18 -33.94
CA ASN C 54 -13.32 -12.01 -33.78
C ASN C 54 -12.00 -11.45 -34.28
N ALA C 55 -11.97 -10.93 -35.50
CA ALA C 55 -10.73 -10.39 -36.03
C ALA C 55 -10.14 -9.53 -34.92
N ALA C 56 -11.00 -8.74 -34.28
CA ALA C 56 -10.63 -7.85 -33.19
C ALA C 56 -10.09 -8.62 -31.98
N LEU C 57 -10.86 -9.55 -31.42
CA LEU C 57 -10.37 -10.30 -30.27
C LEU C 57 -8.98 -10.90 -30.54
N VAL C 58 -8.65 -11.09 -31.79
CA VAL C 58 -7.37 -11.68 -32.13
C VAL C 58 -6.29 -10.63 -32.21
N LYS C 59 -6.52 -9.58 -33.01
CA LYS C 59 -5.55 -8.50 -33.16
C LYS C 59 -5.16 -8.11 -31.74
N GLN C 60 -6.09 -7.50 -31.00
CA GLN C 60 -5.86 -7.15 -29.61
C GLN C 60 -5.72 -8.50 -28.91
N GLY C 61 -4.92 -8.60 -27.87
CA GLY C 61 -4.71 -9.90 -27.28
C GLY C 61 -5.77 -10.45 -26.36
N ILE C 62 -7.01 -10.04 -26.58
CA ILE C 62 -8.05 -10.48 -25.67
C ILE C 62 -8.48 -11.94 -25.79
N LYS C 63 -8.44 -12.49 -26.99
CA LYS C 63 -8.85 -13.87 -27.21
C LYS C 63 -8.30 -14.93 -26.24
N PRO C 64 -6.98 -14.90 -25.95
CA PRO C 64 -6.38 -15.87 -25.04
C PRO C 64 -7.21 -16.12 -23.78
N ALA C 65 -7.38 -15.08 -22.97
CA ALA C 65 -8.16 -15.19 -21.74
C ALA C 65 -9.58 -15.64 -22.04
N LEU C 66 -10.13 -15.16 -23.14
CA LEU C 66 -11.48 -15.50 -23.52
C LEU C 66 -11.65 -17.00 -23.75
N ASP C 67 -10.72 -17.60 -24.50
CA ASP C 67 -10.80 -19.03 -24.78
C ASP C 67 -10.64 -19.80 -23.50
N GLU C 68 -9.72 -19.34 -22.66
CA GLU C 68 -9.48 -19.98 -21.38
C GLU C 68 -10.78 -20.02 -20.62
N ALA C 69 -11.38 -18.85 -20.44
CA ALA C 69 -12.62 -18.72 -19.71
C ALA C 69 -13.79 -19.52 -20.25
N ARG C 70 -13.87 -19.67 -21.57
CA ARG C 70 -14.98 -20.39 -22.16
C ARG C 70 -14.95 -21.89 -21.88
N GLU C 71 -13.76 -22.46 -21.71
CA GLU C 71 -13.67 -23.89 -21.41
C GLU C 71 -14.22 -24.20 -20.02
N GLU C 72 -14.45 -23.16 -19.22
CA GLU C 72 -14.99 -23.30 -17.88
C GLU C 72 -16.51 -23.44 -17.93
N ALA C 73 -17.10 -24.09 -16.94
CA ALA C 73 -18.55 -24.28 -16.89
C ALA C 73 -19.06 -23.76 -15.56
N PRO C 74 -19.24 -22.45 -15.44
CA PRO C 74 -19.72 -21.85 -14.19
C PRO C 74 -20.97 -22.49 -13.66
N PHE C 75 -21.61 -23.31 -14.49
CA PHE C 75 -22.84 -23.96 -14.07
C PHE C 75 -22.69 -25.47 -13.86
N GLU C 76 -21.64 -26.05 -14.43
CA GLU C 76 -21.38 -27.50 -14.30
C GLU C 76 -22.46 -28.31 -15.03
N PRO D 14 -11.14 -22.06 -4.43
CA PRO D 14 -11.20 -22.55 -3.03
C PRO D 14 -12.06 -21.65 -2.14
N MET D 15 -11.42 -20.67 -1.51
CA MET D 15 -12.10 -19.73 -0.62
C MET D 15 -13.17 -18.86 -1.33
N VAL D 16 -14.30 -18.56 -0.70
CA VAL D 16 -15.32 -17.71 -1.32
C VAL D 16 -16.07 -16.87 -0.27
N LEU D 17 -16.37 -15.61 -0.60
CA LEU D 17 -17.04 -14.70 0.35
C LEU D 17 -18.44 -14.26 -0.09
N LEU D 18 -18.91 -13.04 0.25
CA LEU D 18 -20.28 -12.71 -0.17
C LEU D 18 -20.89 -11.30 -0.37
N HIS D 19 -22.22 -11.39 -0.43
CA HIS D 19 -23.30 -10.41 -0.54
C HIS D 19 -24.40 -11.27 -1.15
N LYS D 20 -25.59 -11.20 -0.59
CA LYS D 20 -26.67 -12.00 -1.11
C LYS D 20 -28.05 -11.45 -0.71
N SER D 21 -28.76 -10.92 -1.70
CA SER D 21 -30.09 -10.38 -1.50
C SER D 21 -30.94 -10.86 -2.66
N THR D 22 -32.23 -10.61 -2.61
CA THR D 22 -33.09 -11.07 -3.68
C THR D 22 -33.98 -9.91 -4.19
N HIS D 23 -34.57 -10.03 -5.37
CA HIS D 23 -35.43 -8.95 -5.91
C HIS D 23 -36.56 -9.47 -6.79
N ILE D 24 -37.79 -9.04 -6.51
CA ILE D 24 -38.93 -9.52 -7.32
C ILE D 24 -39.44 -8.46 -8.29
N PHE D 25 -39.42 -8.79 -9.57
CA PHE D 25 -39.89 -7.88 -10.61
C PHE D 25 -41.33 -8.22 -11.00
N PRO D 26 -42.26 -7.27 -10.83
CA PRO D 26 -43.67 -7.48 -11.16
C PRO D 26 -43.82 -7.56 -12.67
N THR D 27 -42.93 -8.30 -13.32
CA THR D 27 -42.94 -8.40 -14.77
C THR D 27 -42.87 -9.86 -15.10
N ASP D 28 -43.17 -10.22 -16.34
CA ASP D 28 -43.11 -11.62 -16.72
C ASP D 28 -41.75 -11.99 -17.22
N PHE D 29 -41.54 -13.29 -17.32
CA PHE D 29 -40.26 -13.83 -17.74
C PHE D 29 -39.66 -13.27 -18.99
N ALA D 30 -40.40 -13.26 -20.08
CA ALA D 30 -39.84 -12.71 -21.31
C ALA D 30 -39.37 -11.26 -21.13
N SER D 31 -40.22 -10.41 -20.55
CA SER D 31 -39.79 -9.03 -20.40
C SER D 31 -38.50 -9.00 -19.60
N VAL D 32 -38.51 -9.57 -18.40
CA VAL D 32 -37.31 -9.56 -17.58
C VAL D 32 -36.10 -10.17 -18.29
N SER D 33 -36.27 -11.35 -18.89
CA SER D 33 -35.13 -11.97 -19.55
C SER D 33 -34.64 -11.03 -20.63
N ARG D 34 -35.51 -10.67 -21.57
CA ARG D 34 -35.09 -9.79 -22.63
C ARG D 34 -34.40 -8.54 -22.08
N ALA D 35 -34.93 -7.99 -21.00
CA ALA D 35 -34.34 -6.80 -20.41
C ALA D 35 -32.90 -7.08 -20.01
N PHE D 36 -32.62 -8.28 -19.52
CA PHE D 36 -31.26 -8.62 -19.15
C PHE D 36 -30.39 -8.38 -20.40
N PHE D 37 -30.74 -9.05 -21.50
CA PHE D 37 -29.98 -8.93 -22.74
C PHE D 37 -29.83 -7.53 -23.31
N ASN D 38 -30.83 -6.69 -23.09
CA ASN D 38 -30.76 -5.34 -23.60
C ASN D 38 -30.56 -4.31 -22.51
N ARG D 39 -30.06 -4.79 -21.37
CA ARG D 39 -29.86 -3.96 -20.18
C ARG D 39 -28.92 -2.76 -20.33
N TYR D 40 -27.92 -2.89 -21.20
CA TYR D 40 -26.98 -1.81 -21.40
C TYR D 40 -27.25 -1.19 -22.79
N PRO D 41 -27.22 0.14 -22.89
CA PRO D 41 -26.97 1.15 -21.87
C PRO D 41 -28.17 1.54 -21.05
N ASN D 42 -27.89 2.20 -19.94
CA ASN D 42 -28.89 2.69 -19.02
C ASN D 42 -28.25 3.62 -18.00
N PRO D 43 -28.93 4.72 -17.67
CA PRO D 43 -28.48 5.74 -16.72
C PRO D 43 -27.69 5.31 -15.50
N TYR D 44 -28.00 4.14 -14.99
CA TYR D 44 -27.36 3.70 -13.78
C TYR D 44 -25.95 3.19 -13.87
N SER D 45 -25.65 2.51 -14.97
CA SER D 45 -24.32 1.95 -15.19
C SER D 45 -23.70 2.62 -16.39
N PRO D 46 -23.20 3.83 -16.18
CA PRO D 46 -22.59 4.61 -17.26
C PRO D 46 -21.21 4.12 -17.61
N HIS D 47 -20.52 3.61 -16.61
CA HIS D 47 -19.16 3.10 -16.76
C HIS D 47 -19.10 1.90 -17.69
N VAL D 48 -20.17 1.61 -18.41
CA VAL D 48 -20.09 0.48 -19.31
C VAL D 48 -19.73 1.03 -20.69
N LEU D 49 -18.76 0.42 -21.36
CA LEU D 49 -18.33 0.90 -22.66
C LEU D 49 -18.81 0.07 -23.82
N SER D 50 -18.83 -1.23 -23.63
CA SER D 50 -19.25 -2.08 -24.74
C SER D 50 -19.61 -3.46 -24.28
N ILE D 51 -20.49 -4.09 -25.01
CA ILE D 51 -20.82 -5.45 -24.67
C ILE D 51 -21.04 -6.17 -25.96
N ASP D 52 -20.45 -7.35 -26.08
CA ASP D 52 -20.56 -8.13 -27.29
C ASP D 52 -20.87 -9.58 -26.97
N THR D 53 -21.45 -10.22 -27.97
CA THR D 53 -21.85 -11.61 -27.89
C THR D 53 -20.78 -12.46 -28.57
N ILE D 54 -20.11 -13.30 -27.78
CA ILE D 54 -19.03 -14.16 -28.29
C ILE D 54 -19.53 -15.48 -28.85
N SER D 55 -20.64 -15.94 -28.28
CA SER D 55 -21.24 -17.18 -28.69
C SER D 55 -22.64 -17.20 -28.13
N ARG D 56 -23.52 -17.82 -28.89
CA ARG D 56 -24.91 -17.98 -28.50
C ARG D 56 -25.37 -19.19 -29.29
N ASN D 57 -25.89 -20.18 -28.59
CA ASN D 57 -26.37 -21.38 -29.27
C ASN D 57 -27.44 -22.03 -28.40
N VAL D 58 -28.21 -22.94 -28.99
CA VAL D 58 -29.24 -23.63 -28.22
C VAL D 58 -28.73 -25.03 -27.93
N ASP D 59 -28.54 -25.36 -26.64
CA ASP D 59 -28.04 -26.68 -26.27
C ASP D 59 -29.08 -27.76 -26.57
N GLN D 60 -28.64 -29.01 -26.60
CA GLN D 60 -29.54 -30.12 -26.95
C GLN D 60 -30.81 -30.27 -26.10
N GLU D 61 -31.01 -29.36 -25.16
CA GLU D 61 -32.19 -29.43 -24.32
C GLU D 61 -32.95 -28.12 -24.43
N GLY D 62 -32.89 -27.55 -25.63
CA GLY D 62 -33.58 -26.32 -25.95
C GLY D 62 -33.29 -25.11 -25.08
N ASN D 63 -32.07 -25.01 -24.58
CA ASN D 63 -31.77 -23.86 -23.74
C ASN D 63 -30.79 -22.91 -24.41
N LEU D 64 -30.86 -21.63 -24.02
CA LEU D 64 -30.01 -20.63 -24.62
C LEU D 64 -28.70 -20.43 -23.87
N ARG D 65 -27.61 -20.68 -24.58
CA ARG D 65 -26.28 -20.54 -24.01
C ARG D 65 -25.57 -19.37 -24.65
N THR D 66 -25.55 -18.25 -23.93
CA THR D 66 -24.92 -17.03 -24.42
C THR D 66 -23.73 -16.58 -23.59
N THR D 67 -22.59 -16.43 -24.24
CA THR D 67 -21.41 -15.95 -23.56
C THR D 67 -21.14 -14.59 -24.13
N ARG D 68 -21.07 -13.60 -23.25
CA ARG D 68 -20.85 -12.26 -23.70
C ARG D 68 -19.64 -11.61 -23.07
N LEU D 69 -19.19 -10.50 -23.66
CA LEU D 69 -18.01 -9.77 -23.20
C LEU D 69 -18.24 -8.25 -22.94
N LEU D 70 -17.92 -7.79 -21.73
CA LEU D 70 -18.10 -6.38 -21.39
C LEU D 70 -16.81 -5.69 -21.08
N LYS D 71 -16.83 -4.37 -21.30
CA LYS D 71 -15.69 -3.52 -21.03
C LYS D 71 -16.25 -2.46 -20.11
N LYS D 72 -15.92 -2.54 -18.83
CA LYS D 72 -16.36 -1.55 -17.85
C LYS D 72 -15.19 -0.58 -17.76
N SER D 73 -15.46 0.72 -17.74
CA SER D 73 -14.39 1.69 -17.63
C SER D 73 -13.84 1.56 -16.23
N GLY D 74 -14.70 1.27 -15.25
CA GLY D 74 -14.20 1.13 -13.89
C GLY D 74 -13.15 2.20 -13.55
N LYS D 75 -13.62 3.44 -13.44
CA LYS D 75 -12.77 4.58 -13.18
C LYS D 75 -11.96 4.63 -11.90
N LEU D 76 -10.85 5.37 -11.99
CA LEU D 76 -9.89 5.63 -10.93
C LEU D 76 -9.37 7.04 -11.22
N PRO D 77 -8.71 7.68 -10.23
CA PRO D 77 -8.16 9.03 -10.37
C PRO D 77 -8.26 9.77 -11.70
N THR D 78 -9.09 10.82 -11.65
CA THR D 78 -9.48 11.79 -12.71
C THR D 78 -8.97 11.69 -14.15
N TRP D 79 -7.71 11.30 -14.32
CA TRP D 79 -7.11 11.15 -15.63
C TRP D 79 -5.65 10.84 -15.33
N VAL D 80 -5.20 11.34 -14.18
CA VAL D 80 -3.84 11.13 -13.76
C VAL D 80 -3.52 11.56 -12.34
N LYS D 81 -3.09 10.55 -11.62
CA LYS D 81 -2.64 10.49 -10.24
C LYS D 81 -2.05 9.14 -10.65
N PRO D 82 -2.70 8.46 -11.68
CA PRO D 82 -2.37 7.18 -12.32
C PRO D 82 -2.70 7.19 -13.85
N PHE D 83 -1.69 6.80 -14.65
CA PHE D 83 -1.79 6.67 -16.11
C PHE D 83 -0.87 5.47 -16.40
N LEU D 84 -1.33 4.33 -15.91
CA LEU D 84 -0.66 3.06 -16.03
C LEU D 84 -1.74 2.13 -16.58
N ARG D 85 -1.86 2.07 -17.90
CA ARG D 85 -2.87 1.22 -18.50
C ARG D 85 -2.70 -0.23 -18.09
N GLY D 86 -3.76 -0.73 -17.48
CA GLY D 86 -3.84 -2.09 -17.00
C GLY D 86 -5.32 -2.09 -16.81
N ILE D 87 -5.80 -1.82 -15.60
CA ILE D 87 -7.24 -1.75 -15.51
C ILE D 87 -7.77 -0.33 -15.44
N THR D 88 -7.53 0.45 -16.48
CA THR D 88 -8.11 1.77 -16.54
C THR D 88 -9.45 1.41 -17.18
N GLU D 89 -9.46 0.21 -17.76
CA GLU D 89 -10.61 -0.41 -18.42
C GLU D 89 -10.57 -1.90 -18.01
N THR D 90 -11.72 -2.45 -17.62
CA THR D 90 -11.81 -3.84 -17.18
C THR D 90 -12.63 -4.74 -18.09
N TRP D 91 -12.17 -5.96 -18.34
CA TRP D 91 -12.96 -6.87 -19.17
C TRP D 91 -13.78 -7.75 -18.24
N ILE D 92 -15.04 -7.99 -18.60
CA ILE D 92 -15.89 -8.85 -17.80
C ILE D 92 -16.62 -9.83 -18.69
N ILE D 93 -16.49 -11.12 -18.40
CA ILE D 93 -17.17 -12.16 -19.17
C ILE D 93 -18.49 -12.46 -18.48
N GLU D 94 -19.53 -12.64 -19.30
CA GLU D 94 -20.89 -12.92 -18.84
C GLU D 94 -21.45 -14.17 -19.48
N VAL D 95 -21.75 -15.16 -18.65
CA VAL D 95 -22.30 -16.42 -19.14
C VAL D 95 -23.73 -16.62 -18.64
N SER D 96 -24.61 -17.15 -19.49
CA SER D 96 -25.98 -17.38 -19.05
C SER D 96 -26.72 -18.50 -19.79
N VAL D 97 -27.83 -18.93 -19.20
CA VAL D 97 -28.67 -19.97 -19.79
C VAL D 97 -30.13 -19.66 -19.57
N VAL D 98 -30.93 -19.73 -20.62
CA VAL D 98 -32.36 -19.50 -20.49
C VAL D 98 -33.12 -20.76 -20.85
N ASN D 99 -34.13 -21.07 -20.05
CA ASN D 99 -34.96 -22.26 -20.24
C ASN D 99 -36.36 -21.81 -20.67
N PRO D 100 -36.66 -21.89 -21.98
CA PRO D 100 -37.98 -21.47 -22.45
C PRO D 100 -39.13 -22.25 -21.84
N ALA D 101 -38.80 -23.40 -21.23
CA ALA D 101 -39.78 -24.28 -20.60
C ALA D 101 -40.32 -23.77 -19.26
N ASN D 102 -39.49 -23.83 -18.23
CA ASN D 102 -39.87 -23.41 -16.89
C ASN D 102 -39.77 -21.93 -16.55
N SER D 103 -39.36 -21.10 -17.52
CA SER D 103 -39.19 -19.66 -17.29
C SER D 103 -38.06 -19.40 -16.29
N THR D 104 -36.93 -20.03 -16.49
CA THR D 104 -35.82 -19.85 -15.58
C THR D 104 -34.56 -19.37 -16.30
N MET D 105 -33.77 -18.55 -15.61
CA MET D 105 -32.52 -18.01 -16.17
C MET D 105 -31.39 -17.95 -15.15
N LYS D 106 -30.19 -18.30 -15.59
CA LYS D 106 -28.98 -18.29 -14.76
C LYS D 106 -28.00 -17.35 -15.43
N THR D 107 -27.37 -16.49 -14.65
CA THR D 107 -26.44 -15.57 -15.24
C THR D 107 -25.28 -15.45 -14.29
N TYR D 108 -24.07 -15.63 -14.80
CA TYR D 108 -22.86 -15.52 -14.00
C TYR D 108 -21.80 -14.66 -14.70
N THR D 109 -21.25 -13.72 -13.95
CA THR D 109 -20.22 -12.86 -14.51
C THR D 109 -18.99 -12.75 -13.60
N ARG D 110 -17.81 -12.66 -14.20
CA ARG D 110 -16.58 -12.50 -13.41
C ARG D 110 -15.60 -11.71 -14.21
N ASN D 111 -14.68 -11.07 -13.50
CA ASN D 111 -13.65 -10.28 -14.14
C ASN D 111 -12.89 -11.30 -14.96
N LEU D 112 -12.49 -10.88 -16.16
CA LEU D 112 -11.81 -11.76 -17.10
C LEU D 112 -10.38 -12.00 -16.71
N ASP D 113 -9.68 -10.93 -16.38
CA ASP D 113 -8.28 -11.05 -16.04
C ASP D 113 -7.87 -10.58 -14.65
N HIS D 114 -6.72 -11.08 -14.21
CA HIS D 114 -6.16 -10.80 -12.90
C HIS D 114 -6.83 -11.65 -11.85
N THR D 115 -7.52 -12.70 -12.29
CA THR D 115 -8.21 -13.58 -11.35
C THR D 115 -7.32 -14.00 -10.17
N GLY D 116 -6.00 -13.94 -10.37
CA GLY D 116 -5.06 -14.30 -9.31
C GLY D 116 -5.20 -13.36 -8.13
N ILE D 117 -5.00 -12.08 -8.37
CA ILE D 117 -5.14 -11.09 -7.32
C ILE D 117 -6.57 -11.06 -6.78
N MET D 118 -7.55 -11.03 -7.69
CA MET D 118 -8.98 -10.98 -7.37
C MET D 118 -9.82 -11.78 -8.34
N LYS D 119 -10.96 -12.28 -7.88
CA LYS D 119 -11.92 -13.03 -8.70
C LYS D 119 -13.27 -12.72 -8.10
N VAL D 120 -13.93 -11.70 -8.65
CA VAL D 120 -15.24 -11.30 -8.14
C VAL D 120 -16.32 -11.89 -9.00
N GLU D 121 -17.07 -12.83 -8.44
CA GLU D 121 -18.12 -13.47 -9.20
C GLU D 121 -19.49 -13.13 -8.68
N GLU D 122 -20.45 -13.07 -9.59
CA GLU D 122 -21.84 -12.80 -9.25
C GLU D 122 -22.70 -13.82 -10.01
N TYR D 123 -23.48 -14.62 -9.29
CA TYR D 123 -24.40 -15.53 -9.95
C TYR D 123 -25.75 -14.94 -9.62
N THR D 124 -26.61 -14.83 -10.62
CA THR D 124 -27.94 -14.31 -10.41
C THR D 124 -28.90 -15.30 -11.06
N THR D 125 -30.04 -15.50 -10.43
CA THR D 125 -31.04 -16.42 -10.97
C THR D 125 -32.35 -15.68 -11.12
N TYR D 126 -32.98 -15.91 -12.27
CA TYR D 126 -34.25 -15.31 -12.60
C TYR D 126 -35.27 -16.41 -12.85
N GLN D 127 -36.23 -16.52 -11.94
CA GLN D 127 -37.28 -17.53 -12.02
C GLN D 127 -38.68 -16.87 -11.98
N PHE D 128 -39.54 -17.29 -12.90
CA PHE D 128 -40.88 -16.77 -12.99
C PHE D 128 -41.88 -17.56 -12.17
N ASP D 129 -42.62 -16.84 -11.33
CA ASP D 129 -43.62 -17.43 -10.46
C ASP D 129 -45.05 -17.22 -10.94
N SER D 130 -45.56 -18.19 -11.69
CA SER D 130 -46.92 -18.17 -12.25
C SER D 130 -47.85 -17.49 -11.26
N ALA D 131 -47.85 -18.00 -10.04
CA ALA D 131 -48.67 -17.46 -8.97
C ALA D 131 -48.73 -15.93 -8.97
N THR D 132 -47.73 -15.31 -8.36
CA THR D 132 -47.65 -13.85 -8.23
C THR D 132 -47.47 -13.08 -9.54
N SER D 133 -47.32 -13.77 -10.66
CA SER D 133 -47.12 -13.11 -11.94
C SER D 133 -45.99 -12.11 -11.88
N SER D 134 -44.87 -12.55 -11.32
CA SER D 134 -43.67 -11.75 -11.17
C SER D 134 -42.50 -12.67 -11.42
N THR D 135 -41.35 -12.09 -11.74
CA THR D 135 -40.15 -12.88 -11.95
C THR D 135 -39.26 -12.65 -10.76
N ILE D 136 -38.83 -13.73 -10.11
CA ILE D 136 -38.01 -13.61 -8.92
C ILE D 136 -36.53 -13.67 -9.22
N ALA D 137 -35.77 -12.75 -8.66
CA ALA D 137 -34.35 -12.72 -8.91
C ALA D 137 -33.58 -12.91 -7.63
N ASP D 138 -32.63 -13.83 -7.66
CA ASP D 138 -31.77 -14.16 -6.52
C ASP D 138 -30.32 -14.06 -6.96
N SER D 139 -29.56 -13.17 -6.33
CA SER D 139 -28.15 -12.99 -6.69
C SER D 139 -27.12 -13.14 -5.54
N ARG D 140 -26.07 -13.91 -5.80
CA ARG D 140 -25.03 -14.10 -4.80
C ARG D 140 -23.74 -13.59 -5.43
N VAL D 141 -23.02 -12.76 -4.69
CA VAL D 141 -21.75 -12.24 -5.15
C VAL D 141 -20.69 -12.87 -4.28
N LYS D 142 -19.69 -13.50 -4.90
CA LYS D 142 -18.61 -14.12 -4.14
C LYS D 142 -17.24 -13.61 -4.55
N PHE D 143 -16.27 -13.81 -3.65
CA PHE D 143 -14.90 -13.33 -3.83
C PHE D 143 -13.84 -14.39 -3.56
N SER D 144 -12.64 -14.16 -4.07
CA SER D 144 -11.54 -15.08 -3.87
C SER D 144 -10.27 -14.43 -4.37
N SER D 145 -9.16 -14.68 -3.66
CA SER D 145 -7.87 -14.13 -4.06
C SER D 145 -6.78 -15.15 -3.85
N GLY D 146 -6.34 -15.80 -4.92
CA GLY D 146 -5.28 -16.78 -4.77
C GLY D 146 -3.98 -16.13 -4.29
N PHE D 147 -3.83 -14.85 -4.62
CA PHE D 147 -2.66 -14.08 -4.22
C PHE D 147 -2.74 -13.83 -2.74
N ASN D 148 -3.88 -13.33 -2.32
CA ASN D 148 -4.08 -13.03 -0.92
C ASN D 148 -3.86 -14.29 -0.07
N MET D 149 -3.95 -15.46 -0.69
CA MET D 149 -3.76 -16.70 0.06
C MET D 149 -2.32 -17.14 0.28
N GLY D 150 -1.44 -16.80 -0.66
CA GLY D 150 -0.04 -17.18 -0.49
C GLY D 150 0.45 -16.40 0.71
N ILE D 151 0.34 -15.07 0.65
CA ILE D 151 0.76 -14.18 1.72
C ILE D 151 0.28 -14.76 3.05
N LYS D 152 -0.98 -15.20 3.08
CA LYS D 152 -1.56 -15.80 4.29
C LYS D 152 -0.90 -17.13 4.62
N SER D 153 -0.83 -18.03 3.66
CA SER D 153 -0.22 -19.32 3.93
C SER D 153 1.25 -19.23 4.32
N LYS D 154 2.00 -18.32 3.72
CA LYS D 154 3.39 -18.19 4.11
C LYS D 154 3.33 -17.55 5.48
N VAL D 155 2.88 -16.30 5.54
CA VAL D 155 2.81 -15.60 6.82
C VAL D 155 2.37 -16.47 8.00
N GLU D 156 1.63 -17.54 7.75
CA GLU D 156 1.23 -18.41 8.85
C GLU D 156 2.31 -19.47 9.05
N ASP D 157 2.44 -20.40 8.10
CA ASP D 157 3.45 -21.43 8.22
C ASP D 157 4.82 -20.94 8.76
N TRP D 158 5.21 -19.73 8.37
CA TRP D 158 6.47 -19.19 8.83
C TRP D 158 6.42 -18.93 10.32
N SER D 159 5.41 -18.22 10.76
CA SER D 159 5.30 -17.95 12.17
C SER D 159 5.07 -19.27 12.89
N ARG D 160 4.14 -20.06 12.37
CA ARG D 160 3.84 -21.35 12.99
C ARG D 160 5.14 -22.17 13.11
N THR D 161 6.13 -21.91 12.28
CA THR D 161 7.38 -22.65 12.43
C THR D 161 8.34 -21.95 13.38
N LYS D 162 8.78 -20.74 13.04
CA LYS D 162 9.73 -19.98 13.86
C LYS D 162 9.39 -20.00 15.33
N PHE D 163 8.12 -20.13 15.65
CA PHE D 163 7.77 -20.18 17.05
C PHE D 163 7.93 -21.55 17.61
N ASP D 164 7.67 -22.55 16.78
CA ASP D 164 7.79 -23.93 17.23
C ASP D 164 9.26 -24.21 17.53
N GLU D 165 10.11 -23.64 16.70
CA GLU D 165 11.56 -23.78 16.78
C GLU D 165 12.07 -23.00 17.98
N ASN D 166 11.62 -21.77 18.12
CA ASN D 166 12.05 -20.95 19.23
C ASN D 166 11.78 -21.66 20.54
N VAL D 167 10.70 -22.42 20.60
CA VAL D 167 10.39 -23.14 21.82
C VAL D 167 11.32 -24.33 22.07
N LYS D 168 11.65 -25.11 21.03
CA LYS D 168 12.54 -26.25 21.25
C LYS D 168 13.74 -25.66 21.93
N LYS D 169 14.25 -24.58 21.35
CA LYS D 169 15.43 -23.91 21.87
C LYS D 169 15.33 -23.45 23.32
N SER D 170 14.23 -22.82 23.69
CA SER D 170 14.10 -22.36 25.08
C SER D 170 14.08 -23.54 26.09
N ARG D 171 13.59 -24.70 25.66
CA ARG D 171 13.54 -25.84 26.55
C ARG D 171 14.92 -26.44 26.68
N MET D 172 15.74 -26.40 25.63
CA MET D 172 17.09 -26.94 25.74
C MET D 172 17.82 -25.93 26.60
N GLY D 173 17.35 -24.68 26.55
CA GLY D 173 17.93 -23.62 27.34
C GLY D 173 17.62 -23.94 28.78
N MET D 174 16.37 -24.35 29.03
CA MET D 174 15.95 -24.71 30.39
C MET D 174 16.75 -25.89 30.83
N ALA D 175 16.71 -26.92 30.00
CA ALA D 175 17.44 -28.16 30.26
C ALA D 175 18.86 -27.85 30.67
N PHE D 176 19.50 -26.98 29.88
CA PHE D 176 20.84 -26.58 30.17
C PHE D 176 20.88 -26.04 31.60
N VAL D 177 20.30 -24.88 31.88
CA VAL D 177 20.38 -24.38 33.27
C VAL D 177 20.02 -25.42 34.32
N ILE D 178 19.14 -26.35 33.99
CA ILE D 178 18.78 -27.39 34.96
C ILE D 178 20.01 -28.18 35.38
N GLN D 179 20.73 -28.68 34.39
CA GLN D 179 21.96 -29.46 34.53
C GLN D 179 23.04 -28.67 35.25
N LYS D 180 23.25 -27.44 34.82
CA LYS D 180 24.27 -26.57 35.39
C LYS D 180 24.08 -26.32 36.89
N LEU D 181 22.82 -26.18 37.32
CA LEU D 181 22.51 -25.94 38.72
C LEU D 181 22.54 -27.21 39.54
N GLU D 182 22.16 -28.35 38.94
CA GLU D 182 22.19 -29.61 39.66
C GLU D 182 23.64 -30.08 39.68
N GLU D 183 24.50 -29.23 40.25
CA GLU D 183 25.93 -29.49 40.35
C GLU D 183 26.63 -28.36 41.10
N ILE E 4 29.00 -15.73 32.02
CA ILE E 4 28.69 -14.42 32.64
C ILE E 4 27.45 -14.53 33.52
N MET E 5 26.87 -13.37 33.85
CA MET E 5 25.68 -13.26 34.68
C MET E 5 24.64 -12.49 33.87
N SER E 6 23.37 -12.58 34.27
CA SER E 6 22.31 -11.85 33.58
C SER E 6 22.64 -10.39 33.81
N ALA E 7 22.17 -9.52 32.93
CA ALA E 7 22.42 -8.11 33.06
C ALA E 7 21.10 -7.39 33.26
N SER E 8 21.15 -6.17 33.79
CA SER E 8 19.95 -5.39 33.99
C SER E 8 19.87 -4.35 32.86
N PHE E 9 18.67 -3.94 32.47
CA PHE E 9 18.59 -2.97 31.40
C PHE E 9 19.41 -1.74 31.77
N ALA E 10 19.59 -1.54 33.07
CA ALA E 10 20.36 -0.43 33.58
C ALA E 10 21.65 -1.00 34.17
N PRO E 11 22.77 -0.87 33.42
CA PRO E 11 24.08 -1.38 33.86
C PRO E 11 24.38 -1.07 35.33
N GLU E 12 23.87 0.06 35.78
CA GLU E 12 24.02 0.53 37.15
C GLU E 12 23.29 -0.33 38.18
N CYS E 13 22.38 -1.18 37.71
CA CYS E 13 21.63 -2.01 38.64
C CYS E 13 21.95 -3.49 38.55
N THR E 14 22.94 -3.82 37.73
CA THR E 14 23.33 -5.20 37.55
C THR E 14 23.83 -5.82 38.85
N ASP E 15 24.98 -5.37 39.31
CA ASP E 15 25.58 -5.92 40.51
C ASP E 15 24.70 -5.96 41.75
N LEU E 16 23.69 -5.09 41.85
CA LEU E 16 22.80 -5.16 43.02
C LEU E 16 21.84 -6.28 42.78
N LYS E 17 21.59 -6.53 41.50
CA LYS E 17 20.69 -7.58 41.05
C LYS E 17 21.23 -8.93 41.45
N THR E 18 22.48 -9.22 41.05
CA THR E 18 23.15 -10.50 41.35
C THR E 18 23.02 -10.79 42.81
N LYS E 19 23.33 -9.78 43.64
CA LYS E 19 23.22 -9.92 45.08
C LYS E 19 21.80 -10.25 45.47
N TYR E 20 20.82 -9.59 44.84
CA TYR E 20 19.42 -9.89 45.14
C TYR E 20 19.16 -11.33 44.75
N ASP E 21 19.47 -11.64 43.50
CA ASP E 21 19.29 -12.98 42.96
C ASP E 21 19.89 -14.05 43.89
N SER E 22 21.18 -13.96 44.20
CA SER E 22 21.79 -14.95 45.06
C SER E 22 20.84 -15.21 46.19
N CYS E 23 20.60 -14.17 46.97
CA CYS E 23 19.72 -14.26 48.13
C CYS E 23 18.33 -14.87 47.87
N PHE E 24 17.74 -14.55 46.72
CA PHE E 24 16.42 -15.09 46.42
C PHE E 24 16.46 -16.61 46.26
N ASN E 25 17.46 -17.08 45.54
CA ASN E 25 17.58 -18.50 45.31
C ASN E 25 17.63 -19.21 46.65
N GLU E 26 18.50 -18.73 47.53
CA GLU E 26 18.64 -19.30 48.86
C GLU E 26 17.28 -19.32 49.54
N TRP E 27 16.67 -18.16 49.67
CA TRP E 27 15.36 -18.08 50.31
C TRP E 27 14.30 -18.98 49.64
N TYR E 28 14.29 -19.03 48.31
CA TYR E 28 13.32 -19.82 47.56
C TYR E 28 13.37 -21.34 47.69
N SER E 29 14.56 -21.90 47.55
CA SER E 29 14.74 -23.35 47.63
C SER E 29 14.75 -23.85 49.04
N GLU E 30 15.32 -23.05 49.95
CA GLU E 30 15.42 -23.45 51.34
C GLU E 30 14.18 -23.17 52.15
N LYS E 31 13.79 -21.91 52.18
CA LYS E 31 12.62 -21.48 52.93
C LYS E 31 11.27 -21.67 52.24
N PHE E 32 10.94 -20.79 51.30
CA PHE E 32 9.66 -20.82 50.61
C PHE E 32 9.17 -22.17 50.09
N LEU E 33 10.01 -22.91 49.36
CA LEU E 33 9.59 -24.20 48.82
C LEU E 33 9.60 -25.35 49.82
N LYS E 34 9.93 -25.06 51.08
CA LYS E 34 9.98 -26.09 52.11
C LYS E 34 9.05 -25.90 53.30
N GLY E 35 8.34 -24.77 53.33
CA GLY E 35 7.39 -24.56 54.41
C GLY E 35 7.74 -23.47 55.39
N LYS E 36 8.98 -23.01 55.37
CA LYS E 36 9.36 -21.96 56.30
C LYS E 36 8.68 -20.63 56.01
N SER E 37 8.87 -19.70 56.92
CA SER E 37 8.25 -18.37 56.84
C SER E 37 8.46 -17.65 55.51
N VAL E 38 8.04 -16.39 55.48
CA VAL E 38 8.16 -15.54 54.28
C VAL E 38 8.55 -14.08 54.56
N GLU E 39 9.71 -13.87 55.20
CA GLU E 39 10.21 -12.53 55.53
C GLU E 39 11.36 -12.04 54.65
N ASN E 40 11.26 -12.31 53.35
CA ASN E 40 12.28 -11.95 52.37
C ASN E 40 13.53 -11.35 53.05
N GLU E 41 14.34 -12.23 53.63
CA GLU E 41 15.57 -11.85 54.31
C GLU E 41 16.46 -11.08 53.35
N CYS E 42 16.05 -11.08 52.10
CA CYS E 42 16.76 -10.40 51.04
C CYS E 42 16.34 -8.94 50.97
N SER E 43 15.30 -8.62 51.73
CA SER E 43 14.76 -7.28 51.80
C SER E 43 15.82 -6.21 51.55
N LYS E 44 16.87 -6.23 52.37
CA LYS E 44 17.94 -5.27 52.24
C LYS E 44 18.52 -5.23 50.82
N GLN E 45 18.89 -6.39 50.31
CA GLN E 45 19.47 -6.50 48.97
C GLN E 45 18.42 -6.22 47.91
N TRP E 46 17.16 -6.36 48.29
CA TRP E 46 16.03 -6.11 47.40
C TRP E 46 15.94 -4.60 47.17
N TYR E 47 15.33 -3.90 48.13
CA TYR E 47 15.19 -2.44 48.04
C TYR E 47 16.37 -1.83 47.28
N ALA E 48 17.57 -1.98 47.83
CA ALA E 48 18.79 -1.44 47.24
C ALA E 48 18.77 -1.59 45.73
N TYR E 49 18.37 -2.78 45.28
CA TYR E 49 18.30 -3.09 43.86
C TYR E 49 17.03 -2.51 43.23
N THR E 50 15.88 -2.78 43.83
CA THR E 50 14.63 -2.28 43.27
C THR E 50 14.74 -0.77 43.05
N THR E 51 15.14 -0.02 44.08
CA THR E 51 15.26 1.44 43.95
C THR E 51 16.15 1.81 42.77
N CYS E 52 17.27 1.11 42.63
CA CYS E 52 18.21 1.35 41.54
C CYS E 52 17.45 1.34 40.22
N VAL E 53 16.60 0.34 40.07
CA VAL E 53 15.79 0.19 38.86
C VAL E 53 14.74 1.28 38.79
N ASN E 54 13.78 1.25 39.70
CA ASN E 54 12.73 2.27 39.71
C ASN E 54 13.32 3.62 39.31
N ALA E 55 14.52 3.91 39.82
CA ALA E 55 15.19 5.15 39.48
C ALA E 55 15.48 5.14 37.98
N ALA E 56 16.40 4.28 37.56
CA ALA E 56 16.74 4.18 36.15
C ALA E 56 15.55 3.80 35.26
N LEU E 57 14.47 3.37 35.89
CA LEU E 57 13.28 2.95 35.15
C LEU E 57 12.38 4.10 34.71
N VAL E 58 12.02 4.97 35.65
CA VAL E 58 11.15 6.10 35.35
C VAL E 58 11.74 7.02 34.27
N LYS E 59 13.04 6.90 34.02
CA LYS E 59 13.70 7.70 32.99
C LYS E 59 13.64 6.88 31.69
N GLN E 60 12.62 6.04 31.61
CA GLN E 60 12.38 5.16 30.48
C GLN E 60 10.95 5.27 29.97
N GLY E 61 10.80 5.69 28.72
CA GLY E 61 9.46 5.82 28.17
C GLY E 61 8.70 4.53 28.38
N ILE E 62 9.48 3.46 28.49
CA ILE E 62 8.91 2.15 28.70
C ILE E 62 8.08 2.15 30.00
N LYS E 63 8.56 2.85 31.04
CA LYS E 63 7.91 2.93 32.35
C LYS E 63 6.38 2.93 32.37
N PRO E 64 5.75 3.99 31.84
CA PRO E 64 4.29 4.09 31.81
C PRO E 64 3.59 2.77 31.48
N ALA E 65 3.98 2.16 30.37
CA ALA E 65 3.38 0.92 29.92
C ALA E 65 3.33 -0.11 31.04
N LEU E 66 4.50 -0.44 31.57
CA LEU E 66 4.62 -1.42 32.63
C LEU E 66 3.57 -1.14 33.69
N ASP E 67 3.66 0.04 34.30
CA ASP E 67 2.73 0.45 35.35
C ASP E 67 1.30 0.10 34.96
N GLU E 68 1.00 0.16 33.67
CA GLU E 68 -0.32 -0.17 33.19
C GLU E 68 -0.49 -1.68 33.20
N ALA E 69 0.46 -2.37 32.56
CA ALA E 69 0.44 -3.82 32.44
C ALA E 69 0.34 -4.53 33.79
N ARG E 70 0.88 -3.92 34.83
CA ARG E 70 0.84 -4.54 36.16
C ARG E 70 -0.51 -4.46 36.87
N GLU E 71 -1.49 -3.83 36.24
CA GLU E 71 -2.83 -3.73 36.84
C GLU E 71 -3.75 -4.80 36.23
N GLU E 72 -3.17 -5.64 35.37
CA GLU E 72 -3.91 -6.71 34.71
C GLU E 72 -3.64 -8.03 35.42
N ALA E 73 -4.58 -8.97 35.28
CA ALA E 73 -4.43 -10.28 35.88
C ALA E 73 -4.76 -11.32 34.81
N PRO E 74 -3.73 -11.84 34.14
CA PRO E 74 -3.93 -12.84 33.09
C PRO E 74 -4.45 -14.17 33.63
N PHE E 75 -4.12 -14.47 34.88
CA PHE E 75 -4.56 -15.72 35.49
C PHE E 75 -5.94 -15.70 36.14
N GLU E 76 -6.61 -14.54 36.10
CA GLU E 76 -7.94 -14.37 36.70
C GLU E 76 -7.93 -14.65 38.20
N LEU F 17 -5.14 -19.07 17.16
CA LEU F 17 -3.81 -18.63 16.62
C LEU F 17 -2.76 -19.09 17.59
N LEU F 18 -1.71 -19.77 17.12
CA LEU F 18 -0.73 -20.24 18.10
C LEU F 18 0.60 -20.90 17.75
N HIS F 19 0.80 -21.92 18.58
CA HIS F 19 1.83 -22.93 18.68
C HIS F 19 1.35 -23.52 19.99
N LYS F 20 1.03 -24.80 20.02
CA LYS F 20 0.59 -25.45 21.25
C LYS F 20 1.34 -26.76 21.40
N SER F 21 1.92 -27.00 22.58
CA SER F 21 2.66 -28.23 22.80
C SER F 21 2.91 -28.48 24.28
N THR F 22 3.33 -29.72 24.58
CA THR F 22 3.64 -30.15 25.93
C THR F 22 5.07 -30.60 25.92
N HIS F 23 5.64 -30.78 27.11
CA HIS F 23 7.03 -31.19 27.20
C HIS F 23 7.32 -31.62 28.62
N ILE F 24 7.98 -32.77 28.76
CA ILE F 24 8.29 -33.24 30.10
C ILE F 24 9.77 -33.12 30.43
N PHE F 25 10.07 -32.45 31.54
CA PHE F 25 11.44 -32.33 32.00
C PHE F 25 11.59 -33.53 32.89
N PRO F 26 12.75 -34.25 32.82
CA PRO F 26 12.93 -35.44 33.67
C PRO F 26 13.31 -35.11 35.09
N THR F 27 13.29 -33.83 35.42
CA THR F 27 13.65 -33.40 36.78
C THR F 27 12.45 -32.91 37.60
N ASP F 28 12.71 -32.52 38.85
CA ASP F 28 11.65 -32.08 39.75
C ASP F 28 11.19 -30.63 39.67
N PHE F 29 10.16 -30.30 40.45
CA PHE F 29 9.63 -28.94 40.48
C PHE F 29 10.66 -27.92 40.96
N ALA F 30 11.16 -28.12 42.17
CA ALA F 30 12.14 -27.20 42.72
C ALA F 30 13.23 -26.94 41.69
N SER F 31 13.56 -27.96 40.93
CA SER F 31 14.58 -27.78 39.91
C SER F 31 14.04 -26.93 38.79
N VAL F 32 13.01 -27.43 38.09
CA VAL F 32 12.40 -26.73 36.95
C VAL F 32 12.02 -25.29 37.28
N SER F 33 11.43 -25.09 38.44
CA SER F 33 11.05 -23.75 38.86
C SER F 33 12.22 -22.81 39.10
N ARG F 34 13.27 -23.29 39.77
CA ARG F 34 14.39 -22.42 40.05
C ARG F 34 15.18 -22.12 38.80
N ALA F 35 15.24 -23.11 37.91
CA ALA F 35 15.96 -22.96 36.65
C ALA F 35 15.24 -21.88 35.85
N PHE F 36 13.92 -21.98 35.77
CA PHE F 36 13.14 -20.99 35.06
C PHE F 36 13.61 -19.59 35.46
N PHE F 37 13.45 -19.25 36.74
CA PHE F 37 13.88 -17.96 37.31
C PHE F 37 15.34 -17.59 37.04
N ASN F 38 16.14 -18.54 36.59
CA ASN F 38 17.56 -18.29 36.33
C ASN F 38 17.94 -18.76 34.92
N ARG F 39 16.95 -18.86 34.03
CA ARG F 39 17.13 -19.32 32.66
C ARG F 39 18.13 -18.53 31.78
N TYR F 40 18.32 -17.25 32.06
CA TYR F 40 19.25 -16.45 31.27
C TYR F 40 20.50 -16.12 32.06
N PRO F 41 21.69 -16.28 31.46
CA PRO F 41 21.96 -16.73 30.11
C PRO F 41 22.12 -18.22 29.93
N ASN F 42 21.92 -18.66 28.68
CA ASN F 42 22.07 -20.05 28.27
C ASN F 42 22.36 -20.09 26.77
N PRO F 43 23.03 -21.15 26.33
CA PRO F 43 23.40 -21.34 24.92
C PRO F 43 22.38 -20.92 23.88
N TYR F 44 21.10 -20.95 24.26
CA TYR F 44 20.03 -20.62 23.33
C TYR F 44 19.18 -19.42 23.72
N SER F 45 19.86 -18.32 24.02
CA SER F 45 19.18 -17.09 24.38
C SER F 45 20.05 -15.85 24.09
N PRO F 46 20.61 -15.76 22.88
CA PRO F 46 21.44 -14.62 22.52
C PRO F 46 20.56 -13.42 22.26
N HIS F 47 19.28 -13.66 22.03
CA HIS F 47 18.36 -12.58 21.79
C HIS F 47 17.93 -11.92 23.10
N VAL F 48 18.11 -12.61 24.23
CA VAL F 48 17.71 -12.00 25.50
C VAL F 48 18.86 -11.15 26.00
N LEU F 49 18.63 -9.84 26.00
CA LEU F 49 19.62 -8.85 26.39
C LEU F 49 19.68 -8.54 27.88
N SER F 50 18.53 -8.57 28.55
CA SER F 50 18.53 -8.29 29.98
C SER F 50 17.30 -8.89 30.59
N ILE F 51 17.18 -8.78 31.91
CA ILE F 51 16.03 -9.29 32.65
C ILE F 51 16.12 -8.79 34.09
N ASP F 52 15.07 -8.11 34.55
CA ASP F 52 15.04 -7.56 35.89
C ASP F 52 13.80 -8.00 36.60
N THR F 53 13.85 -8.00 37.93
CA THR F 53 12.68 -8.38 38.69
C THR F 53 12.01 -7.06 38.96
N ILE F 54 10.70 -6.95 38.72
CA ILE F 54 9.99 -5.69 38.97
C ILE F 54 9.22 -5.72 40.29
N SER F 55 8.76 -6.91 40.66
CA SER F 55 8.04 -7.06 41.89
C SER F 55 7.94 -8.55 42.17
N ARG F 56 7.81 -8.91 43.43
CA ARG F 56 7.72 -10.30 43.80
C ARG F 56 7.11 -10.29 45.18
N ASN F 57 6.32 -11.31 45.46
CA ASN F 57 5.69 -11.43 46.77
C ASN F 57 4.84 -12.67 46.80
N VAL F 58 4.42 -13.03 48.01
CA VAL F 58 3.58 -14.19 48.22
C VAL F 58 2.18 -13.69 48.58
N ASP F 59 1.20 -13.96 47.70
CA ASP F 59 -0.19 -13.55 47.90
C ASP F 59 -0.78 -14.16 49.18
N GLN F 60 -1.85 -13.54 49.68
CA GLN F 60 -2.45 -14.04 50.91
C GLN F 60 -2.76 -15.54 50.83
N GLU F 61 -2.66 -16.11 49.63
CA GLU F 61 -2.92 -17.52 49.43
C GLU F 61 -1.64 -18.33 49.62
N GLY F 62 -0.54 -17.62 49.71
CA GLY F 62 0.74 -18.27 49.88
C GLY F 62 1.34 -18.73 48.58
N ASN F 63 1.28 -17.89 47.56
CA ASN F 63 1.83 -18.26 46.26
C ASN F 63 2.83 -17.21 45.85
N LEU F 64 3.91 -17.63 45.21
CA LEU F 64 4.90 -16.64 44.81
C LEU F 64 4.51 -15.93 43.52
N ARG F 65 4.08 -14.67 43.67
CA ARG F 65 3.69 -13.87 42.52
C ARG F 65 4.90 -13.04 42.14
N THR F 66 5.41 -13.30 40.95
CA THR F 66 6.59 -12.60 40.45
C THR F 66 6.33 -11.99 39.07
N THR F 67 6.71 -10.74 38.89
CA THR F 67 6.55 -10.06 37.61
C THR F 67 7.91 -9.53 37.18
N ARG F 68 8.31 -9.82 35.95
CA ARG F 68 9.61 -9.35 35.50
C ARG F 68 9.66 -8.73 34.13
N LEU F 69 10.70 -7.93 33.95
CA LEU F 69 10.92 -7.18 32.74
C LEU F 69 12.10 -7.69 31.92
N LEU F 70 11.80 -8.33 30.80
CA LEU F 70 12.83 -8.84 29.90
C LEU F 70 12.91 -7.97 28.67
N LYS F 71 14.08 -7.94 28.05
CA LYS F 71 14.27 -7.17 26.85
C LYS F 71 15.04 -8.07 25.86
N LYS F 72 14.39 -8.42 24.75
CA LYS F 72 14.98 -9.30 23.74
C LYS F 72 15.27 -8.53 22.45
N SER F 73 16.24 -8.98 21.67
CA SER F 73 16.61 -8.33 20.41
C SER F 73 15.82 -8.90 19.23
N GLY F 74 16.34 -8.71 18.02
CA GLY F 74 15.68 -9.21 16.84
C GLY F 74 16.33 -8.75 15.54
N LYS F 75 16.71 -9.71 14.70
CA LYS F 75 17.36 -9.41 13.42
C LYS F 75 16.32 -9.33 12.30
N LEU F 76 15.63 -8.20 12.19
CA LEU F 76 14.63 -8.05 11.14
C LEU F 76 15.36 -8.12 9.81
N PRO F 77 14.63 -8.38 8.72
CA PRO F 77 15.28 -8.45 7.40
C PRO F 77 15.72 -7.02 7.03
N THR F 78 16.26 -6.81 5.84
CA THR F 78 16.69 -5.45 5.44
C THR F 78 15.50 -4.68 4.89
N TRP F 79 14.41 -5.40 4.60
CA TRP F 79 13.21 -4.79 4.05
C TRP F 79 12.15 -4.42 5.09
N VAL F 80 12.30 -4.92 6.31
CA VAL F 80 11.33 -4.60 7.35
C VAL F 80 11.85 -3.38 8.09
N LYS F 81 13.16 -3.32 8.28
CA LYS F 81 13.78 -2.19 8.98
C LYS F 81 13.09 -0.91 8.54
N PRO F 82 13.25 -0.49 7.28
CA PRO F 82 12.62 0.75 6.80
C PRO F 82 11.14 0.87 7.14
N PHE F 83 10.33 -0.10 6.71
CA PHE F 83 8.88 -0.10 6.97
C PHE F 83 8.54 0.06 8.45
N LEU F 84 9.56 0.11 9.29
CA LEU F 84 9.39 0.29 10.74
C LEU F 84 10.24 1.49 11.14
N ARG F 85 10.57 1.60 12.41
CA ARG F 85 11.42 2.67 12.87
C ARG F 85 12.81 2.06 13.01
N GLY F 86 13.71 2.70 13.75
CA GLY F 86 15.04 2.13 13.92
C GLY F 86 15.07 1.13 15.07
N ILE F 87 13.88 0.85 15.63
CA ILE F 87 13.72 -0.08 16.76
C ILE F 87 14.35 -1.42 16.45
N THR F 88 15.48 -1.66 17.10
CA THR F 88 16.23 -2.89 16.91
C THR F 88 15.69 -4.02 17.78
N GLU F 89 15.06 -3.67 18.89
CA GLU F 89 14.56 -4.64 19.86
C GLU F 89 13.15 -4.41 20.42
N THR F 90 12.81 -5.10 21.51
CA THR F 90 11.50 -5.00 22.18
C THR F 90 11.47 -5.41 23.65
N TRP F 91 10.61 -4.77 24.44
CA TRP F 91 10.49 -5.11 25.85
C TRP F 91 9.40 -6.16 25.99
N ILE F 92 9.61 -7.13 26.88
CA ILE F 92 8.64 -8.19 27.09
C ILE F 92 8.44 -8.35 28.55
N ILE F 93 7.19 -8.46 28.98
CA ILE F 93 6.92 -8.65 30.40
C ILE F 93 6.66 -10.14 30.71
N GLU F 94 7.06 -10.55 31.91
CA GLU F 94 6.89 -11.94 32.33
C GLU F 94 6.24 -12.02 33.69
N VAL F 95 5.14 -12.73 33.78
CA VAL F 95 4.44 -12.90 35.04
C VAL F 95 4.28 -14.38 35.36
N SER F 96 4.61 -14.75 36.60
CA SER F 96 4.51 -16.14 37.02
C SER F 96 3.98 -16.26 38.45
N VAL F 97 3.48 -17.46 38.76
CA VAL F 97 2.92 -17.79 40.08
C VAL F 97 3.40 -19.18 40.53
N VAL F 98 3.89 -19.30 41.74
CA VAL F 98 4.35 -20.59 42.21
C VAL F 98 3.55 -21.05 43.42
N ASN F 99 3.00 -22.25 43.32
CA ASN F 99 2.22 -22.82 44.39
C ASN F 99 2.90 -24.06 44.91
N PRO F 100 3.56 -23.95 46.08
CA PRO F 100 4.29 -25.03 46.75
C PRO F 100 3.32 -26.08 47.30
N ALA F 101 2.04 -25.74 47.23
CA ALA F 101 0.98 -26.62 47.71
C ALA F 101 0.82 -27.85 46.82
N ASN F 102 1.18 -27.72 45.54
CA ASN F 102 1.06 -28.84 44.62
C ASN F 102 2.14 -28.78 43.55
N SER F 103 3.31 -28.27 43.93
CA SER F 103 4.47 -28.17 43.04
C SER F 103 3.98 -27.78 41.65
N THR F 104 3.34 -26.62 41.57
CA THR F 104 2.78 -26.11 40.33
C THR F 104 3.09 -24.64 40.07
N MET F 105 3.42 -24.33 38.82
CA MET F 105 3.76 -22.96 38.44
C MET F 105 3.19 -22.59 37.07
N LYS F 106 2.74 -21.32 36.92
CA LYS F 106 2.20 -20.81 35.64
C LYS F 106 2.99 -19.57 35.19
N THR F 107 3.12 -19.36 33.89
CA THR F 107 3.87 -18.20 33.43
C THR F 107 3.28 -17.52 32.19
N TYR F 108 3.03 -16.21 32.30
CA TYR F 108 2.48 -15.42 31.21
C TYR F 108 3.49 -14.41 30.68
N THR F 109 3.70 -14.35 29.37
CA THR F 109 4.61 -13.34 28.80
C THR F 109 4.16 -12.86 27.44
N ARG F 110 4.22 -11.53 27.25
CA ARG F 110 3.85 -10.90 25.98
C ARG F 110 4.68 -9.65 25.75
N ASN F 111 4.83 -9.27 24.49
CA ASN F 111 5.54 -8.05 24.18
C ASN F 111 4.77 -7.02 24.99
N LEU F 112 5.49 -6.02 25.50
CA LEU F 112 4.92 -5.02 26.37
C LEU F 112 4.55 -3.73 25.65
N ASP F 113 4.87 -3.67 24.37
CA ASP F 113 4.61 -2.49 23.56
C ASP F 113 4.47 -2.95 22.12
N HIS F 114 3.72 -2.17 21.33
CA HIS F 114 3.49 -2.45 19.91
C HIS F 114 2.22 -3.24 19.71
N THR F 115 1.43 -3.34 20.78
CA THR F 115 0.15 -4.04 20.75
C THR F 115 -0.69 -3.68 19.52
N GLY F 116 -0.23 -2.65 18.81
CA GLY F 116 -0.90 -2.21 17.60
C GLY F 116 -0.53 -3.23 16.54
N ILE F 117 0.70 -3.16 16.04
CA ILE F 117 1.11 -4.12 15.02
C ILE F 117 0.74 -5.55 15.43
N MET F 118 0.84 -5.85 16.72
CA MET F 118 0.51 -7.18 17.20
C MET F 118 0.69 -7.31 18.69
N LYS F 119 0.20 -8.42 19.22
CA LYS F 119 0.33 -8.72 20.64
C LYS F 119 0.60 -10.22 20.69
N VAL F 120 1.84 -10.59 21.04
CA VAL F 120 2.23 -12.00 21.11
C VAL F 120 2.28 -12.47 22.55
N GLU F 121 1.40 -13.40 22.89
CA GLU F 121 1.31 -13.92 24.25
C GLU F 121 1.81 -15.34 24.40
N GLU F 122 2.60 -15.60 25.44
CA GLU F 122 3.05 -16.96 25.74
C GLU F 122 2.45 -17.29 27.08
N TYR F 123 1.84 -18.46 27.17
CA TYR F 123 1.18 -18.86 28.39
C TYR F 123 1.63 -20.28 28.64
N THR F 124 2.60 -20.46 29.53
CA THR F 124 3.14 -21.77 29.85
C THR F 124 2.78 -22.16 31.26
N THR F 125 2.82 -23.47 31.52
CA THR F 125 2.50 -23.99 32.85
C THR F 125 3.17 -25.34 33.16
N TYR F 126 3.88 -25.42 34.28
CA TYR F 126 4.56 -26.66 34.68
C TYR F 126 3.87 -27.35 35.85
N GLN F 127 3.78 -28.67 35.77
CA GLN F 127 3.14 -29.50 36.80
C GLN F 127 4.03 -30.65 37.19
N PHE F 128 4.17 -30.89 38.51
CA PHE F 128 5.00 -31.98 38.98
C PHE F 128 4.25 -33.31 38.97
N ASP F 129 4.92 -34.42 38.66
CA ASP F 129 4.23 -35.70 38.62
C ASP F 129 4.94 -36.87 39.33
N SER F 130 4.43 -37.24 40.51
CA SER F 130 4.99 -38.32 41.32
C SER F 130 5.19 -39.64 40.57
N ALA F 131 4.13 -40.06 39.89
CA ALA F 131 4.18 -41.29 39.12
C ALA F 131 5.51 -41.48 38.40
N THR F 132 6.01 -40.40 37.79
CA THR F 132 7.26 -40.45 37.05
C THR F 132 8.34 -39.54 37.63
N SER F 133 8.08 -39.01 38.82
CA SER F 133 9.04 -38.13 39.46
C SER F 133 9.59 -37.07 38.50
N SER F 134 8.71 -36.51 37.67
CA SER F 134 9.12 -35.49 36.69
C SER F 134 8.20 -34.27 36.66
N THR F 135 8.41 -33.41 35.66
CA THR F 135 7.63 -32.19 35.53
C THR F 135 7.15 -32.02 34.09
N ILE F 136 5.84 -31.83 33.89
CA ILE F 136 5.24 -31.65 32.55
C ILE F 136 4.98 -30.19 32.29
N ALA F 137 5.15 -29.78 31.03
CA ALA F 137 4.92 -28.40 30.64
C ALA F 137 3.94 -28.35 29.48
N ASP F 138 3.02 -27.39 29.56
CA ASP F 138 1.95 -27.15 28.58
C ASP F 138 2.18 -25.72 28.06
N SER F 139 2.33 -25.52 26.74
CA SER F 139 2.61 -24.18 26.23
C SER F 139 1.74 -23.62 25.08
N ARG F 140 1.05 -22.50 25.36
CA ARG F 140 0.20 -21.84 24.37
C ARG F 140 0.87 -20.56 24.00
N VAL F 141 0.82 -20.25 22.71
CA VAL F 141 1.37 -19.00 22.20
C VAL F 141 0.33 -18.43 21.26
N LYS F 142 -0.34 -17.39 21.74
CA LYS F 142 -1.41 -16.67 21.04
C LYS F 142 -0.86 -15.46 20.28
N PHE F 143 -1.69 -14.95 19.36
CA PHE F 143 -1.34 -13.79 18.56
C PHE F 143 -2.53 -12.91 18.16
N SER F 144 -2.53 -11.65 18.61
CA SER F 144 -3.57 -10.66 18.31
C SER F 144 -3.02 -9.65 17.31
N SER F 145 -3.80 -8.61 17.01
CA SER F 145 -3.39 -7.54 16.09
C SER F 145 -4.55 -6.62 15.76
N GLY F 146 -4.96 -5.82 16.73
CA GLY F 146 -6.07 -4.91 16.50
C GLY F 146 -5.91 -4.17 15.19
N PHE F 147 -4.68 -3.84 14.82
CA PHE F 147 -4.43 -3.13 13.57
C PHE F 147 -4.95 -3.98 12.43
N ASN F 148 -4.39 -5.18 12.31
CA ASN F 148 -4.78 -6.13 11.28
C ASN F 148 -6.29 -6.36 11.27
N MET F 149 -6.87 -6.65 12.44
CA MET F 149 -8.31 -6.86 12.56
C MET F 149 -9.01 -5.62 12.01
N GLY F 150 -8.37 -4.46 12.17
CA GLY F 150 -8.93 -3.21 11.69
C GLY F 150 -9.04 -3.22 10.19
N ILE F 151 -7.90 -3.14 9.49
CA ILE F 151 -7.89 -3.14 8.03
C ILE F 151 -8.90 -4.18 7.50
N LYS F 152 -8.91 -5.39 8.08
CA LYS F 152 -9.84 -6.42 7.65
C LYS F 152 -11.29 -5.94 7.77
N SER F 153 -11.63 -5.36 8.91
CA SER F 153 -12.99 -4.87 9.08
C SER F 153 -13.23 -3.77 8.06
N LYS F 154 -12.41 -2.72 8.08
CA LYS F 154 -12.56 -1.64 7.12
C LYS F 154 -13.06 -2.15 5.78
N VAL F 155 -12.23 -2.91 5.07
CA VAL F 155 -12.59 -3.43 3.76
C VAL F 155 -13.84 -4.28 3.76
N GLU F 156 -13.96 -5.16 4.75
CA GLU F 156 -15.12 -6.02 4.83
C GLU F 156 -16.41 -5.20 4.79
N ASP F 157 -16.30 -3.90 4.99
CA ASP F 157 -17.49 -3.09 4.93
C ASP F 157 -17.57 -2.45 3.58
N TRP F 158 -16.61 -1.60 3.27
CA TRP F 158 -16.56 -0.93 1.99
C TRP F 158 -16.88 -1.95 0.89
N SER F 159 -16.32 -3.14 1.00
CA SER F 159 -16.55 -4.20 0.01
C SER F 159 -18.00 -4.66 0.02
N ARG F 160 -18.54 -4.96 1.22
CA ARG F 160 -19.93 -5.41 1.34
C ARG F 160 -20.91 -4.33 0.90
N THR F 161 -20.46 -3.08 0.96
CA THR F 161 -21.27 -1.94 0.57
C THR F 161 -21.14 -1.72 -0.93
N LYS F 162 -19.91 -1.75 -1.43
CA LYS F 162 -19.70 -1.57 -2.86
C LYS F 162 -20.71 -2.46 -3.56
N PHE F 163 -20.76 -3.72 -3.14
CA PHE F 163 -21.67 -4.68 -3.76
C PHE F 163 -23.14 -4.48 -3.48
N ASP F 164 -23.46 -3.78 -2.40
CA ASP F 164 -24.86 -3.52 -2.13
C ASP F 164 -25.35 -2.57 -3.20
N GLU F 165 -24.63 -1.48 -3.39
CA GLU F 165 -24.97 -0.49 -4.40
C GLU F 165 -24.68 -1.00 -5.80
N ASN F 166 -24.07 -2.17 -5.90
CA ASN F 166 -23.77 -2.75 -7.19
C ASN F 166 -25.01 -3.43 -7.72
N VAL F 167 -25.55 -4.34 -6.92
CA VAL F 167 -26.76 -5.07 -7.28
C VAL F 167 -27.94 -4.13 -7.41
N LYS F 168 -28.08 -3.18 -6.50
CA LYS F 168 -29.17 -2.22 -6.58
C LYS F 168 -29.15 -1.60 -7.99
N LYS F 169 -28.11 -0.83 -8.28
CA LYS F 169 -27.95 -0.19 -9.58
C LYS F 169 -28.09 -1.17 -10.74
N SER F 170 -27.86 -2.45 -10.48
CA SER F 170 -27.97 -3.44 -11.52
C SER F 170 -29.44 -3.66 -11.82
N ARG F 171 -30.18 -3.84 -10.74
CA ARG F 171 -31.60 -4.06 -10.84
C ARG F 171 -32.28 -2.82 -11.39
N MET F 172 -32.07 -1.66 -10.76
CA MET F 172 -32.66 -0.43 -11.27
C MET F 172 -32.46 -0.31 -12.77
N GLY F 173 -31.22 -0.41 -13.24
CA GLY F 173 -31.01 -0.35 -14.67
C GLY F 173 -31.99 -1.30 -15.32
N MET F 174 -32.10 -2.50 -14.76
CA MET F 174 -33.02 -3.53 -15.26
C MET F 174 -34.45 -2.99 -15.36
N ALA F 175 -34.96 -2.52 -14.23
CA ALA F 175 -36.30 -1.92 -14.14
C ALA F 175 -36.50 -0.94 -15.29
N PHE F 176 -35.55 -0.02 -15.41
CA PHE F 176 -35.53 1.00 -16.45
C PHE F 176 -35.72 0.39 -17.82
N VAL F 177 -34.73 -0.34 -18.30
CA VAL F 177 -34.86 -0.96 -19.61
C VAL F 177 -36.24 -1.55 -19.83
N ILE F 178 -36.77 -2.25 -18.84
CA ILE F 178 -38.09 -2.86 -18.96
C ILE F 178 -39.18 -1.83 -19.16
N GLN F 179 -39.26 -0.86 -18.25
CA GLN F 179 -40.23 0.21 -18.31
C GLN F 179 -40.21 0.90 -19.66
N LYS F 180 -39.07 1.46 -20.05
CA LYS F 180 -39.03 2.14 -21.34
C LYS F 180 -39.40 1.21 -22.49
N LEU F 181 -38.99 -0.05 -22.37
CA LEU F 181 -39.27 -1.05 -23.40
C LEU F 181 -40.77 -1.21 -23.58
N GLU F 182 -41.50 -1.12 -22.46
CA GLU F 182 -42.95 -1.24 -22.49
C GLU F 182 -43.50 0.15 -22.78
N GLU F 183 -43.07 0.75 -23.89
CA GLU F 183 -43.50 2.10 -24.30
C GLU F 183 -43.14 2.39 -25.76
N ILE G 4 23.27 -28.06 -25.59
CA ILE G 4 21.92 -27.85 -26.18
C ILE G 4 21.81 -26.52 -26.96
N MET G 5 20.61 -26.23 -27.46
CA MET G 5 20.33 -25.02 -28.22
C MET G 5 19.38 -24.07 -27.49
N SER G 6 19.27 -22.85 -28.01
CA SER G 6 18.41 -21.82 -27.43
C SER G 6 16.98 -22.14 -27.72
N ALA G 7 16.16 -22.11 -26.68
CA ALA G 7 14.76 -22.39 -26.85
C ALA G 7 14.09 -21.20 -27.48
N SER G 8 12.81 -21.36 -27.73
CA SER G 8 11.98 -20.31 -28.30
C SER G 8 10.80 -20.24 -27.32
N PHE G 9 10.07 -19.13 -27.30
CA PHE G 9 8.94 -19.10 -26.38
C PHE G 9 7.93 -20.09 -26.92
N ALA G 10 7.99 -20.30 -28.24
CA ALA G 10 7.12 -21.22 -28.95
C ALA G 10 7.85 -22.54 -29.28
N PRO G 11 7.70 -23.59 -28.42
CA PRO G 11 8.35 -24.89 -28.62
C PRO G 11 8.28 -25.33 -30.07
N GLU G 12 7.09 -25.20 -30.67
CA GLU G 12 6.90 -25.56 -32.06
C GLU G 12 7.98 -24.90 -32.94
N CYS G 13 8.41 -23.70 -32.55
CA CYS G 13 9.38 -22.95 -33.35
C CYS G 13 10.85 -23.15 -33.07
N THR G 14 11.19 -23.53 -31.84
CA THR G 14 12.58 -23.75 -31.46
C THR G 14 13.39 -24.30 -32.64
N ASP G 15 12.93 -25.42 -33.19
CA ASP G 15 13.62 -26.07 -34.30
C ASP G 15 13.81 -25.23 -35.55
N LEU G 16 12.75 -24.63 -36.06
CA LEU G 16 12.88 -23.80 -37.25
C LEU G 16 13.75 -22.60 -36.90
N LYS G 17 13.83 -22.30 -35.60
CA LYS G 17 14.64 -21.20 -35.09
C LYS G 17 16.09 -21.60 -35.37
N THR G 18 16.52 -22.68 -34.70
CA THR G 18 17.89 -23.22 -34.83
C THR G 18 18.35 -23.20 -36.28
N LYS G 19 17.55 -23.86 -37.11
CA LYS G 19 17.83 -23.99 -38.53
C LYS G 19 18.04 -22.63 -39.18
N TYR G 20 17.39 -21.60 -38.66
CA TYR G 20 17.55 -20.26 -39.22
C TYR G 20 18.82 -19.63 -38.65
N ASP G 21 18.91 -19.63 -37.32
CA ASP G 21 20.05 -19.08 -36.59
C ASP G 21 21.33 -19.53 -37.28
N SER G 22 21.52 -20.84 -37.35
CA SER G 22 22.68 -21.46 -37.98
C SER G 22 23.05 -20.75 -39.30
N CYS G 23 22.08 -20.65 -40.20
CA CYS G 23 22.25 -20.00 -41.51
C CYS G 23 22.69 -18.56 -41.39
N PHE G 24 22.11 -17.84 -40.43
CA PHE G 24 22.43 -16.44 -40.18
C PHE G 24 23.89 -16.28 -39.81
N ASN G 25 24.29 -16.95 -38.72
CA ASN G 25 25.65 -16.88 -38.25
C ASN G 25 26.60 -16.90 -39.43
N GLU G 26 26.40 -17.88 -40.30
CA GLU G 26 27.21 -18.05 -41.49
C GLU G 26 27.24 -16.73 -42.27
N TRP G 27 26.12 -16.39 -42.88
CA TRP G 27 26.00 -15.15 -43.66
C TRP G 27 26.55 -13.92 -42.95
N TYR G 28 26.42 -13.92 -41.63
CA TYR G 28 26.91 -12.81 -40.85
C TYR G 28 28.42 -12.77 -40.95
N SER G 29 29.05 -13.80 -40.39
CA SER G 29 30.50 -13.92 -40.37
C SER G 29 31.11 -13.87 -41.76
N GLU G 30 30.91 -14.95 -42.51
CA GLU G 30 31.46 -15.10 -43.84
C GLU G 30 30.79 -14.35 -44.99
N LYS G 31 30.12 -13.24 -44.71
CA LYS G 31 29.49 -12.50 -45.79
C LYS G 31 29.34 -11.02 -45.47
N PHE G 32 28.41 -10.70 -44.57
CA PHE G 32 28.15 -9.31 -44.18
C PHE G 32 29.31 -8.63 -43.47
N LEU G 33 29.95 -9.35 -42.56
CA LEU G 33 31.09 -8.81 -41.82
C LEU G 33 32.37 -8.85 -42.65
N LYS G 34 32.23 -9.28 -43.86
CA LYS G 34 33.32 -9.41 -44.73
C LYS G 34 33.10 -8.67 -45.92
N GLY G 35 31.95 -8.22 -46.16
CA GLY G 35 31.82 -7.16 -47.11
C GLY G 35 31.24 -7.63 -48.37
N LYS G 36 31.63 -8.83 -48.65
CA LYS G 36 31.31 -9.57 -49.76
C LYS G 36 30.05 -9.97 -49.31
N SER G 37 29.20 -10.50 -50.14
CA SER G 37 27.97 -10.06 -50.61
C SER G 37 27.17 -10.16 -49.53
N VAL G 38 26.10 -9.45 -49.63
CA VAL G 38 25.50 -8.65 -48.64
C VAL G 38 23.99 -8.65 -48.75
N GLU G 39 23.38 -9.70 -49.35
CA GLU G 39 21.90 -9.92 -49.61
C GLU G 39 21.21 -11.28 -49.16
N ASN G 40 19.89 -11.35 -48.92
CA ASN G 40 19.40 -12.49 -48.19
C ASN G 40 19.60 -13.72 -48.78
N GLU G 41 20.06 -14.45 -47.87
CA GLU G 41 20.46 -15.70 -48.11
C GLU G 41 20.03 -16.65 -47.05
N CYS G 42 18.89 -16.40 -46.47
CA CYS G 42 18.38 -17.36 -45.60
C CYS G 42 16.90 -17.47 -45.49
N SER G 43 16.13 -17.29 -46.54
CA SER G 43 14.70 -17.10 -46.40
C SER G 43 14.02 -18.29 -46.15
N LYS G 44 14.06 -19.12 -47.10
CA LYS G 44 13.33 -20.37 -46.89
C LYS G 44 13.22 -20.73 -45.40
N GLN G 45 14.28 -20.45 -44.62
CA GLN G 45 14.29 -20.74 -43.19
C GLN G 45 13.80 -19.55 -42.39
N TRP G 46 14.11 -18.35 -42.88
CA TRP G 46 13.65 -17.16 -42.19
C TRP G 46 12.13 -17.25 -42.20
N TYR G 47 11.55 -17.20 -43.40
CA TYR G 47 10.11 -17.28 -43.61
C TYR G 47 9.45 -18.37 -42.78
N ALA G 48 10.00 -19.58 -42.83
CA ALA G 48 9.46 -20.70 -42.08
C ALA G 48 9.33 -20.36 -40.62
N TYR G 49 10.45 -19.93 -40.06
CA TYR G 49 10.56 -19.56 -38.65
C TYR G 49 9.72 -18.36 -38.26
N THR G 50 9.94 -17.24 -38.94
CA THR G 50 9.18 -16.04 -38.62
C THR G 50 7.70 -16.39 -38.60
N THR G 51 7.25 -17.11 -39.60
CA THR G 51 5.85 -17.51 -39.67
C THR G 51 5.42 -18.27 -38.42
N CYS G 52 6.22 -19.24 -37.98
CA CYS G 52 5.91 -20.02 -36.78
C CYS G 52 5.72 -19.11 -35.57
N VAL G 53 6.65 -18.16 -35.43
CA VAL G 53 6.65 -17.20 -34.34
C VAL G 53 5.50 -16.22 -34.39
N ASN G 54 5.34 -15.54 -35.53
CA ASN G 54 4.27 -14.58 -35.73
C ASN G 54 2.90 -15.18 -35.40
N ALA G 55 2.84 -16.51 -35.40
CA ALA G 55 1.61 -17.22 -35.12
C ALA G 55 1.44 -17.41 -33.62
N ALA G 56 2.47 -17.92 -32.96
CA ALA G 56 2.39 -18.13 -31.52
C ALA G 56 2.47 -16.76 -30.82
N LEU G 57 2.95 -15.76 -31.54
CA LEU G 57 3.02 -14.42 -31.01
C LEU G 57 1.59 -13.94 -30.78
N VAL G 58 0.68 -14.40 -31.64
CA VAL G 58 -0.73 -14.03 -31.56
C VAL G 58 -1.55 -14.93 -30.65
N LYS G 59 -1.25 -16.22 -30.61
CA LYS G 59 -1.99 -17.12 -29.73
C LYS G 59 -1.78 -16.74 -28.26
N GLN G 60 -1.06 -15.64 -28.05
CA GLN G 60 -0.77 -15.06 -26.74
C GLN G 60 -0.86 -13.55 -27.01
N GLY G 61 -1.41 -12.80 -26.06
CA GLY G 61 -1.57 -11.37 -26.27
C GLY G 61 -0.31 -10.58 -26.53
N ILE G 62 0.81 -11.28 -26.67
CA ILE G 62 2.09 -10.67 -26.90
C ILE G 62 2.23 -9.62 -28.02
N LYS G 63 2.02 -10.04 -29.26
CA LYS G 63 2.17 -9.15 -30.41
C LYS G 63 1.71 -7.71 -30.24
N PRO G 64 0.49 -7.49 -29.71
CA PRO G 64 0.01 -6.12 -29.53
C PRO G 64 1.07 -5.27 -28.86
N ALA G 65 1.49 -5.73 -27.68
CA ALA G 65 2.50 -5.06 -26.86
C ALA G 65 3.88 -4.97 -27.52
N LEU G 66 4.26 -6.02 -28.22
CA LEU G 66 5.53 -6.03 -28.89
C LEU G 66 5.49 -4.95 -29.96
N ASP G 67 4.50 -5.00 -30.83
CA ASP G 67 4.36 -4.03 -31.93
C ASP G 67 4.51 -2.56 -31.53
N GLU G 68 4.19 -2.26 -30.28
CA GLU G 68 4.25 -0.90 -29.78
C GLU G 68 5.72 -0.53 -29.54
N ALA G 69 6.38 -1.36 -28.76
CA ALA G 69 7.79 -1.17 -28.42
C ALA G 69 8.64 -1.13 -29.66
N ARG G 70 8.02 -1.44 -30.80
CA ARG G 70 8.73 -1.45 -32.06
C ARG G 70 8.59 -0.13 -32.80
N GLU G 71 7.48 0.57 -32.59
CA GLU G 71 7.27 1.84 -33.27
C GLU G 71 8.20 2.83 -32.63
N GLU G 72 8.84 2.38 -31.56
CA GLU G 72 9.77 3.21 -30.85
C GLU G 72 11.19 3.02 -31.37
N ALA G 73 11.83 4.12 -31.73
CA ALA G 73 13.20 4.13 -32.21
C ALA G 73 14.10 4.47 -31.02
N PRO G 74 14.81 3.48 -30.47
CA PRO G 74 15.70 3.68 -29.33
C PRO G 74 17.03 4.35 -29.61
N PHE G 75 17.34 4.57 -30.89
CA PHE G 75 18.59 5.21 -31.27
C PHE G 75 18.34 6.55 -31.96
N GLU G 76 17.11 7.04 -31.78
CA GLU G 76 16.63 8.32 -32.32
C GLU G 76 17.03 8.65 -33.75
N MET H 15 12.26 12.43 -16.27
CA MET H 15 13.43 12.11 -15.39
C MET H 15 13.93 10.70 -15.69
N VAL H 16 15.19 10.43 -15.31
CA VAL H 16 15.84 9.12 -15.48
C VAL H 16 16.85 8.93 -14.35
N LEU H 17 17.76 7.97 -14.49
CA LEU H 17 18.80 7.70 -13.48
C LEU H 17 19.73 6.58 -13.96
N LEU H 18 21.04 6.84 -13.98
CA LEU H 18 22.02 5.87 -14.46
C LEU H 18 22.61 4.87 -13.46
N HIS H 19 23.43 3.95 -14.02
CA HIS H 19 24.20 2.87 -13.35
C HIS H 19 25.27 2.32 -14.34
N LYS H 20 26.08 3.22 -14.89
CA LYS H 20 27.13 2.94 -15.90
C LYS H 20 28.56 2.46 -15.54
N SER H 21 29.18 1.80 -16.52
CA SER H 21 30.54 1.27 -16.42
C SER H 21 31.08 0.96 -17.82
N THR H 22 32.33 0.48 -17.87
CA THR H 22 32.96 0.14 -19.14
C THR H 22 33.87 -1.09 -18.98
N HIS H 23 33.93 -1.91 -20.04
CA HIS H 23 34.68 -3.16 -20.01
C HIS H 23 35.47 -3.44 -21.29
N ILE H 24 36.59 -4.17 -21.19
CA ILE H 24 37.42 -4.50 -22.36
C ILE H 24 37.53 -5.98 -22.68
N PHE H 25 37.15 -6.35 -23.91
CA PHE H 25 37.19 -7.72 -24.39
C PHE H 25 38.43 -7.91 -25.23
N PRO H 26 39.34 -8.80 -24.80
CA PRO H 26 40.58 -9.08 -25.54
C PRO H 26 40.37 -9.60 -26.97
N THR H 27 39.20 -10.18 -27.24
CA THR H 27 38.89 -10.71 -28.57
C THR H 27 38.57 -9.61 -29.57
N ASP H 28 38.26 -10.00 -30.80
CA ASP H 28 37.99 -8.99 -31.80
C ASP H 28 36.52 -8.88 -32.15
N PHE H 29 36.19 -7.83 -32.92
CA PHE H 29 34.82 -7.55 -33.30
C PHE H 29 33.99 -8.75 -33.67
N ALA H 30 34.31 -9.34 -34.80
CA ALA H 30 33.57 -10.49 -35.30
C ALA H 30 33.32 -11.51 -34.20
N SER H 31 34.29 -11.73 -33.33
CA SER H 31 34.08 -12.70 -32.26
C SER H 31 32.99 -12.22 -31.30
N VAL H 32 33.21 -11.05 -30.72
CA VAL H 32 32.29 -10.44 -29.77
C VAL H 32 30.90 -10.14 -30.36
N SER H 33 30.86 -9.57 -31.55
CA SER H 33 29.57 -9.25 -32.17
C SER H 33 28.84 -10.54 -32.50
N ARG H 34 29.59 -11.59 -32.83
CA ARG H 34 28.98 -12.86 -33.15
C ARG H 34 28.60 -13.52 -31.83
N ALA H 35 29.44 -13.31 -30.81
CA ALA H 35 29.22 -13.88 -29.49
C ALA H 35 27.90 -13.37 -28.97
N PHE H 36 27.71 -12.06 -29.13
CA PHE H 36 26.50 -11.38 -28.69
C PHE H 36 25.26 -12.09 -29.27
N PHE H 37 25.12 -12.10 -30.60
CA PHE H 37 23.99 -12.75 -31.26
C PHE H 37 23.78 -14.21 -30.86
N ASN H 38 24.70 -14.75 -30.07
CA ASN H 38 24.61 -16.13 -29.66
C ASN H 38 24.90 -16.27 -28.19
N ARG H 39 24.95 -15.15 -27.47
CA ARG H 39 25.27 -15.19 -26.06
C ARG H 39 24.48 -16.22 -25.25
N TYR H 40 23.23 -16.48 -25.64
CA TYR H 40 22.38 -17.46 -24.94
C TYR H 40 22.29 -18.81 -25.64
N PRO H 41 22.36 -19.90 -24.85
CA PRO H 41 22.54 -19.87 -23.41
C PRO H 41 24.00 -19.92 -22.99
N ASN H 42 24.25 -19.42 -21.79
CA ASN H 42 25.58 -19.42 -21.22
C ASN H 42 25.25 -19.62 -19.76
N PRO H 43 26.15 -20.26 -19.02
CA PRO H 43 25.95 -20.52 -17.59
C PRO H 43 25.82 -19.29 -16.70
N TYR H 44 25.99 -18.12 -17.26
CA TYR H 44 25.88 -16.90 -16.46
C TYR H 44 24.54 -16.19 -16.67
N SER H 45 23.71 -16.78 -17.52
CA SER H 45 22.39 -16.24 -17.82
C SER H 45 21.37 -17.38 -17.76
N PRO H 46 21.16 -17.93 -16.55
CA PRO H 46 20.22 -19.04 -16.31
C PRO H 46 18.75 -18.66 -16.40
N HIS H 47 18.47 -17.41 -16.05
CA HIS H 47 17.12 -16.85 -16.05
C HIS H 47 16.50 -16.81 -17.45
N VAL H 48 17.33 -16.62 -18.47
CA VAL H 48 16.83 -16.53 -19.83
C VAL H 48 16.25 -17.85 -20.30
N LEU H 49 14.94 -17.86 -20.47
CA LEU H 49 14.21 -19.04 -20.92
C LEU H 49 14.25 -19.20 -22.44
N SER H 50 14.36 -18.09 -23.14
CA SER H 50 14.41 -18.15 -24.59
C SER H 50 14.69 -16.80 -25.21
N ILE H 51 14.91 -16.83 -26.52
CA ILE H 51 15.16 -15.63 -27.28
C ILE H 51 14.72 -15.91 -28.71
N ASP H 52 14.08 -14.93 -29.34
CA ASP H 52 13.58 -15.07 -30.71
C ASP H 52 13.82 -13.83 -31.52
N THR H 53 14.16 -14.00 -32.79
CA THR H 53 14.39 -12.86 -33.65
C THR H 53 13.07 -12.39 -34.24
N ILE H 54 12.71 -11.16 -33.92
CA ILE H 54 11.47 -10.56 -34.38
C ILE H 54 11.61 -9.89 -35.73
N SER H 55 12.83 -9.51 -36.11
CA SER H 55 13.06 -8.88 -37.41
C SER H 55 14.49 -8.42 -37.57
N ARG H 56 15.02 -8.61 -38.78
CA ARG H 56 16.39 -8.22 -39.09
C ARG H 56 16.40 -7.82 -40.55
N ASN H 57 17.37 -6.99 -40.93
CA ASN H 57 17.50 -6.52 -42.31
C ASN H 57 18.58 -5.44 -42.36
N VAL H 58 19.02 -5.06 -43.56
CA VAL H 58 20.05 -4.04 -43.64
C VAL H 58 19.46 -2.72 -44.11
N ASP H 59 19.91 -1.62 -43.49
CA ASP H 59 19.44 -0.29 -43.84
C ASP H 59 20.30 0.36 -44.92
N GLN H 60 19.90 1.57 -45.33
CA GLN H 60 20.59 2.34 -46.35
C GLN H 60 22.08 2.54 -46.05
N GLU H 61 22.43 2.79 -44.79
CA GLU H 61 23.84 2.97 -44.42
C GLU H 61 24.54 1.61 -44.41
N GLY H 62 23.76 0.57 -44.70
CA GLY H 62 24.27 -0.78 -44.76
C GLY H 62 24.53 -1.49 -43.44
N ASN H 63 23.89 -1.03 -42.36
CA ASN H 63 24.08 -1.64 -41.05
C ASN H 63 22.97 -2.63 -40.74
N LEU H 64 23.34 -3.66 -39.99
CA LEU H 64 22.38 -4.70 -39.64
C LEU H 64 21.51 -4.30 -38.46
N ARG H 65 20.20 -4.30 -38.70
CA ARG H 65 19.23 -3.96 -37.67
C ARG H 65 18.53 -5.24 -37.21
N THR H 66 18.54 -5.52 -35.92
CA THR H 66 17.90 -6.73 -35.40
C THR H 66 17.05 -6.47 -34.15
N THR H 67 15.80 -6.92 -34.17
CA THR H 67 14.93 -6.76 -33.02
C THR H 67 14.62 -8.17 -32.54
N ARG H 68 14.89 -8.42 -31.27
CA ARG H 68 14.69 -9.72 -30.66
C ARG H 68 13.83 -9.69 -29.41
N LEU H 69 13.22 -10.83 -29.10
CA LEU H 69 12.35 -10.93 -27.96
C LEU H 69 12.91 -11.94 -26.99
N LEU H 70 13.13 -11.50 -25.76
CA LEU H 70 13.67 -12.38 -24.75
C LEU H 70 12.63 -12.69 -23.74
N LYS H 71 12.77 -13.84 -23.10
CA LYS H 71 11.83 -14.20 -22.07
C LYS H 71 12.65 -14.70 -20.89
N LYS H 72 12.74 -13.87 -19.84
CA LYS H 72 13.47 -14.22 -18.63
C LYS H 72 12.42 -14.52 -17.58
N SER H 73 12.68 -15.50 -16.74
CA SER H 73 11.74 -15.82 -15.70
C SER H 73 12.17 -14.96 -14.52
N GLY H 74 11.22 -14.31 -13.88
CA GLY H 74 11.57 -13.48 -12.74
C GLY H 74 12.39 -14.29 -11.74
N LYS H 75 13.50 -13.71 -11.26
CA LYS H 75 14.38 -14.39 -10.29
C LYS H 75 13.84 -14.43 -8.86
N LEU H 76 13.09 -13.39 -8.47
CA LEU H 76 12.54 -13.29 -7.11
C LEU H 76 11.18 -13.94 -6.85
N PRO H 77 10.21 -13.78 -7.78
CA PRO H 77 8.93 -14.43 -7.48
C PRO H 77 9.24 -15.83 -6.98
N THR H 78 8.93 -16.04 -5.70
CA THR H 78 9.22 -17.29 -4.99
C THR H 78 8.09 -18.32 -4.90
N TRP H 79 7.32 -18.25 -3.82
CA TRP H 79 6.21 -19.18 -3.57
C TRP H 79 4.90 -18.65 -4.13
N VAL H 80 4.94 -17.50 -4.81
CA VAL H 80 3.72 -16.89 -5.34
C VAL H 80 3.25 -17.43 -6.69
N LYS H 81 2.52 -18.54 -6.62
CA LYS H 81 1.96 -19.20 -7.80
C LYS H 81 0.96 -18.27 -8.50
N PRO H 82 0.18 -17.49 -7.73
CA PRO H 82 -0.79 -16.58 -8.34
C PRO H 82 -0.22 -15.87 -9.55
N PHE H 83 -1.12 -15.50 -10.45
CA PHE H 83 -0.85 -14.83 -11.73
C PHE H 83 0.25 -15.39 -12.63
N LEU H 84 0.68 -14.53 -13.54
CA LEU H 84 1.70 -14.79 -14.55
C LEU H 84 1.45 -13.49 -15.32
N ARG H 85 0.23 -12.98 -15.12
CA ARG H 85 -0.23 -11.72 -15.72
C ARG H 85 0.93 -10.74 -15.68
N GLY H 86 1.35 -10.45 -14.45
CA GLY H 86 2.44 -9.53 -14.23
C GLY H 86 3.78 -10.04 -14.69
N ILE H 87 4.66 -10.32 -13.72
CA ILE H 87 6.00 -10.75 -14.06
C ILE H 87 6.60 -11.96 -13.37
N THR H 88 5.85 -13.05 -13.24
CA THR H 88 6.45 -14.24 -12.64
C THR H 88 7.61 -14.59 -13.58
N GLU H 89 7.48 -14.13 -14.82
CA GLU H 89 8.48 -14.28 -15.88
C GLU H 89 8.19 -13.11 -16.83
N THR H 90 9.21 -12.36 -17.20
CA THR H 90 9.01 -11.18 -18.04
C THR H 90 9.61 -11.17 -19.42
N TRP H 91 9.02 -10.36 -20.29
CA TRP H 91 9.49 -10.21 -21.66
C TRP H 91 10.40 -8.99 -21.86
N ILE H 92 11.51 -9.21 -22.56
CA ILE H 92 12.46 -8.17 -22.85
C ILE H 92 12.67 -8.07 -24.33
N ILE H 93 12.67 -6.85 -24.83
CA ILE H 93 12.90 -6.62 -26.25
C ILE H 93 14.35 -6.15 -26.36
N GLU H 94 15.03 -6.55 -27.45
CA GLU H 94 16.43 -6.19 -27.65
C GLU H 94 16.65 -5.67 -29.05
N VAL H 95 16.90 -4.38 -29.18
CA VAL H 95 17.15 -3.77 -30.47
C VAL H 95 18.65 -3.60 -30.62
N SER H 96 19.19 -3.87 -31.80
CA SER H 96 20.62 -3.73 -32.04
C SER H 96 20.92 -3.19 -33.42
N VAL H 97 22.19 -2.85 -33.63
CA VAL H 97 22.70 -2.33 -34.90
C VAL H 97 24.18 -2.65 -35.05
N VAL H 98 24.57 -3.21 -36.19
CA VAL H 98 25.98 -3.50 -36.43
C VAL H 98 26.46 -2.71 -37.63
N ASN H 99 27.57 -2.01 -37.46
CA ASN H 99 28.16 -1.20 -38.52
C ASN H 99 29.36 -1.96 -39.05
N PRO H 100 29.14 -2.79 -40.07
CA PRO H 100 30.22 -3.58 -40.67
C PRO H 100 31.41 -2.69 -40.99
N ALA H 101 31.11 -1.45 -41.35
CA ALA H 101 32.13 -0.46 -41.68
C ALA H 101 33.22 -0.35 -40.62
N ASN H 102 32.96 0.45 -39.58
CA ASN H 102 33.94 0.66 -38.51
C ASN H 102 33.96 -0.34 -37.36
N SER H 103 33.52 -1.57 -37.59
CA SER H 103 33.51 -2.55 -36.51
C SER H 103 32.85 -1.89 -35.30
N THR H 104 31.56 -1.61 -35.44
CA THR H 104 30.78 -0.96 -34.41
C THR H 104 29.50 -1.75 -34.08
N MET H 105 29.10 -1.69 -32.81
CA MET H 105 27.88 -2.38 -32.38
C MET H 105 27.11 -1.68 -31.27
N LYS H 106 25.85 -1.34 -31.55
CA LYS H 106 24.95 -0.68 -30.60
C LYS H 106 23.81 -1.62 -30.17
N THR H 107 23.53 -1.69 -28.87
CA THR H 107 22.47 -2.56 -28.40
C THR H 107 21.63 -2.00 -27.27
N TYR H 108 20.34 -1.79 -27.57
CA TYR H 108 19.37 -1.30 -26.60
C TYR H 108 18.49 -2.44 -26.19
N THR H 109 18.08 -2.44 -24.94
CA THR H 109 17.23 -3.48 -24.41
C THR H 109 16.52 -3.07 -23.11
N ARG H 110 15.20 -3.13 -23.13
CA ARG H 110 14.38 -2.79 -21.96
C ARG H 110 13.29 -3.83 -21.79
N ASN H 111 12.57 -3.73 -20.69
CA ASN H 111 11.46 -4.63 -20.43
C ASN H 111 10.31 -4.21 -21.36
N LEU H 112 9.44 -5.17 -21.69
CA LEU H 112 8.33 -4.95 -22.59
C LEU H 112 7.05 -4.53 -21.85
N ASP H 113 6.76 -5.19 -20.73
CA ASP H 113 5.56 -4.90 -19.98
C ASP H 113 5.78 -3.97 -18.79
N HIS H 114 4.68 -3.33 -18.35
CA HIS H 114 4.65 -2.42 -17.19
C HIS H 114 5.48 -1.16 -17.31
N THR H 115 5.87 -0.89 -18.55
CA THR H 115 6.67 0.25 -18.90
C THR H 115 6.33 1.48 -18.07
N GLY H 116 5.05 1.85 -18.03
CA GLY H 116 4.61 3.01 -17.28
C GLY H 116 4.80 3.01 -15.77
N ILE H 117 5.08 1.87 -15.17
CA ILE H 117 5.30 1.84 -13.74
C ILE H 117 6.78 1.66 -13.50
N MET H 118 7.49 1.30 -14.56
CA MET H 118 8.91 1.04 -14.46
C MET H 118 9.48 0.79 -15.84
N LYS H 119 10.48 1.59 -16.24
CA LYS H 119 11.11 1.42 -17.55
C LYS H 119 12.61 1.24 -17.33
N VAL H 120 13.05 -0.01 -17.20
CA VAL H 120 14.46 -0.31 -16.98
C VAL H 120 15.22 -0.55 -18.28
N GLU H 121 15.80 0.52 -18.82
CA GLU H 121 16.56 0.44 -20.07
C GLU H 121 18.03 0.08 -19.88
N GLU H 122 18.72 -0.09 -20.99
CA GLU H 122 20.13 -0.43 -20.96
C GLU H 122 20.79 -0.23 -22.30
N TYR H 123 21.77 0.67 -22.35
CA TYR H 123 22.50 0.90 -23.58
C TYR H 123 23.93 0.39 -23.47
N THR H 124 24.28 -0.59 -24.29
CA THR H 124 25.63 -1.10 -24.29
C THR H 124 26.23 -0.75 -25.65
N THR H 125 27.47 -0.26 -25.65
CA THR H 125 28.17 0.13 -26.88
C THR H 125 29.53 -0.54 -27.09
N TYR H 126 29.61 -1.34 -28.14
CA TYR H 126 30.83 -2.05 -28.45
C TYR H 126 31.65 -1.34 -29.51
N GLN H 127 32.94 -1.17 -29.23
CA GLN H 127 33.89 -0.55 -30.13
C GLN H 127 35.14 -1.40 -30.17
N PHE H 128 35.57 -1.72 -31.39
CA PHE H 128 36.75 -2.54 -31.62
C PHE H 128 37.93 -1.68 -32.02
N ASP H 129 39.09 -1.92 -31.42
CA ASP H 129 40.29 -1.13 -31.72
C ASP H 129 41.39 -1.97 -32.38
N SER H 130 41.74 -1.61 -33.62
CA SER H 130 42.80 -2.31 -34.35
C SER H 130 44.07 -2.22 -33.51
N ALA H 131 44.31 -1.04 -32.96
CA ALA H 131 45.47 -0.76 -32.12
C ALA H 131 45.66 -1.81 -31.02
N THR H 132 44.69 -1.92 -30.11
CA THR H 132 44.79 -2.89 -29.01
C THR H 132 44.49 -4.31 -29.47
N SER H 133 43.82 -4.44 -30.62
CA SER H 133 43.41 -5.74 -31.15
C SER H 133 42.33 -6.28 -30.22
N SER H 134 41.73 -5.35 -29.48
CA SER H 134 40.70 -5.65 -28.48
C SER H 134 39.44 -4.81 -28.70
N THR H 135 38.37 -5.13 -27.96
CA THR H 135 37.08 -4.43 -28.04
C THR H 135 36.55 -3.94 -26.68
N ILE H 136 36.18 -2.66 -26.59
CA ILE H 136 35.65 -2.13 -25.34
C ILE H 136 34.21 -1.68 -25.48
N ALA H 137 33.48 -1.78 -24.38
CA ALA H 137 32.08 -1.37 -24.38
C ALA H 137 31.76 -0.66 -23.08
N ASP H 138 30.84 0.32 -23.14
CA ASP H 138 30.43 0.99 -21.92
C ASP H 138 28.92 0.83 -21.83
N SER H 139 28.47 0.38 -20.65
CA SER H 139 27.07 0.09 -20.38
C SER H 139 26.30 1.03 -19.47
N ARG H 140 25.33 1.76 -20.03
CA ARG H 140 24.49 2.68 -19.25
C ARG H 140 23.13 2.02 -18.95
N VAL H 141 22.82 1.79 -17.66
CA VAL H 141 21.51 1.22 -17.27
C VAL H 141 20.67 2.38 -16.73
N LYS H 142 19.55 2.68 -17.35
CA LYS H 142 18.71 3.78 -16.86
C LYS H 142 17.32 3.34 -16.38
N PHE H 143 16.96 3.79 -15.19
CA PHE H 143 15.64 3.51 -14.63
C PHE H 143 14.81 4.78 -14.74
N SER H 144 13.51 4.61 -14.93
CA SER H 144 12.63 5.74 -15.02
C SER H 144 11.25 5.22 -14.68
N SER H 145 10.44 6.08 -14.09
CA SER H 145 9.08 5.72 -13.70
C SER H 145 8.09 6.83 -14.01
N GLY H 146 6.99 6.46 -14.67
CA GLY H 146 5.97 7.43 -15.02
C GLY H 146 4.92 7.49 -13.94
N PHE H 147 4.77 6.38 -13.22
CA PHE H 147 3.82 6.27 -12.12
C PHE H 147 4.37 7.02 -10.93
N ASN H 148 5.68 7.23 -10.95
CA ASN H 148 6.34 7.92 -9.87
C ASN H 148 6.34 9.41 -10.19
N MET H 149 6.71 9.77 -11.41
CA MET H 149 6.71 11.17 -11.78
C MET H 149 5.30 11.73 -11.53
N GLY H 150 4.29 10.99 -11.93
CA GLY H 150 2.91 11.43 -11.75
C GLY H 150 2.44 11.47 -10.30
N ILE H 151 2.80 10.43 -9.54
CA ILE H 151 2.43 10.36 -8.13
C ILE H 151 3.06 11.58 -7.46
N LYS H 152 4.24 11.98 -7.93
CA LYS H 152 4.94 13.13 -7.36
C LYS H 152 4.33 14.43 -7.82
N SER H 153 4.00 14.54 -9.11
CA SER H 153 3.40 15.76 -9.62
C SER H 153 1.93 15.92 -9.23
N LYS H 154 1.40 14.91 -8.52
CA LYS H 154 0.03 14.96 -8.04
C LYS H 154 0.11 15.79 -6.76
N VAL H 155 0.78 15.24 -5.74
CA VAL H 155 0.92 15.94 -4.45
C VAL H 155 1.37 17.39 -4.54
N GLU H 156 2.18 17.75 -5.55
CA GLU H 156 2.61 19.13 -5.66
C GLU H 156 1.38 19.98 -5.89
N ASP H 157 0.61 19.66 -6.94
CA ASP H 157 -0.62 20.41 -7.23
C ASP H 157 -1.59 20.40 -6.05
N TRP H 158 -1.48 19.39 -5.19
CA TRP H 158 -2.34 19.30 -4.01
C TRP H 158 -2.01 20.52 -3.17
N SER H 159 -0.73 20.67 -2.86
CA SER H 159 -0.30 21.81 -2.07
C SER H 159 -0.64 23.11 -2.81
N ARG H 160 0.03 23.36 -3.94
CA ARG H 160 -0.20 24.56 -4.73
C ARG H 160 -1.67 24.98 -4.78
N THR H 161 -2.55 24.04 -5.12
CA THR H 161 -3.98 24.30 -5.22
C THR H 161 -4.68 24.43 -3.87
N LYS H 162 -4.33 23.56 -2.92
CA LYS H 162 -4.96 23.57 -1.59
C LYS H 162 -4.31 24.53 -0.58
N PHE H 163 -3.42 25.39 -1.06
CA PHE H 163 -2.74 26.37 -0.22
C PHE H 163 -2.97 27.75 -0.81
N ASP H 164 -3.05 27.80 -2.13
CA ASP H 164 -3.31 29.06 -2.81
C ASP H 164 -4.75 29.43 -2.49
N GLU H 165 -5.46 28.51 -1.82
CA GLU H 165 -6.85 28.74 -1.42
C GLU H 165 -7.00 28.56 0.08
N ASN H 166 -5.96 28.01 0.71
CA ASN H 166 -5.95 27.81 2.16
C ASN H 166 -5.36 29.04 2.84
N VAL H 167 -4.75 29.90 2.04
CA VAL H 167 -4.15 31.15 2.54
C VAL H 167 -4.96 32.34 2.02
N LYS H 168 -5.86 32.07 1.08
CA LYS H 168 -6.72 33.11 0.52
C LYS H 168 -7.91 33.17 1.47
N LYS H 169 -8.07 32.09 2.24
CA LYS H 169 -9.15 31.95 3.23
C LYS H 169 -8.67 32.61 4.52
N SER H 170 -7.42 33.07 4.50
CA SER H 170 -6.82 33.76 5.63
C SER H 170 -6.54 35.15 5.09
N ARG H 171 -6.80 35.31 3.80
CA ARG H 171 -6.60 36.59 3.12
C ARG H 171 -7.94 37.28 3.12
N MET H 172 -8.96 36.55 3.54
CA MET H 172 -10.31 37.10 3.59
C MET H 172 -10.70 37.25 5.05
N GLY H 173 -9.89 36.69 5.94
CA GLY H 173 -10.15 36.77 7.36
C GLY H 173 -9.49 38.01 7.95
N MET H 174 -9.08 38.91 7.06
CA MET H 174 -8.43 40.15 7.45
C MET H 174 -9.27 41.33 6.99
N ALA H 175 -10.18 41.06 6.05
CA ALA H 175 -11.07 42.09 5.53
C ALA H 175 -12.21 42.24 6.53
N PHE H 176 -12.26 41.32 7.48
CA PHE H 176 -13.26 41.30 8.54
C PHE H 176 -12.65 41.91 9.80
N ILE I 4 -60.81 2.83 10.91
CA ILE I 4 -59.96 2.62 12.12
C ILE I 4 -58.84 3.68 12.10
N MET I 5 -58.31 3.99 13.29
CA MET I 5 -57.24 4.97 13.45
C MET I 5 -56.20 4.52 14.48
N SER I 6 -54.93 4.69 14.15
CA SER I 6 -53.85 4.26 15.05
C SER I 6 -54.11 4.71 16.47
N ALA I 7 -54.07 3.78 17.39
CA ALA I 7 -54.29 4.11 18.78
C ALA I 7 -52.96 4.33 19.48
N SER I 8 -52.97 5.12 20.54
CA SER I 8 -51.75 5.35 21.31
C SER I 8 -51.68 4.18 22.30
N PHE I 9 -50.48 3.80 22.73
CA PHE I 9 -50.35 2.68 23.65
C PHE I 9 -51.18 2.88 24.90
N ALA I 10 -51.56 4.14 25.15
CA ALA I 10 -52.37 4.53 26.29
C ALA I 10 -53.60 5.29 25.80
N PRO I 11 -54.76 4.62 25.71
CA PRO I 11 -56.05 5.17 25.25
C PRO I 11 -56.43 6.57 25.70
N GLU I 12 -55.65 7.13 26.63
CA GLU I 12 -55.90 8.47 27.14
C GLU I 12 -55.36 9.52 26.16
N CYS I 13 -54.34 9.15 25.39
CA CYS I 13 -53.71 10.05 24.42
C CYS I 13 -54.15 9.85 22.98
N THR I 14 -54.76 8.71 22.69
CA THR I 14 -55.22 8.44 21.33
C THR I 14 -55.96 9.65 20.82
N ASP I 15 -56.85 10.17 21.67
CA ASP I 15 -57.66 11.34 21.36
C ASP I 15 -56.77 12.42 20.72
N LEU I 16 -55.81 12.91 21.49
CA LEU I 16 -54.89 13.96 21.03
C LEU I 16 -53.80 13.53 20.05
N LYS I 17 -53.72 12.25 19.74
CA LYS I 17 -52.71 11.83 18.78
C LYS I 17 -53.34 11.96 17.41
N THR I 18 -54.60 11.56 17.30
CA THR I 18 -55.31 11.62 16.03
C THR I 18 -55.22 13.01 15.42
N LYS I 19 -54.87 13.99 16.24
CA LYS I 19 -54.77 15.38 15.76
C LYS I 19 -53.34 15.79 15.46
N TYR I 20 -52.44 15.63 16.42
CA TYR I 20 -51.05 15.97 16.18
C TYR I 20 -50.65 15.35 14.85
N ASP I 21 -50.90 14.05 14.73
CA ASP I 21 -50.58 13.31 13.51
C ASP I 21 -51.24 13.96 12.29
N SER I 22 -52.45 14.51 12.49
CA SER I 22 -53.19 15.18 11.40
C SER I 22 -52.43 16.41 10.99
N CYS I 23 -52.17 17.26 11.98
CA CYS I 23 -51.44 18.48 11.73
C CYS I 23 -50.15 18.12 11.01
N PHE I 24 -49.43 17.13 11.56
CA PHE I 24 -48.15 16.69 10.99
C PHE I 24 -48.22 16.39 9.49
N ASN I 25 -49.15 15.52 9.09
CA ASN I 25 -49.33 15.15 7.69
C ASN I 25 -49.37 16.39 6.80
N GLU I 26 -50.16 17.38 7.22
CA GLU I 26 -50.27 18.64 6.48
C GLU I 26 -48.86 19.20 6.34
N TRP I 27 -48.34 19.72 7.45
CA TRP I 27 -47.00 20.29 7.48
C TRP I 27 -46.08 19.51 6.54
N TYR I 28 -45.69 18.32 6.97
CA TYR I 28 -44.79 17.47 6.20
C TYR I 28 -45.13 17.42 4.71
N SER I 29 -46.34 17.01 4.37
CA SER I 29 -46.70 16.89 2.98
C SER I 29 -46.75 18.20 2.22
N GLU I 30 -47.29 19.24 2.85
CA GLU I 30 -47.38 20.53 2.17
C GLU I 30 -46.17 21.41 2.35
N LYS I 31 -45.89 21.77 3.60
CA LYS I 31 -44.75 22.62 3.88
C LYS I 31 -43.42 21.91 3.67
N PHE I 32 -42.87 21.35 4.75
CA PHE I 32 -41.58 20.65 4.76
C PHE I 32 -41.04 20.02 3.45
N LEU I 33 -41.66 18.94 2.99
CA LEU I 33 -41.22 18.25 1.77
C LEU I 33 -41.18 19.16 0.55
N LYS I 34 -41.83 20.32 0.66
CA LYS I 34 -41.87 21.29 -0.43
C LYS I 34 -40.98 22.45 -0.06
N GLY I 35 -39.88 22.14 0.62
CA GLY I 35 -38.96 23.19 1.02
C GLY I 35 -39.67 24.32 1.75
N LYS I 36 -40.59 23.99 2.66
CA LYS I 36 -41.26 25.06 3.38
C LYS I 36 -40.63 25.38 4.72
N SER I 37 -40.83 26.63 5.10
CA SER I 37 -40.22 27.25 6.26
C SER I 37 -40.37 27.00 7.76
N VAL I 38 -39.41 27.68 8.41
CA VAL I 38 -39.09 27.81 9.83
C VAL I 38 -39.94 27.20 10.94
N GLU I 39 -40.90 27.98 11.44
CA GLU I 39 -41.80 27.60 12.52
C GLU I 39 -42.31 26.15 12.52
N ASN I 40 -42.37 25.52 13.69
CA ASN I 40 -42.91 24.16 13.78
C ASN I 40 -44.37 24.42 14.13
N GLU I 41 -45.18 24.59 13.08
CA GLU I 41 -46.60 24.88 13.17
C GLU I 41 -47.33 24.01 14.19
N CYS I 42 -47.28 22.71 13.97
CA CYS I 42 -47.96 21.76 14.84
C CYS I 42 -47.50 21.73 16.29
N SER I 43 -46.84 22.79 16.75
CA SER I 43 -46.35 22.81 18.12
C SER I 43 -47.37 22.54 19.21
N LYS I 44 -48.45 23.30 19.22
CA LYS I 44 -49.47 23.17 20.25
C LYS I 44 -50.27 21.85 20.37
N GLN I 45 -50.02 20.87 19.49
CA GLN I 45 -50.71 19.57 19.57
C GLN I 45 -49.66 18.57 20.01
N TRP I 46 -48.42 18.94 19.73
CA TRP I 46 -47.24 18.16 20.09
C TRP I 46 -47.07 18.31 21.59
N TYR I 47 -47.40 19.50 22.10
CA TYR I 47 -47.27 19.76 23.52
C TYR I 47 -48.27 18.94 24.33
N ALA I 48 -49.50 18.86 23.84
CA ALA I 48 -50.51 18.09 24.53
C ALA I 48 -50.13 16.63 24.48
N TYR I 49 -50.10 16.09 23.26
CA TYR I 49 -49.77 14.70 23.03
C TYR I 49 -48.57 14.19 23.82
N THR I 50 -47.38 14.60 23.43
CA THR I 50 -46.15 14.18 24.10
C THR I 50 -46.31 14.20 25.62
N THR I 51 -47.11 15.16 26.10
CA THR I 51 -47.39 15.35 27.52
C THR I 51 -48.24 14.22 28.09
N CYS I 52 -49.23 13.81 27.32
CA CYS I 52 -50.11 12.72 27.72
C CYS I 52 -49.35 11.41 27.57
N VAL I 53 -48.31 11.42 26.74
CA VAL I 53 -47.48 10.23 26.50
C VAL I 53 -46.36 10.09 27.52
N ASN I 54 -45.49 11.11 27.65
CA ASN I 54 -44.40 11.08 28.63
C ASN I 54 -44.97 10.57 29.93
N ALA I 55 -46.04 11.24 30.36
CA ALA I 55 -46.76 10.92 31.59
C ALA I 55 -47.24 9.49 31.64
N ALA I 56 -47.57 8.94 30.48
CA ALA I 56 -48.06 7.57 30.40
C ALA I 56 -46.88 6.60 30.30
N LEU I 57 -45.76 7.09 29.79
CA LEU I 57 -44.57 6.27 29.66
C LEU I 57 -43.96 6.00 31.03
N VAL I 58 -44.31 6.81 32.00
CA VAL I 58 -43.77 6.64 33.35
C VAL I 58 -44.61 5.74 34.24
N LYS I 59 -45.93 5.81 34.10
CA LYS I 59 -46.81 4.95 34.91
C LYS I 59 -46.33 3.52 34.63
N GLN I 60 -46.31 3.16 33.34
CA GLN I 60 -45.82 1.85 32.91
C GLN I 60 -44.31 2.03 33.08
N GLY I 61 -43.56 0.94 33.27
CA GLY I 61 -42.13 1.08 33.46
C GLY I 61 -41.28 0.93 32.21
N ILE I 62 -41.81 1.36 31.09
CA ILE I 62 -41.09 1.24 29.83
C ILE I 62 -40.08 2.37 29.60
N LYS I 63 -40.43 3.59 30.03
CA LYS I 63 -39.56 4.74 29.85
C LYS I 63 -38.10 4.46 30.16
N PRO I 64 -37.83 3.71 31.24
CA PRO I 64 -36.42 3.44 31.56
C PRO I 64 -35.78 2.75 30.37
N ALA I 65 -36.45 1.72 29.88
CA ALA I 65 -35.97 0.97 28.74
C ALA I 65 -35.83 1.91 27.55
N LEU I 66 -36.91 2.64 27.27
CA LEU I 66 -36.92 3.56 26.15
C LEU I 66 -35.75 4.54 26.04
N ASP I 67 -35.76 5.64 26.81
CA ASP I 67 -34.68 6.62 26.72
C ASP I 67 -33.29 6.03 26.88
N GLU I 68 -33.22 4.71 27.00
CA GLU I 68 -31.94 4.03 27.10
C GLU I 68 -31.49 3.92 25.64
N ALA I 69 -32.44 3.54 24.79
CA ALA I 69 -32.20 3.36 23.37
C ALA I 69 -31.90 4.64 22.60
N ARG I 70 -32.68 5.70 22.85
CA ARG I 70 -32.48 6.96 22.15
C ARG I 70 -31.07 7.51 22.33
N GLU I 71 -30.22 6.75 23.02
CA GLU I 71 -28.83 7.15 23.24
C GLU I 71 -28.01 6.73 22.01
N GLU I 72 -28.33 5.55 21.50
CA GLU I 72 -27.67 4.98 20.32
C GLU I 72 -27.87 5.86 19.11
N ALA I 73 -27.06 5.63 18.08
CA ALA I 73 -27.17 6.39 16.84
C ALA I 73 -27.11 5.36 15.72
N PRO I 74 -28.17 4.54 15.57
CA PRO I 74 -28.22 3.51 14.53
C PRO I 74 -27.68 3.95 13.17
N PHE I 75 -27.61 5.27 12.96
CA PHE I 75 -27.11 5.81 11.71
C PHE I 75 -25.75 6.49 11.91
N GLU I 76 -25.41 6.77 13.17
CA GLU I 76 -24.14 7.37 13.57
C GLU I 76 -23.98 8.85 13.24
N MET J 15 -21.59 -12.35 15.41
CA MET J 15 -22.99 -11.95 15.73
C MET J 15 -23.61 -11.04 14.67
N VAL J 16 -24.55 -11.61 13.90
CA VAL J 16 -25.34 -10.99 12.81
C VAL J 16 -25.87 -12.06 11.87
N LEU J 17 -27.09 -11.88 11.35
CA LEU J 17 -27.67 -12.85 10.41
C LEU J 17 -28.56 -12.15 9.41
N LEU J 18 -29.50 -12.84 8.73
CA LEU J 18 -30.25 -12.07 7.75
C LEU J 18 -31.61 -12.44 7.11
N HIS J 19 -31.76 -11.78 5.97
CA HIS J 19 -32.79 -11.78 4.94
C HIS J 19 -32.47 -10.44 4.30
N LYS J 20 -32.11 -10.44 3.03
CA LYS J 20 -31.83 -9.15 2.41
C LYS J 20 -32.44 -9.06 1.02
N SER J 21 -33.11 -7.95 0.73
CA SER J 21 -33.70 -7.77 -0.58
C SER J 21 -33.90 -6.31 -0.87
N THR J 22 -34.23 -6.03 -2.12
CA THR J 22 -34.46 -4.69 -2.57
C THR J 22 -35.73 -4.73 -3.39
N HIS J 23 -36.63 -3.76 -3.20
CA HIS J 23 -37.89 -3.78 -3.92
C HIS J 23 -38.32 -2.40 -4.48
N ILE J 24 -38.96 -2.37 -5.65
CA ILE J 24 -39.37 -1.09 -6.22
C ILE J 24 -40.85 -0.73 -6.13
N PHE J 25 -41.11 0.49 -5.63
CA PHE J 25 -42.44 1.07 -5.48
C PHE J 25 -42.67 2.04 -6.66
N PRO J 26 -43.80 1.90 -7.36
CA PRO J 26 -44.12 2.77 -8.48
C PRO J 26 -44.81 3.99 -7.91
N THR J 27 -44.08 4.79 -7.15
CA THR J 27 -44.69 5.96 -6.55
C THR J 27 -43.72 7.09 -6.32
N ASP J 28 -44.27 8.28 -6.16
CA ASP J 28 -43.46 9.45 -5.91
C ASP J 28 -42.97 9.27 -4.47
N PHE J 29 -41.89 9.98 -4.13
CA PHE J 29 -41.28 9.90 -2.80
C PHE J 29 -42.14 10.41 -1.67
N ALA J 30 -42.87 11.49 -1.93
CA ALA J 30 -43.74 12.09 -0.95
C ALA J 30 -44.85 11.10 -0.56
N SER J 31 -45.25 10.27 -1.52
CA SER J 31 -46.27 9.28 -1.24
C SER J 31 -45.66 8.22 -0.34
N VAL J 32 -44.51 7.68 -0.74
CA VAL J 32 -43.87 6.66 0.06
C VAL J 32 -43.51 7.13 1.47
N SER J 33 -42.89 8.30 1.57
CA SER J 33 -42.51 8.77 2.90
C SER J 33 -43.71 9.12 3.75
N ARG J 34 -44.80 9.53 3.11
CA ARG J 34 -45.99 9.90 3.83
C ARG J 34 -46.68 8.63 4.27
N ALA J 35 -46.70 7.64 3.38
CA ALA J 35 -47.31 6.33 3.64
C ALA J 35 -46.66 5.72 4.87
N PHE J 36 -45.34 5.57 4.81
CA PHE J 36 -44.58 4.98 5.91
C PHE J 36 -44.94 5.55 7.26
N PHE J 37 -45.13 6.86 7.34
CA PHE J 37 -45.43 7.50 8.60
C PHE J 37 -46.83 7.15 9.06
N ASN J 38 -47.61 6.56 8.16
CA ASN J 38 -49.00 6.19 8.45
C ASN J 38 -49.31 4.80 7.94
N ARG J 39 -48.33 3.92 7.95
CA ARG J 39 -48.53 2.57 7.43
C ARG J 39 -49.48 1.73 8.27
N TYR J 40 -49.63 2.11 9.54
CA TYR J 40 -50.50 1.42 10.49
C TYR J 40 -51.69 2.31 10.85
N PRO J 41 -52.91 1.76 10.81
CA PRO J 41 -53.28 0.39 10.45
C PRO J 41 -53.37 0.02 8.97
N ASN J 42 -53.25 -1.28 8.72
CA ASN J 42 -53.34 -1.81 7.36
C ASN J 42 -53.66 -3.31 7.40
N PRO J 43 -54.23 -3.84 6.32
CA PRO J 43 -54.60 -5.26 6.20
C PRO J 43 -53.56 -6.28 6.56
N TYR J 44 -52.28 -5.91 6.53
CA TYR J 44 -51.24 -6.89 6.79
C TYR J 44 -50.40 -6.64 8.02
N SER J 45 -50.91 -5.84 8.94
CA SER J 45 -50.21 -5.51 10.18
C SER J 45 -51.12 -5.79 11.36
N PRO J 46 -51.73 -6.98 11.40
CA PRO J 46 -52.63 -7.34 12.49
C PRO J 46 -51.99 -7.31 13.87
N HIS J 47 -50.67 -7.47 13.91
CA HIS J 47 -49.94 -7.49 15.15
C HIS J 47 -49.58 -6.13 15.72
N VAL J 48 -49.68 -5.09 14.91
CA VAL J 48 -49.33 -3.77 15.43
C VAL J 48 -50.45 -3.20 16.28
N LEU J 49 -50.27 -3.30 17.59
CA LEU J 49 -51.28 -2.82 18.52
C LEU J 49 -51.37 -1.31 18.60
N SER J 50 -50.24 -0.66 18.85
CA SER J 50 -50.22 0.79 18.93
C SER J 50 -49.01 1.32 18.18
N ILE J 51 -48.69 2.60 18.39
CA ILE J 51 -47.54 3.28 17.78
C ILE J 51 -47.61 4.75 18.15
N ASP J 52 -46.56 5.25 18.80
CA ASP J 52 -46.56 6.65 19.19
C ASP J 52 -45.28 7.34 18.77
N THR J 53 -45.32 8.65 18.65
CA THR J 53 -44.16 9.41 18.26
C THR J 53 -43.53 9.93 19.53
N ILE J 54 -42.33 9.45 19.89
CA ILE J 54 -41.67 9.87 21.12
C ILE J 54 -40.90 11.19 21.00
N SER J 55 -40.48 11.52 19.79
CA SER J 55 -39.75 12.77 19.57
C SER J 55 -39.52 12.98 18.07
N ARG J 56 -40.12 14.04 17.54
CA ARG J 56 -39.98 14.36 16.12
C ARG J 56 -38.97 15.46 16.11
N ASN J 57 -38.42 15.82 14.95
CA ASN J 57 -37.39 16.85 14.96
C ASN J 57 -36.78 17.18 13.59
N VAL J 58 -35.99 18.26 13.55
CA VAL J 58 -35.30 18.67 12.33
C VAL J 58 -33.87 19.00 12.74
N ASP J 59 -32.90 18.45 12.03
CA ASP J 59 -31.51 18.69 12.37
C ASP J 59 -30.88 19.78 11.54
N GLN J 60 -29.67 20.16 11.92
CA GLN J 60 -28.92 21.20 11.25
C GLN J 60 -28.48 20.77 9.86
N GLU J 61 -29.48 20.49 9.02
CA GLU J 61 -29.26 20.08 7.64
C GLU J 61 -30.62 20.04 6.99
N GLY J 62 -31.65 20.19 7.82
CA GLY J 62 -33.00 20.14 7.31
C GLY J 62 -33.43 18.73 6.97
N ASN J 63 -33.31 17.83 7.95
CA ASN J 63 -33.73 16.43 7.80
C ASN J 63 -34.60 16.06 8.99
N LEU J 64 -35.73 15.42 8.72
CA LEU J 64 -36.68 15.07 9.76
C LEU J 64 -36.30 13.84 10.58
N ARG J 65 -35.80 14.09 11.79
CA ARG J 65 -35.39 13.02 12.71
C ARG J 65 -36.64 12.54 13.44
N THR J 66 -37.00 11.27 13.29
CA THR J 66 -38.20 10.79 13.97
C THR J 66 -38.12 9.45 14.69
N THR J 67 -38.01 9.52 16.02
CA THR J 67 -37.97 8.34 16.85
C THR J 67 -39.39 8.03 17.32
N ARG J 68 -39.87 6.83 17.03
CA ARG J 68 -41.21 6.41 17.45
C ARG J 68 -41.18 5.12 18.25
N LEU J 69 -42.28 4.85 18.93
CA LEU J 69 -42.38 3.66 19.77
C LEU J 69 -43.57 2.78 19.39
N LEU J 70 -43.29 1.66 18.72
CA LEU J 70 -44.34 0.72 18.33
C LEU J 70 -44.58 -0.33 19.39
N LYS J 71 -45.76 -0.95 19.33
CA LYS J 71 -46.10 -2.02 20.27
C LYS J 71 -46.87 -3.09 19.55
N LYS J 72 -46.17 -4.15 19.16
CA LYS J 72 -46.78 -5.26 18.46
C LYS J 72 -47.21 -6.34 19.47
N SER J 73 -47.71 -7.45 18.97
CA SER J 73 -48.14 -8.56 19.82
C SER J 73 -47.73 -9.86 19.20
N GLY J 74 -46.68 -10.47 19.74
CA GLY J 74 -46.20 -11.74 19.22
C GLY J 74 -47.30 -12.78 19.19
N LYS J 75 -47.03 -13.90 18.54
CA LYS J 75 -48.01 -14.98 18.45
C LYS J 75 -47.43 -16.20 19.13
N LEU J 76 -47.87 -16.43 20.36
CA LEU J 76 -47.43 -17.57 21.15
C LEU J 76 -48.53 -18.63 21.10
N PRO J 77 -48.17 -19.91 20.90
CA PRO J 77 -49.10 -21.04 20.83
C PRO J 77 -50.43 -20.81 21.56
N THR J 78 -50.37 -20.03 22.64
CA THR J 78 -51.51 -19.57 23.46
C THR J 78 -52.04 -20.32 24.69
N TRP J 79 -51.38 -21.41 25.10
CA TRP J 79 -51.78 -22.06 26.36
C TRP J 79 -50.71 -21.43 27.23
N VAL J 80 -49.93 -20.74 26.52
CA VAL J 80 -48.84 -20.16 27.06
C VAL J 80 -49.24 -18.79 27.36
N LYS J 81 -49.69 -18.14 26.34
CA LYS J 81 -49.91 -16.69 26.35
C LYS J 81 -50.61 -16.27 27.51
N PRO J 82 -51.35 -17.27 28.11
CA PRO J 82 -51.77 -16.95 29.42
C PRO J 82 -50.70 -16.72 30.32
N PHE J 83 -49.67 -17.48 30.28
CA PHE J 83 -48.80 -17.48 31.39
C PHE J 83 -47.96 -16.31 31.22
N LEU J 84 -48.42 -15.27 30.63
CA LEU J 84 -47.73 -14.00 30.58
C LEU J 84 -46.41 -14.15 30.04
N ARG J 85 -46.17 -15.27 29.37
CA ARG J 85 -45.04 -16.10 29.55
C ARG J 85 -43.90 -15.28 29.34
N GLY J 86 -43.97 -14.05 28.85
CA GLY J 86 -42.87 -13.07 28.84
C GLY J 86 -43.03 -11.56 28.46
N ILE J 87 -42.69 -11.38 27.21
CA ILE J 87 -43.16 -10.29 26.54
C ILE J 87 -43.83 -11.36 25.76
N THR J 88 -45.16 -11.35 25.79
CA THR J 88 -46.15 -11.52 24.83
C THR J 88 -46.23 -10.43 23.88
N GLU J 89 -46.05 -9.21 24.30
CA GLU J 89 -46.35 -8.08 23.60
C GLU J 89 -45.03 -7.75 23.39
N THR J 90 -44.65 -6.63 22.90
CA THR J 90 -43.32 -6.29 22.54
C THR J 90 -43.20 -4.90 22.35
N TRP J 91 -42.18 -4.24 22.46
CA TRP J 91 -42.25 -2.88 22.35
C TRP J 91 -41.19 -2.64 21.57
N ILE J 92 -41.32 -1.79 20.66
CA ILE J 92 -40.38 -1.55 19.57
C ILE J 92 -40.09 -0.08 19.31
N ILE J 93 -38.82 0.25 19.11
CA ILE J 93 -38.46 1.62 18.81
C ILE J 93 -38.18 1.68 17.33
N GLU J 94 -38.60 2.77 16.70
CA GLU J 94 -38.44 3.02 15.26
C GLU J 94 -37.75 4.38 15.07
N VAL J 95 -36.66 4.42 14.32
CA VAL J 95 -35.94 5.67 14.09
C VAL J 95 -35.81 5.99 12.60
N SER J 96 -36.19 7.21 12.22
CA SER J 96 -36.17 7.63 10.83
C SER J 96 -35.54 8.99 10.51
N VAL J 97 -35.06 9.11 9.27
CA VAL J 97 -34.43 10.33 8.78
C VAL J 97 -34.91 10.67 7.38
N VAL J 98 -35.71 11.73 7.25
CA VAL J 98 -36.22 12.13 5.94
C VAL J 98 -35.34 13.27 5.45
N ASN J 99 -34.67 13.01 4.33
CA ASN J 99 -33.78 13.99 3.70
C ASN J 99 -34.54 14.63 2.53
N PRO J 100 -35.25 15.74 2.78
CA PRO J 100 -36.01 16.44 1.75
C PRO J 100 -35.16 16.96 0.61
N ALA J 101 -33.88 17.14 0.90
CA ALA J 101 -32.92 17.65 -0.08
C ALA J 101 -32.83 16.73 -1.28
N ASN J 102 -32.48 15.47 -1.05
CA ASN J 102 -32.32 14.48 -2.12
C ASN J 102 -33.39 13.36 -2.20
N SER J 103 -34.59 13.64 -1.70
CA SER J 103 -35.68 12.64 -1.72
C SER J 103 -35.10 11.30 -1.31
N THR J 104 -34.74 11.23 -0.03
CA THR J 104 -34.13 10.06 0.58
C THR J 104 -34.63 9.83 2.01
N MET J 105 -34.75 8.57 2.41
CA MET J 105 -35.22 8.25 3.76
C MET J 105 -34.63 6.95 4.30
N LYS J 106 -34.27 6.96 5.58
CA LYS J 106 -33.70 5.79 6.23
C LYS J 106 -34.53 5.43 7.47
N THR J 107 -34.93 4.17 7.58
CA THR J 107 -35.72 3.73 8.72
C THR J 107 -34.98 2.64 9.43
N TYR J 108 -35.22 2.52 10.74
CA TYR J 108 -34.54 1.52 11.54
C TYR J 108 -35.39 1.06 12.72
N THR J 109 -35.59 -0.25 12.87
CA THR J 109 -36.35 -0.76 14.01
C THR J 109 -35.61 -1.94 14.66
N ARG J 110 -36.09 -2.34 15.83
CA ARG J 110 -35.52 -3.43 16.59
C ARG J 110 -36.33 -3.57 17.86
N ASN J 111 -36.40 -4.77 18.42
CA ASN J 111 -37.13 -4.99 19.66
C ASN J 111 -36.55 -4.04 20.67
N LEU J 112 -37.17 -3.94 21.83
CA LEU J 112 -36.69 -3.01 22.84
C LEU J 112 -36.34 -3.73 24.11
N ASP J 113 -36.89 -4.92 24.25
CA ASP J 113 -36.65 -5.69 25.45
C ASP J 113 -36.25 -7.10 25.12
N HIS J 114 -35.42 -7.67 25.99
CA HIS J 114 -34.89 -9.04 25.87
C HIS J 114 -33.77 -9.11 24.83
N THR J 115 -33.18 -7.94 24.59
CA THR J 115 -32.09 -7.76 23.66
C THR J 115 -31.02 -8.77 23.94
N GLY J 116 -30.77 -8.98 25.21
CA GLY J 116 -29.76 -9.94 25.58
C GLY J 116 -30.09 -11.27 24.98
N ILE J 117 -31.38 -11.55 24.83
CA ILE J 117 -31.81 -12.82 24.30
C ILE J 117 -32.19 -12.80 22.84
N MET J 118 -32.18 -11.62 22.22
CA MET J 118 -32.50 -11.50 20.80
C MET J 118 -32.55 -10.07 20.43
N LYS J 119 -31.89 -9.73 19.33
CA LYS J 119 -31.89 -8.36 18.87
C LYS J 119 -32.15 -8.41 17.39
N VAL J 120 -33.38 -8.09 16.99
CA VAL J 120 -33.73 -8.09 15.59
C VAL J 120 -33.69 -6.65 15.12
N GLU J 121 -32.86 -6.37 14.12
CA GLU J 121 -32.75 -5.03 13.61
C GLU J 121 -33.23 -5.03 12.20
N GLU J 122 -33.82 -3.91 11.79
CA GLU J 122 -34.34 -3.79 10.44
C GLU J 122 -33.82 -2.46 9.87
N TYR J 123 -32.98 -2.55 8.85
CA TYR J 123 -32.43 -1.37 8.22
C TYR J 123 -33.00 -1.29 6.81
N THR J 124 -33.92 -0.34 6.60
CA THR J 124 -34.53 -0.16 5.30
C THR J 124 -34.23 1.25 4.81
N THR J 125 -34.16 1.41 3.49
CA THR J 125 -33.84 2.70 2.93
C THR J 125 -34.58 3.11 1.65
N TYR J 126 -35.46 4.10 1.80
CA TYR J 126 -36.26 4.65 0.70
C TYR J 126 -35.43 5.68 -0.02
N GLN J 127 -35.45 5.60 -1.35
CA GLN J 127 -34.62 6.44 -2.22
C GLN J 127 -35.37 6.75 -3.54
N PHE J 128 -35.55 8.03 -3.86
CA PHE J 128 -36.27 8.37 -5.10
C PHE J 128 -35.42 8.40 -6.37
N ASP J 129 -36.04 8.04 -7.49
CA ASP J 129 -35.35 7.99 -8.75
C ASP J 129 -36.17 8.63 -9.87
N SER J 130 -35.71 9.79 -10.32
CA SER J 130 -36.37 10.53 -11.38
C SER J 130 -36.48 9.78 -12.69
N ALA J 131 -35.44 9.03 -13.02
CA ALA J 131 -35.41 8.26 -14.27
C ALA J 131 -36.64 7.40 -14.59
N THR J 132 -37.16 6.71 -13.59
CA THR J 132 -38.33 5.84 -13.80
C THR J 132 -39.49 6.37 -12.95
N SER J 133 -39.26 7.50 -12.28
CA SER J 133 -40.27 8.11 -11.42
C SER J 133 -40.74 6.99 -10.50
N SER J 134 -39.80 6.44 -9.74
CA SER J 134 -40.09 5.36 -8.80
C SER J 134 -39.27 5.51 -7.53
N THR J 135 -39.53 4.65 -6.55
CA THR J 135 -38.77 4.69 -5.31
C THR J 135 -38.18 3.33 -5.04
N ILE J 136 -36.89 3.28 -4.72
CA ILE J 136 -36.23 2.01 -4.44
C ILE J 136 -36.08 1.79 -2.94
N ALA J 137 -36.36 0.55 -2.53
CA ALA J 137 -36.25 0.16 -1.13
C ALA J 137 -35.15 -0.87 -0.95
N ASP J 138 -34.27 -0.64 0.03
CA ASP J 138 -33.16 -1.54 0.35
C ASP J 138 -33.44 -1.96 1.79
N SER J 139 -33.96 -3.18 1.95
CA SER J 139 -34.31 -3.67 3.29
C SER J 139 -33.36 -4.78 3.79
N ARG J 140 -33.01 -4.73 5.07
CA ARG J 140 -32.08 -5.70 5.65
C ARG J 140 -32.48 -6.08 7.08
N VAL J 141 -32.62 -7.39 7.33
CA VAL J 141 -32.99 -7.87 8.68
C VAL J 141 -31.94 -8.80 9.26
N LYS J 142 -31.19 -8.31 10.25
CA LYS J 142 -30.15 -9.11 10.87
C LYS J 142 -30.43 -9.45 12.32
N PHE J 143 -30.24 -10.72 12.70
CA PHE J 143 -30.49 -11.25 14.06
C PHE J 143 -29.22 -11.31 14.91
N SER J 144 -29.33 -11.02 16.20
CA SER J 144 -28.17 -11.06 17.12
C SER J 144 -28.55 -11.92 18.32
N SER J 145 -27.66 -12.08 19.30
CA SER J 145 -28.00 -12.91 20.47
C SER J 145 -26.96 -13.11 21.58
N GLY J 146 -26.66 -12.06 22.33
CA GLY J 146 -25.69 -12.18 23.39
C GLY J 146 -25.76 -13.51 24.13
N PHE J 147 -26.97 -13.96 24.40
CA PHE J 147 -27.20 -15.22 25.13
C PHE J 147 -26.59 -16.38 24.37
N ASN J 148 -27.30 -16.81 23.35
CA ASN J 148 -26.84 -17.90 22.51
C ASN J 148 -25.32 -17.84 22.34
N MET J 149 -24.80 -16.70 21.91
CA MET J 149 -23.36 -16.54 21.73
C MET J 149 -22.61 -16.96 23.00
N GLY J 150 -23.05 -16.45 24.15
CA GLY J 150 -22.42 -16.78 25.40
C GLY J 150 -22.40 -18.26 25.71
N ILE J 151 -23.41 -19.00 25.26
CA ILE J 151 -23.42 -20.43 25.52
C ILE J 151 -22.37 -21.06 24.62
N LYS J 152 -22.52 -20.93 23.31
CA LYS J 152 -21.55 -21.49 22.35
C LYS J 152 -20.14 -21.15 22.82
N SER J 153 -19.96 -19.91 23.26
CA SER J 153 -18.67 -19.48 23.75
C SER J 153 -18.18 -20.34 24.92
N LYS J 154 -18.98 -20.46 25.98
CA LYS J 154 -18.55 -21.26 27.10
C LYS J 154 -18.28 -22.70 26.66
N VAL J 155 -19.25 -23.32 26.00
CA VAL J 155 -19.09 -24.69 25.51
C VAL J 155 -17.74 -24.89 24.78
N GLU J 156 -17.29 -23.90 24.03
CA GLU J 156 -16.02 -24.06 23.36
C GLU J 156 -14.91 -24.08 24.42
N ASP J 157 -14.89 -23.07 25.30
CA ASP J 157 -13.89 -23.04 26.36
C ASP J 157 -13.72 -24.44 26.93
N TRP J 158 -14.83 -25.02 27.36
CA TRP J 158 -14.86 -26.36 27.92
C TRP J 158 -14.14 -27.33 27.00
N SER J 159 -14.76 -27.59 25.84
CA SER J 159 -14.20 -28.51 24.85
C SER J 159 -12.72 -28.29 24.69
N ARG J 160 -12.35 -27.13 24.19
CA ARG J 160 -10.93 -26.83 24.01
C ARG J 160 -10.14 -27.24 25.25
N THR J 161 -10.72 -27.13 26.44
CA THR J 161 -10.01 -27.53 27.63
C THR J 161 -10.01 -29.05 27.79
N LYS J 162 -11.00 -29.72 27.23
CA LYS J 162 -11.03 -31.18 27.33
C LYS J 162 -9.89 -31.72 26.44
N PHE J 163 -9.94 -31.54 25.13
CA PHE J 163 -8.84 -31.98 24.24
C PHE J 163 -7.57 -31.75 25.05
N ASP J 164 -7.38 -30.50 25.46
CA ASP J 164 -6.23 -30.08 26.24
C ASP J 164 -5.85 -31.07 27.32
N GLU J 165 -6.63 -31.13 28.40
CA GLU J 165 -6.31 -32.05 29.47
C GLU J 165 -6.16 -33.47 28.93
N ASN J 166 -7.11 -33.90 28.11
CA ASN J 166 -7.08 -35.25 27.55
C ASN J 166 -5.69 -35.58 27.02
N VAL J 167 -5.37 -35.10 25.83
CA VAL J 167 -4.08 -35.36 25.22
C VAL J 167 -2.90 -35.27 26.19
N LYS J 168 -2.94 -34.32 27.12
CA LYS J 168 -1.85 -34.18 28.08
C LYS J 168 -1.66 -35.48 28.86
N LYS J 169 -2.78 -36.03 29.32
CA LYS J 169 -2.78 -37.26 30.10
C LYS J 169 -2.47 -38.44 29.21
N SER J 170 -2.79 -38.38 27.93
CA SER J 170 -2.48 -39.51 27.08
C SER J 170 -0.96 -39.62 27.01
N ARG J 171 -0.33 -38.47 26.80
CA ARG J 171 1.12 -38.41 26.67
C ARG J 171 1.80 -38.64 28.01
N MET J 172 1.41 -37.94 29.05
CA MET J 172 2.01 -38.23 30.33
C MET J 172 1.84 -39.73 30.57
N GLY J 173 0.81 -40.28 29.94
CA GLY J 173 0.50 -41.69 30.06
C GLY J 173 1.57 -42.53 29.40
N MET J 174 1.72 -42.40 28.10
CA MET J 174 2.74 -43.16 27.41
C MET J 174 4.13 -42.95 28.04
N ALA J 175 4.44 -41.74 28.46
CA ALA J 175 5.74 -41.52 29.05
C ALA J 175 5.86 -42.51 30.19
N PHE J 176 4.77 -42.74 30.89
CA PHE J 176 4.76 -43.67 32.02
C PHE J 176 4.98 -45.09 31.55
N VAL J 177 4.24 -45.49 30.51
CA VAL J 177 4.37 -46.82 29.95
C VAL J 177 5.78 -46.98 29.37
N ILE J 178 6.45 -45.85 29.15
CA ILE J 178 7.80 -45.87 28.62
C ILE J 178 8.84 -45.86 29.74
N GLN J 179 8.46 -45.33 30.90
CA GLN J 179 9.43 -45.26 31.99
C GLN J 179 9.59 -46.55 32.77
N LYS J 180 8.52 -47.03 33.38
CA LYS J 180 8.59 -48.26 34.17
C LYS J 180 8.72 -49.51 33.31
N LEU J 181 8.42 -49.37 32.01
CA LEU J 181 8.52 -50.49 31.06
C LEU J 181 9.91 -50.48 30.41
N GLU J 182 10.89 -50.05 31.21
CA GLU J 182 12.30 -49.98 30.84
C GLU J 182 13.10 -50.00 32.15
N GLU J 183 12.93 -51.07 32.92
CA GLU J 183 13.62 -51.25 34.19
C GLU J 183 13.74 -52.74 34.50
N ILE K 4 -1.66 -54.99 37.66
CA ILE K 4 -2.85 -55.09 36.78
C ILE K 4 -2.46 -55.07 35.29
N MET K 5 -2.91 -56.07 34.54
CA MET K 5 -2.62 -56.16 33.11
C MET K 5 -3.77 -55.61 32.27
N SER K 6 -3.73 -55.86 30.97
CA SER K 6 -4.77 -55.36 30.08
C SER K 6 -5.98 -56.27 29.93
N ALA K 7 -7.03 -55.95 30.67
CA ALA K 7 -8.27 -56.71 30.62
C ALA K 7 -8.89 -56.65 29.24
N SER K 8 -10.04 -57.30 29.10
CA SER K 8 -10.79 -57.31 27.85
C SER K 8 -12.23 -57.10 28.27
N PHE K 9 -13.08 -56.73 27.32
CA PHE K 9 -14.47 -56.49 27.68
C PHE K 9 -15.09 -57.70 28.36
N ALA K 10 -14.73 -58.90 27.90
CA ALA K 10 -15.23 -60.17 28.45
C ALA K 10 -14.09 -60.92 29.15
N PRO K 11 -14.11 -60.95 30.50
CA PRO K 11 -13.07 -61.62 31.30
C PRO K 11 -12.62 -62.97 30.73
N GLU K 12 -13.36 -63.44 29.73
CA GLU K 12 -13.07 -64.70 29.07
C GLU K 12 -11.76 -64.69 28.29
N CYS K 13 -11.43 -63.56 27.67
CA CYS K 13 -10.19 -63.50 26.89
C CYS K 13 -9.11 -62.68 27.54
N THR K 14 -9.30 -62.35 28.81
CA THR K 14 -8.32 -61.57 29.54
C THR K 14 -6.96 -62.24 29.37
N ASP K 15 -6.95 -63.56 29.45
CA ASP K 15 -5.70 -64.31 29.35
C ASP K 15 -5.33 -64.81 27.96
N LEU K 16 -6.31 -65.07 27.11
CA LEU K 16 -5.99 -65.52 25.76
C LEU K 16 -5.28 -64.38 25.06
N LYS K 17 -5.43 -63.18 25.62
CA LYS K 17 -4.80 -61.98 25.09
C LYS K 17 -3.45 -61.75 25.75
N THR K 18 -3.45 -61.62 27.08
CA THR K 18 -2.21 -61.38 27.81
C THR K 18 -1.10 -62.15 27.09
N LYS K 19 -1.42 -63.36 26.64
CA LYS K 19 -0.48 -64.18 25.92
C LYS K 19 -0.19 -63.51 24.58
N TYR K 20 -1.25 -63.21 23.84
CA TYR K 20 -1.09 -62.54 22.55
C TYR K 20 -0.29 -61.25 22.76
N ASP K 21 -0.32 -60.72 23.97
CA ASP K 21 0.42 -59.50 24.30
C ASP K 21 1.91 -59.80 24.31
N SER K 22 2.36 -60.61 25.27
CA SER K 22 3.76 -60.97 25.37
C SER K 22 4.30 -61.43 24.03
N CYS K 23 3.48 -62.16 23.28
CA CYS K 23 3.89 -62.66 21.98
C CYS K 23 4.02 -61.51 20.98
N PHE K 24 3.64 -60.31 21.42
CA PHE K 24 3.73 -59.14 20.55
C PHE K 24 4.76 -58.14 21.06
N ASN K 25 4.79 -57.93 22.37
CA ASN K 25 5.76 -57.01 22.99
C ASN K 25 7.15 -57.59 22.73
N GLU K 26 7.16 -58.74 22.06
CA GLU K 26 8.40 -59.43 21.73
C GLU K 26 8.58 -59.41 20.22
N TRP K 27 7.63 -59.96 19.49
CA TRP K 27 7.73 -59.99 18.05
C TRP K 27 7.96 -58.60 17.47
N TYR K 28 7.03 -57.69 17.71
CA TYR K 28 7.10 -56.33 17.19
C TYR K 28 8.50 -55.74 17.25
N SER K 29 8.97 -55.51 18.47
CA SER K 29 10.28 -54.94 18.70
C SER K 29 11.39 -55.62 17.91
N GLU K 30 11.45 -56.95 17.97
CA GLU K 30 12.49 -57.71 17.28
C GLU K 30 12.38 -57.90 15.77
N LYS K 31 11.77 -59.00 15.35
CA LYS K 31 11.64 -59.34 13.93
C LYS K 31 11.03 -58.30 12.98
N PHE K 32 10.19 -57.40 13.48
CA PHE K 32 9.53 -56.41 12.60
C PHE K 32 10.14 -55.02 12.51
N LEU K 33 10.20 -54.30 13.63
CA LEU K 33 10.74 -52.94 13.66
C LEU K 33 12.09 -52.75 13.00
N LYS K 34 12.97 -53.74 13.13
CA LYS K 34 14.30 -53.68 12.54
C LYS K 34 14.24 -54.08 11.06
N GLY K 35 13.32 -54.97 10.73
CA GLY K 35 13.16 -55.41 9.35
C GLY K 35 13.68 -56.80 9.06
N LYS K 36 13.28 -57.78 9.87
CA LYS K 36 13.73 -59.14 9.68
C LYS K 36 12.66 -60.04 9.06
N SER K 37 11.56 -60.22 9.79
CA SER K 37 10.48 -61.09 9.32
C SER K 37 9.22 -60.31 8.92
N VAL K 38 8.20 -61.05 8.48
CA VAL K 38 6.93 -60.46 8.06
C VAL K 38 5.73 -61.40 8.28
N GLU K 39 5.87 -62.69 7.95
CA GLU K 39 4.80 -63.69 8.11
C GLU K 39 4.44 -63.89 9.59
N ASN K 40 3.54 -64.82 9.87
CA ASN K 40 3.12 -65.04 11.25
C ASN K 40 4.10 -65.82 12.11
N GLU K 41 4.03 -65.58 13.42
CA GLU K 41 4.91 -66.24 14.38
C GLU K 41 4.23 -66.38 15.74
N CYS K 42 2.95 -66.04 15.84
CA CYS K 42 2.24 -66.14 17.11
C CYS K 42 0.85 -66.78 17.06
N SER K 43 0.50 -67.37 15.92
CA SER K 43 -0.80 -68.00 15.77
C SER K 43 -1.18 -68.89 16.96
N LYS K 44 -0.19 -69.19 17.80
CA LYS K 44 -0.39 -70.04 18.99
C LYS K 44 -1.31 -69.38 20.01
N GLN K 45 -1.36 -68.05 20.00
CA GLN K 45 -2.21 -67.31 20.93
C GLN K 45 -3.09 -66.35 20.17
N TRP K 46 -2.89 -66.26 18.84
CA TRP K 46 -3.65 -65.38 17.96
C TRP K 46 -5.00 -66.00 17.59
N TYR K 47 -4.96 -67.18 17.00
CA TYR K 47 -6.17 -67.87 16.60
C TYR K 47 -7.00 -68.21 17.85
N ALA K 48 -6.33 -68.30 18.99
CA ALA K 48 -6.98 -68.62 20.27
C ALA K 48 -7.63 -67.41 20.91
N TYR K 49 -7.26 -66.22 20.45
CA TYR K 49 -7.80 -65.00 20.99
C TYR K 49 -8.85 -64.39 20.06
N THR K 50 -8.55 -64.36 18.77
CA THR K 50 -9.47 -63.80 17.78
C THR K 50 -10.80 -64.54 17.88
N THR K 51 -10.73 -65.77 18.36
CA THR K 51 -11.90 -66.64 18.54
C THR K 51 -12.64 -66.25 19.81
N CYS K 52 -11.95 -66.35 20.95
CA CYS K 52 -12.53 -66.00 22.23
C CYS K 52 -13.14 -64.60 22.07
N VAL K 53 -12.57 -63.83 21.14
CA VAL K 53 -13.03 -62.49 20.85
C VAL K 53 -14.40 -62.49 20.17
N ASN K 54 -14.47 -62.94 18.93
CA ASN K 54 -15.74 -62.98 18.20
C ASN K 54 -16.86 -63.61 19.00
N ALA K 55 -16.50 -64.46 19.95
CA ALA K 55 -17.47 -65.15 20.80
C ALA K 55 -18.25 -64.14 21.63
N ALA K 56 -17.57 -63.52 22.59
CA ALA K 56 -18.20 -62.53 23.46
C ALA K 56 -18.65 -61.30 22.67
N LEU K 57 -18.38 -61.30 21.36
CA LEU K 57 -18.77 -60.19 20.50
C LEU K 57 -20.18 -60.35 19.93
N VAL K 58 -20.45 -61.48 19.30
CA VAL K 58 -21.78 -61.69 18.73
C VAL K 58 -22.80 -61.74 19.85
N LYS K 59 -22.35 -61.99 21.07
CA LYS K 59 -23.22 -62.02 22.24
C LYS K 59 -23.48 -60.58 22.67
N GLN K 60 -23.00 -59.66 21.84
CA GLN K 60 -23.17 -58.23 22.08
C GLN K 60 -23.83 -57.63 20.85
N GLY K 61 -24.59 -56.58 21.04
CA GLY K 61 -25.23 -55.93 19.92
C GLY K 61 -24.28 -54.93 19.30
N ILE K 62 -22.99 -55.27 19.32
CA ILE K 62 -21.98 -54.40 18.77
C ILE K 62 -21.12 -55.12 17.76
N LYS K 63 -21.62 -56.26 17.27
CA LYS K 63 -20.92 -57.03 16.27
C LYS K 63 -21.11 -56.38 14.90
N PRO K 64 -22.33 -55.91 14.62
CA PRO K 64 -22.58 -55.26 13.33
C PRO K 64 -21.93 -53.88 13.28
N ALA K 65 -22.08 -53.13 14.36
CA ALA K 65 -21.52 -51.78 14.47
C ALA K 65 -20.06 -51.76 14.06
N LEU K 66 -19.23 -52.48 14.81
CA LEU K 66 -17.80 -52.56 14.54
C LEU K 66 -17.54 -52.99 13.09
N ASP K 67 -18.41 -53.84 12.57
CA ASP K 67 -18.29 -54.32 11.19
C ASP K 67 -18.43 -53.16 10.20
N GLU K 68 -19.45 -52.33 10.42
CA GLU K 68 -19.70 -51.19 9.54
C GLU K 68 -18.51 -50.27 9.59
N ALA K 69 -18.02 -50.01 10.78
CA ALA K 69 -16.88 -49.13 10.99
C ALA K 69 -15.63 -49.59 10.25
N ARG K 70 -15.26 -50.84 10.45
CA ARG K 70 -14.08 -51.41 9.82
C ARG K 70 -14.03 -51.40 8.30
N GLU K 71 -15.07 -50.89 7.66
CA GLU K 71 -15.11 -50.86 6.20
C GLU K 71 -14.43 -49.61 5.63
N GLU K 72 -14.33 -48.57 6.46
CA GLU K 72 -13.74 -47.28 6.07
C GLU K 72 -12.20 -47.20 6.11
N ALA K 73 -11.64 -46.31 5.28
CA ALA K 73 -10.19 -46.10 5.21
C ALA K 73 -9.83 -44.65 5.53
N PRO K 74 -9.63 -44.34 6.82
CA PRO K 74 -9.29 -42.99 7.26
C PRO K 74 -7.95 -42.45 6.81
N PHE K 75 -7.01 -43.31 6.47
CA PHE K 75 -5.69 -42.84 6.08
C PHE K 75 -5.40 -42.65 4.60
N GLU K 76 -6.31 -43.08 3.73
CA GLU K 76 -6.13 -42.91 2.29
C GLU K 76 -4.66 -42.94 1.86
N MET L 15 -19.12 -29.30 12.02
CA MET L 15 -18.53 -29.70 10.70
C MET L 15 -17.14 -30.36 10.74
N VAL L 16 -16.25 -29.83 11.57
CA VAL L 16 -14.88 -30.31 11.77
C VAL L 16 -14.16 -29.12 12.38
N LEU L 17 -13.51 -29.29 13.54
CA LEU L 17 -12.83 -28.16 14.20
C LEU L 17 -11.47 -28.42 14.91
N LEU L 18 -10.43 -28.70 14.13
CA LEU L 18 -9.08 -29.01 14.63
C LEU L 18 -8.62 -28.41 15.96
N HIS L 19 -7.91 -29.24 16.77
CA HIS L 19 -7.33 -28.90 18.10
C HIS L 19 -5.89 -29.38 18.23
N LYS L 20 -5.00 -28.82 17.41
CA LYS L 20 -3.59 -29.19 17.38
C LYS L 20 -2.83 -28.97 18.66
N SER L 21 -1.79 -29.78 18.80
CA SER L 21 -0.89 -29.80 19.95
C SER L 21 0.21 -30.76 19.52
N THR L 22 1.45 -30.55 19.96
CA THR L 22 2.52 -31.49 19.63
C THR L 22 3.32 -31.79 20.87
N HIS L 23 3.95 -32.97 20.87
CA HIS L 23 4.79 -33.40 21.99
C HIS L 23 5.96 -34.16 21.44
N ILE L 24 7.16 -33.92 21.99
CA ILE L 24 8.34 -34.65 21.52
C ILE L 24 8.87 -35.60 22.58
N PHE L 25 8.91 -36.87 22.20
CA PHE L 25 9.38 -37.97 23.04
C PHE L 25 10.86 -38.28 22.81
N PRO L 26 11.68 -38.16 23.87
CA PRO L 26 13.10 -38.43 23.73
C PRO L 26 13.39 -39.78 23.08
N THR L 27 12.88 -40.84 23.68
CA THR L 27 13.09 -42.20 23.19
C THR L 27 12.91 -42.48 21.71
N ASP L 28 13.48 -43.59 21.26
CA ASP L 28 13.43 -44.02 19.86
C ASP L 28 12.09 -44.55 19.39
N PHE L 29 11.84 -44.39 18.09
CA PHE L 29 10.59 -44.84 17.47
C PHE L 29 10.15 -46.16 18.07
N ALA L 30 11.11 -47.04 18.31
CA ALA L 30 10.82 -48.34 18.88
C ALA L 30 10.05 -48.23 20.18
N SER L 31 10.67 -47.67 21.20
CA SER L 31 10.03 -47.57 22.50
C SER L 31 8.70 -46.83 22.47
N VAL L 32 8.70 -45.67 21.81
CA VAL L 32 7.50 -44.84 21.72
C VAL L 32 6.33 -45.61 21.12
N SER L 33 6.41 -45.95 19.84
CA SER L 33 5.33 -46.67 19.19
C SER L 33 4.96 -47.89 20.02
N ARG L 34 5.95 -48.69 20.38
CA ARG L 34 5.65 -49.87 21.18
C ARG L 34 4.83 -49.45 22.39
N ALA L 35 5.21 -48.31 22.97
CA ALA L 35 4.52 -47.77 24.14
C ALA L 35 3.08 -47.44 23.83
N PHE L 36 2.82 -47.02 22.60
CA PHE L 36 1.46 -46.70 22.18
C PHE L 36 0.58 -47.87 22.59
N PHE L 37 0.75 -48.99 21.89
CA PHE L 37 0.01 -50.24 22.10
C PHE L 37 -0.18 -50.66 23.55
N ASN L 38 0.89 -50.63 24.33
CA ASN L 38 0.85 -51.04 25.74
C ASN L 38 0.65 -49.93 26.74
N ARG L 39 0.05 -48.83 26.29
CA ARG L 39 -0.16 -47.67 27.14
C ARG L 39 -1.21 -47.86 28.22
N TYR L 40 -1.97 -48.95 28.14
CA TYR L 40 -2.99 -49.22 29.14
C TYR L 40 -2.69 -50.48 29.93
N PRO L 41 -2.73 -50.40 31.28
CA PRO L 41 -3.03 -49.24 32.11
C PRO L 41 -2.02 -48.10 32.09
N ASN L 42 -2.14 -47.25 33.12
CA ASN L 42 -1.30 -46.07 33.38
C ASN L 42 -2.18 -45.33 34.36
N PRO L 43 -1.61 -44.75 35.42
CA PRO L 43 -2.37 -44.04 36.45
C PRO L 43 -2.99 -42.71 36.06
N TYR L 44 -3.25 -42.51 34.78
CA TYR L 44 -3.80 -41.24 34.36
C TYR L 44 -5.21 -41.40 33.84
N SER L 45 -5.43 -42.52 33.14
CA SER L 45 -6.70 -42.84 32.53
C SER L 45 -7.40 -44.01 33.21
N PRO L 46 -7.74 -43.88 34.51
CA PRO L 46 -8.41 -44.99 35.19
C PRO L 46 -9.78 -45.26 34.59
N HIS L 47 -10.26 -44.31 33.81
CA HIS L 47 -11.56 -44.44 33.16
C HIS L 47 -11.55 -45.38 31.96
N VAL L 48 -10.38 -45.85 31.53
CA VAL L 48 -10.36 -46.80 30.42
C VAL L 48 -10.63 -48.11 31.13
N LEU L 49 -11.15 -49.11 30.42
CA LEU L 49 -11.45 -50.37 31.10
C LEU L 49 -11.09 -51.64 30.32
N SER L 50 -11.07 -51.57 29.00
CA SER L 50 -10.74 -52.75 28.20
C SER L 50 -10.11 -52.36 26.87
N ILE L 51 -9.53 -53.33 26.20
CA ILE L 51 -8.87 -53.10 24.91
C ILE L 51 -8.58 -54.44 24.24
N ASP L 52 -9.10 -54.63 23.03
CA ASP L 52 -8.88 -55.86 22.31
C ASP L 52 -8.50 -55.56 20.89
N THR L 53 -7.50 -56.28 20.37
CA THR L 53 -7.12 -56.05 19.00
C THR L 53 -8.17 -56.75 18.19
N ILE L 54 -8.29 -56.36 16.93
CA ILE L 54 -9.27 -56.96 16.06
C ILE L 54 -8.59 -57.48 14.82
N SER L 55 -7.85 -56.62 14.13
CA SER L 55 -7.20 -57.09 12.92
C SER L 55 -5.80 -56.59 12.63
N ARG L 56 -4.80 -57.12 13.33
CA ARG L 56 -3.43 -56.74 13.01
C ARG L 56 -3.21 -57.45 11.69
N ASN L 57 -2.20 -57.05 10.93
CA ASN L 57 -1.95 -57.64 9.63
C ASN L 57 -0.94 -56.75 8.92
N VAL L 58 0.00 -57.34 8.19
CA VAL L 58 1.02 -56.54 7.50
C VAL L 58 0.62 -56.05 6.15
N ASP L 59 0.91 -54.78 5.90
CA ASP L 59 0.63 -54.12 4.65
C ASP L 59 1.12 -54.99 3.54
N GLN L 60 0.48 -54.88 2.39
CA GLN L 60 0.89 -55.63 1.22
C GLN L 60 2.34 -55.25 0.88
N GLU L 61 2.60 -53.93 0.89
CA GLU L 61 3.91 -53.36 0.54
C GLU L 61 4.86 -52.78 1.60
N GLY L 62 4.73 -53.24 2.85
CA GLY L 62 5.67 -52.76 3.85
C GLY L 62 5.29 -52.49 5.29
N ASN L 63 4.17 -51.85 5.53
CA ASN L 63 3.76 -51.49 6.89
C ASN L 63 2.93 -52.55 7.61
N LEU L 64 2.47 -52.18 8.80
CA LEU L 64 1.66 -53.05 9.64
C LEU L 64 0.41 -52.31 10.02
N ARG L 65 -0.74 -52.95 9.80
CA ARG L 65 -2.06 -52.39 10.11
C ARG L 65 -2.54 -52.90 11.47
N THR L 66 -3.57 -52.25 11.99
CA THR L 66 -4.17 -52.64 13.26
C THR L 66 -5.44 -51.86 13.48
N THR L 67 -6.37 -52.51 14.16
CA THR L 67 -7.66 -51.93 14.50
C THR L 67 -7.87 -52.54 15.86
N ARG L 68 -8.33 -51.76 16.82
CA ARG L 68 -8.53 -52.31 18.14
C ARG L 68 -9.78 -51.68 18.70
N LEU L 69 -10.26 -52.17 19.85
CA LEU L 69 -11.45 -51.61 20.43
C LEU L 69 -11.28 -51.37 21.91
N LEU L 70 -11.70 -50.20 22.37
CA LEU L 70 -11.57 -49.85 23.78
C LEU L 70 -12.94 -49.66 24.39
N LYS L 71 -12.97 -49.32 25.67
CA LYS L 71 -14.21 -49.12 26.37
C LYS L 71 -13.86 -48.37 27.64
N LYS L 72 -14.51 -47.24 27.88
CA LYS L 72 -14.23 -46.44 29.08
C LYS L 72 -15.51 -46.03 29.79
N SER L 73 -15.40 -45.16 30.78
CA SER L 73 -16.58 -44.70 31.52
C SER L 73 -16.60 -43.18 31.70
N GLY L 74 -17.63 -42.53 31.17
CA GLY L 74 -17.74 -41.10 31.35
C GLY L 74 -18.52 -40.94 32.64
N LYS L 75 -18.69 -39.72 33.14
CA LYS L 75 -19.44 -39.57 34.39
C LYS L 75 -20.92 -39.29 34.20
N LEU L 76 -21.70 -40.34 34.41
CA LEU L 76 -23.14 -40.27 34.36
C LEU L 76 -23.51 -40.69 35.79
N PRO L 77 -23.55 -39.72 36.71
CA PRO L 77 -23.85 -39.89 38.15
C PRO L 77 -24.96 -40.88 38.51
N THR L 78 -26.16 -40.34 38.71
CA THR L 78 -27.35 -41.11 39.04
C THR L 78 -28.48 -40.08 38.91
N TRP L 79 -28.07 -38.82 38.73
CA TRP L 79 -28.98 -37.69 38.52
C TRP L 79 -29.53 -37.97 37.13
N VAL L 80 -28.76 -38.78 36.42
CA VAL L 80 -29.02 -39.27 35.07
C VAL L 80 -28.41 -40.68 35.19
N LYS L 81 -28.82 -41.60 34.33
CA LYS L 81 -28.32 -42.97 34.46
C LYS L 81 -29.06 -43.46 35.70
N PRO L 82 -28.92 -44.75 36.06
CA PRO L 82 -28.13 -45.81 35.44
C PRO L 82 -28.53 -46.13 33.99
N PHE L 83 -29.66 -46.83 33.86
CA PHE L 83 -30.23 -47.26 32.58
C PHE L 83 -29.64 -46.67 31.28
N LEU L 84 -30.19 -45.53 30.87
CA LEU L 84 -29.82 -44.83 29.64
C LEU L 84 -29.66 -45.79 28.47
N ARG L 85 -30.74 -45.91 27.69
CA ARG L 85 -30.79 -46.77 26.52
C ARG L 85 -29.92 -46.14 25.43
N GLY L 86 -29.48 -44.92 25.73
CA GLY L 86 -28.52 -44.21 24.91
C GLY L 86 -27.46 -44.62 25.94
N ILE L 87 -26.41 -45.32 25.58
CA ILE L 87 -25.52 -45.81 26.63
C ILE L 87 -24.47 -44.97 27.36
N THR L 88 -24.15 -45.49 28.56
CA THR L 88 -23.23 -44.92 29.55
C THR L 88 -21.74 -45.31 29.50
N GLU L 89 -21.34 -46.12 28.52
CA GLU L 89 -19.93 -46.54 28.39
C GLU L 89 -19.52 -46.54 26.93
N THR L 90 -19.04 -45.40 26.44
CA THR L 90 -18.66 -45.27 25.03
C THR L 90 -17.61 -46.20 24.46
N TRP L 91 -17.96 -46.84 23.35
CA TRP L 91 -17.03 -47.73 22.68
C TRP L 91 -16.25 -46.88 21.70
N ILE L 92 -14.96 -47.18 21.56
CA ILE L 92 -14.07 -46.46 20.67
C ILE L 92 -13.25 -47.40 19.81
N ILE L 93 -13.14 -47.08 18.54
CA ILE L 93 -12.35 -47.90 17.64
C ILE L 93 -10.98 -47.21 17.55
N GLU L 94 -9.92 -47.96 17.27
CA GLU L 94 -8.57 -47.40 17.14
C GLU L 94 -7.79 -47.96 15.94
N VAL L 95 -7.57 -47.15 14.92
CA VAL L 95 -6.86 -47.61 13.73
C VAL L 95 -5.43 -47.06 13.51
N SER L 96 -4.43 -47.91 13.80
CA SER L 96 -3.01 -47.54 13.64
C SER L 96 -2.34 -48.16 12.41
N VAL L 97 -1.23 -47.55 12.00
CA VAL L 97 -0.47 -47.98 10.83
C VAL L 97 1.03 -47.68 10.98
N VAL L 98 1.80 -48.68 11.41
CA VAL L 98 3.25 -48.54 11.59
C VAL L 98 3.97 -48.85 10.27
N ASN L 99 4.79 -47.91 9.80
CA ASN L 99 5.53 -48.08 8.56
C ASN L 99 7.04 -48.15 8.84
N PRO L 100 7.52 -49.31 9.35
CA PRO L 100 8.92 -49.62 9.73
C PRO L 100 10.01 -49.13 8.79
N ALA L 101 9.64 -48.90 7.53
CA ALA L 101 10.61 -48.43 6.55
C ALA L 101 11.26 -47.13 7.03
N ASN L 102 10.46 -46.19 7.49
CA ASN L 102 10.98 -44.90 7.94
C ASN L 102 10.40 -44.39 9.26
N SER L 103 10.03 -45.30 10.17
CA SER L 103 9.46 -44.90 11.46
C SER L 103 8.31 -43.88 11.29
N THR L 104 7.22 -44.30 10.66
CA THR L 104 6.09 -43.40 10.44
C THR L 104 4.79 -44.04 10.88
N MET L 105 4.54 -44.03 12.18
CA MET L 105 3.32 -44.61 12.72
C MET L 105 2.15 -43.61 12.84
N LYS L 106 1.03 -43.93 12.20
CA LYS L 106 -0.18 -43.09 12.23
C LYS L 106 -1.26 -43.73 13.09
N THR L 107 -1.92 -42.95 13.95
CA THR L 107 -3.00 -43.51 14.77
C THR L 107 -4.25 -42.64 14.63
N TYR L 108 -5.41 -43.30 14.61
CA TYR L 108 -6.74 -42.67 14.48
C TYR L 108 -7.69 -43.30 15.50
N THR L 109 -8.52 -42.49 16.13
CA THR L 109 -9.46 -43.03 17.07
C THR L 109 -10.71 -42.16 17.25
N ARG L 110 -11.87 -42.74 16.92
CA ARG L 110 -13.15 -42.06 17.06
C ARG L 110 -14.10 -42.94 17.87
N ASN L 111 -15.22 -42.37 18.35
CA ASN L 111 -16.20 -43.17 19.10
C ASN L 111 -16.90 -44.08 18.10
N LEU L 112 -17.39 -45.23 18.56
CA LEU L 112 -18.04 -46.17 17.64
C LEU L 112 -19.51 -45.89 17.47
N ASP L 113 -20.21 -45.76 18.58
CA ASP L 113 -21.64 -45.51 18.56
C ASP L 113 -22.01 -44.04 18.74
N HIS L 114 -23.21 -43.72 18.27
CA HIS L 114 -23.80 -42.39 18.36
C HIS L 114 -23.15 -41.34 17.48
N THR L 115 -22.55 -41.76 16.38
CA THR L 115 -21.90 -40.82 15.47
C THR L 115 -22.83 -39.70 15.02
N GLY L 116 -24.07 -40.04 14.72
CA GLY L 116 -25.05 -39.07 14.24
C GLY L 116 -25.11 -37.78 15.03
N ILE L 117 -25.13 -37.91 16.35
CA ILE L 117 -25.19 -36.77 17.24
C ILE L 117 -23.86 -36.01 17.30
N MET L 118 -22.75 -36.76 17.42
CA MET L 118 -21.42 -36.17 17.50
C MET L 118 -20.30 -37.19 17.28
N LYS L 119 -19.44 -36.92 16.31
CA LYS L 119 -18.35 -37.82 16.00
C LYS L 119 -17.02 -37.19 16.35
N VAL L 120 -16.46 -37.55 17.50
CA VAL L 120 -15.17 -37.02 17.95
C VAL L 120 -13.95 -37.83 17.51
N GLU L 121 -13.29 -37.36 16.46
CA GLU L 121 -12.10 -38.03 15.94
C GLU L 121 -10.78 -37.45 16.49
N GLU L 122 -9.75 -38.29 16.57
CA GLU L 122 -8.41 -37.87 17.04
C GLU L 122 -7.28 -38.51 16.24
N TYR L 123 -6.81 -37.80 15.22
CA TYR L 123 -5.68 -38.30 14.45
C TYR L 123 -4.42 -37.89 15.20
N THR L 124 -3.39 -38.75 15.16
CA THR L 124 -2.09 -38.47 15.77
C THR L 124 -1.03 -39.01 14.84
N THR L 125 0.15 -38.39 14.86
CA THR L 125 1.26 -38.79 14.00
C THR L 125 2.53 -38.85 14.82
N TYR L 126 3.11 -40.05 14.94
CA TYR L 126 4.36 -40.20 15.67
C TYR L 126 5.44 -40.30 14.60
N GLN L 127 6.52 -39.54 14.77
CA GLN L 127 7.59 -39.52 13.78
C GLN L 127 8.95 -39.49 14.46
N PHE L 128 9.87 -40.32 13.98
CA PHE L 128 11.20 -40.35 14.58
C PHE L 128 12.15 -39.45 13.80
N ASP L 129 12.76 -38.52 14.50
CA ASP L 129 13.70 -37.59 13.88
C ASP L 129 15.12 -37.96 14.26
N SER L 130 15.81 -38.64 13.35
CA SER L 130 17.16 -39.07 13.61
C SER L 130 18.07 -37.91 14.02
N ALA L 131 17.75 -36.71 13.53
CA ALA L 131 18.52 -35.51 13.86
C ALA L 131 18.69 -35.37 15.38
N THR L 132 17.60 -34.98 16.07
CA THR L 132 17.59 -34.81 17.53
C THR L 132 17.47 -36.14 18.28
N SER L 133 17.38 -37.22 17.53
CA SER L 133 17.26 -38.58 18.06
C SER L 133 15.98 -38.81 18.87
N SER L 134 14.86 -38.23 18.43
CA SER L 134 13.59 -38.41 19.14
C SER L 134 12.37 -38.64 18.25
N THR L 135 11.22 -38.84 18.90
CA THR L 135 9.95 -39.10 18.20
C THR L 135 8.93 -37.96 18.38
N ILE L 136 8.49 -37.39 17.26
CA ILE L 136 7.57 -36.25 17.27
C ILE L 136 6.11 -36.58 17.12
N ALA L 137 5.36 -36.34 18.16
CA ALA L 137 3.95 -36.61 18.11
C ALA L 137 3.20 -35.35 17.74
N ASP L 138 2.29 -35.46 16.78
CA ASP L 138 1.46 -34.34 16.36
C ASP L 138 0.00 -34.78 16.32
N SER L 139 -0.70 -34.61 17.42
CA SER L 139 -2.11 -34.98 17.48
C SER L 139 -3.04 -33.89 16.93
N ARG L 140 -4.30 -34.24 16.70
CA ARG L 140 -5.32 -33.30 16.18
C ARG L 140 -6.72 -33.85 16.41
N VAL L 141 -7.57 -33.08 17.08
CA VAL L 141 -8.93 -33.53 17.36
C VAL L 141 -10.04 -32.80 16.60
N LYS L 142 -10.66 -33.48 15.63
CA LYS L 142 -11.77 -32.91 14.82
C LYS L 142 -13.08 -33.16 15.53
N PHE L 143 -14.16 -32.50 15.09
CA PHE L 143 -15.48 -32.68 15.71
C PHE L 143 -16.61 -32.59 14.71
N SER L 144 -17.57 -33.50 14.81
CA SER L 144 -18.70 -33.51 13.89
C SER L 144 -19.99 -33.70 14.68
N SER L 145 -21.11 -33.39 14.03
CA SER L 145 -22.43 -33.52 14.61
C SER L 145 -23.45 -33.38 13.52
N GLY L 146 -23.57 -34.42 12.69
CA GLY L 146 -24.53 -34.41 11.60
C GLY L 146 -25.91 -34.05 12.10
N PHE L 147 -26.10 -34.19 13.41
CA PHE L 147 -27.35 -33.88 14.05
C PHE L 147 -27.53 -32.39 14.29
N ASN L 148 -26.45 -31.68 14.59
CA ASN L 148 -26.57 -30.26 14.80
C ASN L 148 -26.53 -29.52 13.47
N MET L 149 -25.83 -30.05 12.48
CA MET L 149 -25.80 -29.40 11.17
C MET L 149 -27.24 -29.40 10.59
N GLY L 150 -28.04 -30.35 11.07
CA GLY L 150 -29.43 -30.47 10.62
C GLY L 150 -30.33 -29.43 11.28
N ILE L 151 -30.35 -29.42 12.62
CA ILE L 151 -31.16 -28.46 13.35
C ILE L 151 -30.82 -27.06 12.83
N LYS L 152 -29.55 -26.80 12.60
CA LYS L 152 -29.12 -25.51 12.08
C LYS L 152 -29.98 -25.18 10.84
N SER L 153 -29.92 -26.06 9.82
CA SER L 153 -30.68 -25.85 8.59
C SER L 153 -32.17 -25.55 8.80
N LYS L 154 -32.87 -26.34 9.61
CA LYS L 154 -34.29 -26.08 9.85
C LYS L 154 -34.40 -24.69 10.47
N VAL L 155 -33.75 -24.50 11.62
CA VAL L 155 -33.76 -23.21 12.27
C VAL L 155 -33.57 -22.07 11.30
N GLU L 156 -32.62 -22.19 10.37
CA GLU L 156 -32.41 -21.12 9.43
C GLU L 156 -33.41 -21.22 8.27
N ASP L 157 -33.43 -22.36 7.59
CA ASP L 157 -34.38 -22.55 6.49
C ASP L 157 -35.75 -22.05 6.92
N TRP L 158 -35.99 -22.08 8.22
CA TRP L 158 -37.26 -21.64 8.76
C TRP L 158 -37.31 -20.12 8.77
N SER L 159 -36.50 -19.54 9.64
CA SER L 159 -36.41 -18.08 9.81
C SER L 159 -36.26 -17.33 8.52
N ARG L 160 -35.53 -17.88 7.56
CA ARG L 160 -35.39 -17.19 6.30
C ARG L 160 -36.75 -17.08 5.67
N THR L 161 -37.30 -18.17 5.17
CA THR L 161 -38.63 -18.11 4.55
C THR L 161 -39.59 -17.37 5.47
N LYS L 162 -39.25 -17.34 6.76
CA LYS L 162 -40.08 -16.65 7.74
C LYS L 162 -40.03 -15.14 7.51
N PHE L 163 -38.86 -14.53 7.53
CA PHE L 163 -38.79 -13.09 7.31
C PHE L 163 -39.01 -12.69 5.88
N ASP L 164 -38.99 -13.66 4.98
CA ASP L 164 -39.25 -13.36 3.59
C ASP L 164 -40.71 -12.95 3.52
N GLU L 165 -41.58 -13.79 4.05
CA GLU L 165 -43.01 -13.50 4.04
C GLU L 165 -43.31 -12.27 4.87
N ASN L 166 -42.52 -12.04 5.91
CA ASN L 166 -42.73 -10.88 6.74
C ASN L 166 -42.64 -9.55 6.02
N VAL L 167 -41.64 -9.38 5.16
CA VAL L 167 -41.52 -8.12 4.45
C VAL L 167 -42.49 -8.07 3.27
N LYS L 168 -42.57 -9.15 2.48
CA LYS L 168 -43.50 -9.16 1.35
C LYS L 168 -44.76 -8.49 1.85
N LYS L 169 -45.27 -8.98 2.99
CA LYS L 169 -46.49 -8.42 3.57
C LYS L 169 -46.33 -6.96 3.94
N SER L 170 -45.31 -6.59 4.69
CA SER L 170 -45.13 -5.21 5.08
C SER L 170 -45.10 -4.30 3.87
N ARG L 171 -44.45 -4.77 2.81
CA ARG L 171 -44.40 -3.98 1.60
C ARG L 171 -45.84 -3.84 1.06
N MET L 172 -46.58 -4.95 1.05
CA MET L 172 -47.97 -4.99 0.60
C MET L 172 -48.81 -4.00 1.38
N GLY L 173 -48.50 -3.90 2.66
CA GLY L 173 -49.23 -3.00 3.53
C GLY L 173 -48.90 -1.56 3.18
N MET L 174 -47.65 -1.32 2.83
CA MET L 174 -47.24 0.03 2.47
C MET L 174 -47.94 0.33 1.16
N ALA L 175 -47.80 -0.61 0.23
CA ALA L 175 -48.42 -0.55 -1.06
C ALA L 175 -49.83 -0.01 -0.85
N PHE L 176 -50.60 -0.71 -0.02
CA PHE L 176 -51.97 -0.36 0.32
C PHE L 176 -52.13 1.11 0.75
N VAL L 177 -51.58 1.46 1.92
CA VAL L 177 -51.66 2.84 2.40
C VAL L 177 -51.26 3.78 1.28
N ILE L 178 -50.29 3.38 0.47
CA ILE L 178 -49.87 4.22 -0.63
C ILE L 178 -51.09 4.55 -1.48
N GLN L 179 -51.76 3.50 -1.98
CA GLN L 179 -52.94 3.69 -2.82
C GLN L 179 -54.09 4.33 -2.07
N LYS L 180 -54.24 4.00 -0.80
CA LYS L 180 -55.31 4.57 -0.02
C LYS L 180 -55.28 6.10 -0.05
N LEU L 181 -54.10 6.68 0.11
CA LEU L 181 -53.97 8.13 0.12
C LEU L 181 -54.00 8.79 -1.27
N GLU L 182 -53.83 7.99 -2.32
CA GLU L 182 -53.86 8.52 -3.68
C GLU L 182 -55.25 8.38 -4.30
N GLU L 183 -56.15 7.68 -3.60
CA GLU L 183 -57.51 7.56 -4.11
C GLU L 183 -58.07 8.96 -3.87
N ILE M 4 -10.36 59.91 -24.73
CA ILE M 4 -9.44 59.14 -25.61
C ILE M 4 -9.74 57.65 -25.48
N MET M 5 -10.12 57.02 -26.60
CA MET M 5 -10.45 55.59 -26.61
C MET M 5 -9.23 54.77 -27.07
N SER M 6 -9.16 53.51 -26.64
CA SER M 6 -8.06 52.63 -27.02
C SER M 6 -8.16 52.31 -28.51
N ALA M 7 -7.04 52.43 -29.23
CA ALA M 7 -7.03 52.18 -30.66
C ALA M 7 -6.94 50.70 -31.02
N SER M 8 -7.21 50.39 -32.28
CA SER M 8 -7.12 49.04 -32.79
C SER M 8 -5.75 49.00 -33.46
N PHE M 9 -5.14 47.82 -33.58
CA PHE M 9 -3.83 47.75 -34.20
C PHE M 9 -3.94 48.31 -35.63
N ALA M 10 -5.16 48.26 -36.16
CA ALA M 10 -5.45 48.77 -37.50
C ALA M 10 -6.31 50.03 -37.35
N PRO M 11 -5.69 51.22 -37.54
CA PRO M 11 -6.35 52.52 -37.42
C PRO M 11 -7.75 52.64 -38.04
N GLU M 12 -7.97 51.96 -39.15
CA GLU M 12 -9.25 52.02 -39.85
C GLU M 12 -10.40 51.27 -39.17
N CYS M 13 -10.15 50.74 -37.99
CA CYS M 13 -11.20 49.99 -37.28
C CYS M 13 -11.45 50.53 -35.88
N THR M 14 -10.61 51.48 -35.46
CA THR M 14 -10.72 52.08 -34.13
C THR M 14 -12.12 52.56 -33.81
N ASP M 15 -12.78 53.14 -34.81
CA ASP M 15 -14.13 53.64 -34.62
C ASP M 15 -15.13 52.49 -34.52
N LEU M 16 -14.92 51.47 -35.35
CA LEU M 16 -15.81 50.31 -35.35
C LEU M 16 -15.72 49.57 -34.01
N LYS M 17 -14.54 49.63 -33.41
CA LYS M 17 -14.26 49.00 -32.12
C LYS M 17 -14.89 49.80 -30.99
N THR M 18 -14.79 51.12 -31.09
CA THR M 18 -15.37 52.03 -30.09
C THR M 18 -16.87 51.73 -29.97
N LYS M 19 -17.54 51.71 -31.12
CA LYS M 19 -18.97 51.45 -31.17
C LYS M 19 -19.33 50.05 -30.67
N TYR M 20 -18.50 49.07 -31.00
CA TYR M 20 -18.77 47.71 -30.55
C TYR M 20 -18.57 47.59 -29.05
N ASP M 21 -17.45 48.11 -28.55
CA ASP M 21 -17.17 48.06 -27.12
C ASP M 21 -18.27 48.71 -26.29
N SER M 22 -18.69 49.91 -26.70
CA SER M 22 -19.75 50.63 -26.01
C SER M 22 -20.98 49.75 -25.88
N CYS M 23 -21.36 49.14 -27.01
CA CYS M 23 -22.51 48.27 -27.05
C CYS M 23 -22.35 47.10 -26.09
N PHE M 24 -21.14 46.55 -26.07
CA PHE M 24 -20.84 45.41 -25.21
C PHE M 24 -20.90 45.76 -23.73
N ASN M 25 -20.27 46.87 -23.35
CA ASN M 25 -20.26 47.30 -21.96
C ASN M 25 -21.66 47.41 -21.40
N GLU M 26 -22.58 47.93 -22.20
CA GLU M 26 -23.97 48.08 -21.77
C GLU M 26 -24.59 46.67 -21.65
N TRP M 27 -24.42 45.87 -22.69
CA TRP M 27 -24.93 44.50 -22.70
C TRP M 27 -24.34 43.67 -21.56
N TYR M 28 -23.06 43.88 -21.26
CA TYR M 28 -22.35 43.13 -20.21
C TYR M 28 -22.79 43.47 -18.78
N SER M 29 -22.84 44.77 -18.49
CA SER M 29 -23.22 45.23 -17.15
C SER M 29 -24.70 45.17 -16.83
N GLU M 30 -25.54 45.51 -17.81
CA GLU M 30 -26.99 45.53 -17.61
C GLU M 30 -27.73 44.23 -17.94
N LYS M 31 -27.23 43.48 -18.93
CA LYS M 31 -27.87 42.23 -19.34
C LYS M 31 -27.19 40.95 -18.83
N PHE M 32 -26.01 40.66 -19.38
CA PHE M 32 -25.27 39.44 -19.03
C PHE M 32 -25.03 39.14 -17.54
N LEU M 33 -24.54 40.12 -16.79
CA LEU M 33 -24.26 39.91 -15.37
C LEU M 33 -25.52 39.77 -14.53
N LYS M 34 -26.63 40.30 -15.03
CA LYS M 34 -27.90 40.24 -14.30
C LYS M 34 -28.78 39.10 -14.79
N GLY M 35 -28.18 38.18 -15.53
CA GLY M 35 -28.91 37.03 -16.04
C GLY M 35 -30.14 37.41 -16.85
N LYS M 36 -29.95 38.36 -17.78
CA LYS M 36 -31.06 38.81 -18.62
C LYS M 36 -30.85 38.49 -20.09
N SER M 37 -29.66 38.02 -20.46
CA SER M 37 -29.41 37.72 -21.85
C SER M 37 -28.09 36.98 -22.09
N VAL M 38 -28.13 36.00 -22.99
CA VAL M 38 -26.94 35.22 -23.34
C VAL M 38 -26.66 35.33 -24.84
N GLU M 39 -27.36 36.25 -25.52
CA GLU M 39 -27.20 36.43 -26.96
C GLU M 39 -26.51 37.74 -27.38
N ASN M 40 -26.02 37.74 -28.62
CA ASN M 40 -25.33 38.89 -29.19
C ASN M 40 -26.31 39.98 -29.57
N GLU M 41 -26.44 40.97 -28.69
CA GLU M 41 -27.34 42.08 -28.93
C GLU M 41 -26.50 43.24 -29.42
N CYS M 42 -25.28 42.91 -29.85
CA CYS M 42 -24.32 43.87 -30.38
C CYS M 42 -23.81 43.33 -31.71
N SER M 43 -24.55 42.39 -32.27
CA SER M 43 -24.20 41.76 -33.53
C SER M 43 -23.76 42.69 -34.66
N LYS M 44 -24.53 43.74 -34.92
CA LYS M 44 -24.18 44.67 -35.99
C LYS M 44 -22.83 45.36 -35.77
N GLN M 45 -22.59 45.83 -34.56
CA GLN M 45 -21.32 46.50 -34.25
C GLN M 45 -20.17 45.51 -34.28
N TRP M 46 -20.40 44.32 -33.73
CA TRP M 46 -19.37 43.27 -33.68
C TRP M 46 -18.90 42.79 -35.05
N TYR M 47 -19.87 42.48 -35.92
CA TYR M 47 -19.55 41.98 -37.26
C TYR M 47 -18.90 43.02 -38.16
N ALA M 48 -19.30 44.28 -37.99
CA ALA M 48 -18.73 45.36 -38.77
C ALA M 48 -17.28 45.55 -38.34
N TYR M 49 -17.06 45.50 -37.02
CA TYR M 49 -15.74 45.66 -36.43
C TYR M 49 -14.81 44.46 -36.70
N THR M 50 -15.31 43.25 -36.48
CA THR M 50 -14.52 42.05 -36.68
C THR M 50 -14.15 41.81 -38.16
N THR M 51 -14.99 42.31 -39.08
CA THR M 51 -14.72 42.16 -40.51
C THR M 51 -13.52 43.03 -40.83
N CYS M 52 -13.52 44.20 -40.21
CA CYS M 52 -12.46 45.18 -40.38
C CYS M 52 -11.12 44.65 -39.85
N VAL M 53 -11.15 44.07 -38.66
CA VAL M 53 -9.96 43.51 -38.01
C VAL M 53 -9.35 42.33 -38.78
N ASN M 54 -10.16 41.30 -39.01
CA ASN M 54 -9.68 40.11 -39.73
C ASN M 54 -9.07 40.49 -41.07
N ALA M 55 -9.62 41.50 -41.71
CA ALA M 55 -9.11 41.97 -43.00
C ALA M 55 -7.67 42.47 -42.82
N ALA M 56 -7.46 43.13 -41.67
CA ALA M 56 -6.15 43.68 -41.32
C ALA M 56 -5.19 42.64 -40.78
N LEU M 57 -5.73 41.53 -40.28
CA LEU M 57 -4.90 40.47 -39.75
C LEU M 57 -4.33 39.56 -40.84
N VAL M 58 -5.05 39.48 -41.96
CA VAL M 58 -4.59 38.66 -43.08
C VAL M 58 -3.25 39.19 -43.58
N LYS M 59 -3.00 40.47 -43.30
CA LYS M 59 -1.77 41.13 -43.73
C LYS M 59 -0.76 41.34 -42.60
N GLN M 60 -0.97 40.63 -41.49
CA GLN M 60 -0.11 40.73 -40.31
C GLN M 60 0.73 39.47 -40.15
N GLY M 61 2.04 39.65 -40.07
CA GLY M 61 2.92 38.50 -39.91
C GLY M 61 2.60 37.63 -38.72
N ILE M 62 1.92 38.18 -37.73
CA ILE M 62 1.59 37.44 -36.51
C ILE M 62 0.37 36.52 -36.65
N LYS M 63 -0.27 36.53 -37.80
CA LYS M 63 -1.46 35.72 -37.97
C LYS M 63 -1.30 34.24 -37.64
N PRO M 64 -0.30 33.57 -38.25
CA PRO M 64 -0.14 32.14 -37.95
C PRO M 64 -0.03 31.84 -36.46
N ALA M 65 0.76 32.66 -35.75
CA ALA M 65 0.96 32.48 -34.31
C ALA M 65 -0.36 32.66 -33.60
N LEU M 66 -1.11 33.68 -34.00
CA LEU M 66 -2.40 33.95 -33.40
C LEU M 66 -3.36 32.78 -33.64
N ASP M 67 -3.41 32.30 -34.88
CA ASP M 67 -4.29 31.19 -35.21
C ASP M 67 -3.97 29.97 -34.35
N GLU M 68 -2.68 29.71 -34.15
CA GLU M 68 -2.25 28.58 -33.35
C GLU M 68 -2.61 28.73 -31.89
N ALA M 69 -2.48 29.94 -31.37
CA ALA M 69 -2.79 30.23 -29.98
C ALA M 69 -4.27 30.12 -29.68
N ARG M 70 -5.09 30.31 -30.70
CA ARG M 70 -6.54 30.26 -30.53
C ARG M 70 -7.07 28.84 -30.41
N GLU M 71 -6.25 27.87 -30.82
CA GLU M 71 -6.64 26.46 -30.74
C GLU M 71 -6.29 25.88 -29.38
N GLU M 72 -5.36 26.53 -28.68
CA GLU M 72 -4.90 26.10 -27.37
C GLU M 72 -5.87 26.52 -26.27
N ALA M 73 -5.94 25.71 -25.22
CA ALA M 73 -6.84 25.98 -24.10
C ALA M 73 -6.03 26.14 -22.84
N PRO M 74 -5.58 27.36 -22.57
CA PRO M 74 -4.79 27.64 -21.37
C PRO M 74 -5.37 27.15 -20.05
N PHE M 75 -6.69 27.22 -19.91
CA PHE M 75 -7.34 26.78 -18.68
C PHE M 75 -7.55 25.27 -18.73
N GLU M 76 -6.91 24.65 -19.73
CA GLU M 76 -6.94 23.22 -19.94
C GLU M 76 -8.30 22.55 -19.83
N LEU N 17 9.01 29.64 -14.74
CA LEU N 17 8.78 29.73 -13.28
C LEU N 17 8.09 31.01 -12.79
N LEU N 18 7.60 30.90 -11.56
CA LEU N 18 6.85 31.81 -10.66
C LEU N 18 6.99 33.32 -10.34
N HIS N 19 5.89 33.80 -9.71
CA HIS N 19 5.60 35.16 -9.19
C HIS N 19 4.16 35.30 -8.60
N LYS N 20 4.08 35.04 -7.29
CA LYS N 20 2.84 35.03 -6.51
C LYS N 20 2.47 36.31 -5.79
N SER N 21 1.59 37.11 -6.39
CA SER N 21 1.16 38.35 -5.75
C SER N 21 -0.35 38.37 -5.56
N THR N 22 -0.82 38.99 -4.48
CA THR N 22 -2.26 39.07 -4.24
C THR N 22 -2.67 40.49 -3.86
N HIS N 23 -3.83 40.91 -4.35
CA HIS N 23 -4.32 42.24 -4.07
C HIS N 23 -5.81 42.16 -3.85
N ILE N 24 -6.37 43.14 -3.16
CA ILE N 24 -7.80 43.14 -2.91
C ILE N 24 -8.40 44.45 -3.40
N PHE N 25 -9.48 44.34 -4.16
CA PHE N 25 -10.18 45.50 -4.71
C PHE N 25 -11.46 45.67 -3.87
N PRO N 26 -11.58 46.79 -3.10
CA PRO N 26 -12.76 47.01 -2.26
C PRO N 26 -13.94 47.44 -3.14
N THR N 27 -14.13 46.69 -4.21
CA THR N 27 -15.17 46.94 -5.19
C THR N 27 -15.90 45.62 -5.42
N ASP N 28 -17.03 45.67 -6.12
CA ASP N 28 -17.78 44.45 -6.40
C ASP N 28 -17.28 43.82 -7.69
N PHE N 29 -17.93 42.75 -8.12
CA PHE N 29 -17.53 42.02 -9.32
C PHE N 29 -17.85 42.71 -10.65
N ALA N 30 -19.07 43.20 -10.80
CA ALA N 30 -19.49 43.88 -12.02
C ALA N 30 -18.59 45.07 -12.37
N SER N 31 -17.98 45.65 -11.34
CA SER N 31 -17.09 46.80 -11.52
C SER N 31 -15.69 46.37 -11.94
N VAL N 32 -15.07 45.50 -11.16
CA VAL N 32 -13.72 45.00 -11.46
C VAL N 32 -13.66 44.36 -12.85
N SER N 33 -14.66 43.55 -13.16
CA SER N 33 -14.75 42.84 -14.44
C SER N 33 -14.97 43.73 -15.67
N ARG N 34 -15.76 44.78 -15.50
CA ARG N 34 -16.01 45.70 -16.61
C ARG N 34 -14.70 46.42 -16.88
N ALA N 35 -14.03 46.79 -15.79
CA ALA N 35 -12.76 47.49 -15.83
C ALA N 35 -11.75 46.73 -16.68
N PHE N 36 -11.57 45.46 -16.36
CA PHE N 36 -10.64 44.63 -17.09
C PHE N 36 -10.88 44.78 -18.60
N PHE N 37 -12.15 44.79 -19.02
CA PHE N 37 -12.46 44.91 -20.44
C PHE N 37 -12.21 46.29 -21.00
N ASN N 38 -12.10 47.26 -20.10
CA ASN N 38 -11.87 48.64 -20.50
C ASN N 38 -10.68 49.27 -19.79
N ARG N 39 -9.70 48.43 -19.45
CA ARG N 39 -8.50 48.89 -18.75
C ARG N 39 -7.64 49.79 -19.63
N TYR N 40 -7.76 49.63 -20.95
CA TYR N 40 -6.96 50.41 -21.90
C TYR N 40 -7.78 51.43 -22.70
N PRO N 41 -7.24 52.67 -22.86
CA PRO N 41 -5.95 53.15 -22.34
C PRO N 41 -6.01 53.74 -20.94
N ASN N 42 -4.87 53.69 -20.25
CA ASN N 42 -4.77 54.23 -18.90
C ASN N 42 -3.34 54.74 -18.73
N PRO N 43 -3.12 55.72 -17.84
CA PRO N 43 -1.80 56.30 -17.60
C PRO N 43 -0.65 55.41 -17.12
N TYR N 44 -0.98 54.27 -16.53
CA TYR N 44 0.05 53.36 -16.03
C TYR N 44 0.58 52.36 -17.06
N SER N 45 -0.06 52.29 -18.24
CA SER N 45 0.38 51.38 -19.30
C SER N 45 0.49 52.10 -20.64
N PRO N 46 1.29 53.19 -20.67
CA PRO N 46 1.47 53.93 -21.92
C PRO N 46 2.08 53.09 -23.02
N HIS N 47 2.73 52.01 -22.62
CA HIS N 47 3.37 51.11 -23.56
C HIS N 47 2.39 50.30 -24.40
N VAL N 48 1.15 50.19 -23.93
CA VAL N 48 0.12 49.44 -24.65
C VAL N 48 -0.33 50.30 -25.84
N LEU N 49 0.04 49.85 -27.04
CA LEU N 49 -0.28 50.58 -28.28
C LEU N 49 -1.68 50.33 -28.80
N SER N 50 -2.19 49.12 -28.61
CA SER N 50 -3.53 48.81 -29.07
C SER N 50 -4.01 47.48 -28.51
N ILE N 51 -5.32 47.30 -28.49
CA ILE N 51 -5.92 46.07 -27.99
C ILE N 51 -7.13 45.81 -28.89
N ASP N 52 -7.30 44.57 -29.31
CA ASP N 52 -8.41 44.20 -30.19
C ASP N 52 -9.11 42.95 -29.67
N THR N 53 -10.41 42.81 -29.94
CA THR N 53 -11.14 41.63 -29.51
C THR N 53 -11.24 40.71 -30.73
N ILE N 54 -10.57 39.57 -30.62
CA ILE N 54 -10.50 38.57 -31.68
C ILE N 54 -11.71 37.66 -31.71
N SER N 55 -12.21 37.31 -30.52
CA SER N 55 -13.38 36.45 -30.43
C SER N 55 -14.00 36.60 -29.03
N ARG N 56 -15.32 36.52 -28.99
CA ARG N 56 -16.08 36.60 -27.74
C ARG N 56 -17.41 35.87 -27.87
N ASN N 57 -17.75 35.07 -26.88
CA ASN N 57 -19.00 34.33 -26.89
C ASN N 57 -19.31 33.76 -25.53
N VAL N 58 -20.56 33.32 -25.38
CA VAL N 58 -21.02 32.71 -24.15
C VAL N 58 -21.07 31.22 -24.44
N ASP N 59 -20.32 30.42 -23.69
CA ASP N 59 -20.32 28.98 -23.92
C ASP N 59 -21.66 28.43 -23.43
N GLN N 60 -21.81 27.11 -23.50
CA GLN N 60 -23.06 26.48 -23.09
C GLN N 60 -23.29 26.49 -21.59
N GLU N 61 -22.31 26.98 -20.83
CA GLU N 61 -22.42 27.04 -19.37
C GLU N 61 -22.77 28.43 -18.89
N GLY N 62 -22.97 29.34 -19.84
CA GLY N 62 -23.32 30.71 -19.49
C GLY N 62 -22.16 31.60 -19.13
N ASN N 63 -20.95 31.22 -19.54
CA ASN N 63 -19.77 32.01 -19.25
C ASN N 63 -19.23 32.75 -20.47
N LEU N 64 -18.83 34.00 -20.26
CA LEU N 64 -18.32 34.84 -21.33
C LEU N 64 -16.88 34.51 -21.63
N ARG N 65 -16.68 33.92 -22.81
CA ARG N 65 -15.35 33.54 -23.25
C ARG N 65 -14.77 34.58 -24.19
N THR N 66 -13.63 35.14 -23.83
CA THR N 66 -13.00 36.15 -24.65
C THR N 66 -11.51 35.91 -24.85
N THR N 67 -11.03 36.35 -26.00
CA THR N 67 -9.62 36.27 -26.38
C THR N 67 -9.29 37.54 -27.15
N ARG N 68 -8.39 38.34 -26.58
CA ARG N 68 -7.99 39.62 -27.19
C ARG N 68 -6.52 39.64 -27.57
N LEU N 69 -6.16 40.58 -28.44
CA LEU N 69 -4.79 40.76 -28.93
C LEU N 69 -4.26 42.17 -28.67
N LEU N 70 -3.20 42.26 -27.86
CA LEU N 70 -2.62 43.56 -27.55
C LEU N 70 -1.22 43.65 -28.12
N LYS N 71 -0.80 44.85 -28.49
CA LYS N 71 0.55 45.06 -28.99
C LYS N 71 1.16 46.02 -27.99
N LYS N 72 2.31 45.63 -27.43
CA LYS N 72 2.97 46.45 -26.42
C LYS N 72 4.37 46.88 -26.87
N SER N 73 4.71 48.14 -26.64
CA SER N 73 6.01 48.67 -27.05
C SER N 73 7.01 48.54 -25.88
N GLY N 74 8.30 48.69 -26.18
CA GLY N 74 9.29 48.59 -25.12
C GLY N 74 10.74 48.67 -25.57
N LYS N 75 11.64 48.54 -24.59
CA LYS N 75 13.09 48.59 -24.81
C LYS N 75 13.79 47.53 -23.96
N GLY N 86 13.96 48.44 -36.73
CA GLY N 86 14.28 47.11 -36.24
C GLY N 86 13.23 46.63 -35.25
N ILE N 87 13.47 45.45 -34.66
CA ILE N 87 12.52 44.89 -33.69
C ILE N 87 12.33 45.89 -32.57
N THR N 88 11.31 45.67 -31.75
CA THR N 88 11.00 46.56 -30.63
C THR N 88 9.76 46.12 -29.86
N GLU N 89 8.70 45.82 -30.59
CA GLU N 89 7.41 45.46 -29.99
C GLU N 89 7.12 43.97 -29.79
N THR N 90 6.05 43.71 -29.04
CA THR N 90 5.61 42.35 -28.73
C THR N 90 4.10 42.23 -28.86
N TRP N 91 3.64 41.02 -29.19
CA TRP N 91 2.21 40.75 -29.32
C TRP N 91 1.84 39.86 -28.13
N ILE N 92 0.80 40.25 -27.41
CA ILE N 92 0.36 39.50 -26.24
C ILE N 92 -1.07 38.97 -26.47
N ILE N 93 -1.32 37.72 -26.12
CA ILE N 93 -2.67 37.20 -26.27
C ILE N 93 -3.32 37.25 -24.90
N GLU N 94 -4.59 37.64 -24.88
CA GLU N 94 -5.36 37.73 -23.66
C GLU N 94 -6.54 36.80 -23.82
N VAL N 95 -6.82 36.03 -22.77
CA VAL N 95 -7.96 35.11 -22.79
C VAL N 95 -8.60 35.15 -21.41
N SER N 96 -9.92 35.21 -21.40
CA SER N 96 -10.64 35.27 -20.13
C SER N 96 -11.98 34.54 -20.15
N VAL N 97 -12.44 34.21 -18.95
CA VAL N 97 -13.70 33.51 -18.75
C VAL N 97 -14.42 34.16 -17.55
N VAL N 98 -15.60 34.72 -17.80
CA VAL N 98 -16.38 35.36 -16.75
C VAL N 98 -17.55 34.48 -16.34
N ASN N 99 -17.62 34.12 -15.06
CA ASN N 99 -18.73 33.28 -14.58
C ASN N 99 -19.69 34.14 -13.75
N PRO N 100 -20.85 34.52 -14.34
CA PRO N 100 -21.83 35.34 -13.61
C PRO N 100 -22.54 34.61 -12.47
N ALA N 101 -22.47 33.29 -12.48
CA ALA N 101 -23.12 32.49 -11.45
C ALA N 101 -22.39 32.45 -10.11
N ASN N 102 -21.06 32.52 -10.12
CA ASN N 102 -20.31 32.47 -8.87
C ASN N 102 -19.39 33.68 -8.63
N SER N 103 -19.48 34.67 -9.52
CA SER N 103 -18.67 35.89 -9.42
C SER N 103 -17.16 35.64 -9.55
N THR N 104 -16.76 34.93 -10.59
CA THR N 104 -15.36 34.60 -10.82
C THR N 104 -14.91 34.99 -12.23
N MET N 105 -13.67 35.44 -12.34
CA MET N 105 -13.13 35.80 -13.63
C MET N 105 -11.69 35.33 -13.74
N LYS N 106 -11.44 34.44 -14.70
CA LYS N 106 -10.11 33.89 -14.94
C LYS N 106 -9.49 34.59 -16.15
N THR N 107 -8.24 35.03 -16.02
CA THR N 107 -7.53 35.72 -17.11
C THR N 107 -6.14 35.16 -17.34
N TYR N 108 -5.76 35.06 -18.61
CA TYR N 108 -4.46 34.53 -19.00
C TYR N 108 -3.85 35.40 -20.09
N THR N 109 -2.54 35.63 -19.98
CA THR N 109 -1.81 36.44 -20.96
C THR N 109 -0.41 35.87 -21.19
N ARG N 110 0.02 35.85 -22.45
CA ARG N 110 1.35 35.35 -22.82
C ARG N 110 1.79 35.94 -24.15
N ASN N 111 3.02 36.43 -24.22
CA ASN N 111 3.52 37.01 -25.46
C ASN N 111 3.36 35.97 -26.57
N LEU N 112 3.03 36.42 -27.78
CA LEU N 112 2.86 35.50 -28.90
C LEU N 112 4.15 35.27 -29.67
N ASP N 113 4.97 36.31 -29.77
CA ASP N 113 6.24 36.19 -30.47
C ASP N 113 7.37 36.29 -29.45
N HIS N 114 8.60 36.01 -29.89
CA HIS N 114 9.79 36.03 -29.04
C HIS N 114 9.76 34.95 -27.95
N THR N 115 8.89 33.95 -28.09
CA THR N 115 8.81 32.89 -27.09
C THR N 115 10.07 32.05 -27.04
N GLY N 116 10.80 31.98 -28.14
CA GLY N 116 12.03 31.23 -28.17
C GLY N 116 12.96 31.78 -27.12
N ILE N 117 13.07 33.10 -27.10
CA ILE N 117 13.92 33.80 -26.13
C ILE N 117 13.35 33.75 -24.71
N MET N 118 12.15 34.27 -24.54
CA MET N 118 11.51 34.30 -23.23
C MET N 118 9.99 34.29 -23.39
N LYS N 119 9.33 33.36 -22.71
CA LYS N 119 7.88 33.26 -22.76
C LYS N 119 7.36 33.67 -21.38
N VAL N 120 6.46 34.65 -21.33
CA VAL N 120 5.94 35.10 -20.05
C VAL N 120 4.44 34.84 -19.97
N GLU N 121 4.05 34.03 -19.00
CA GLU N 121 2.65 33.68 -18.82
C GLU N 121 2.08 34.27 -17.55
N GLU N 122 0.85 34.78 -17.64
CA GLU N 122 0.20 35.40 -16.49
C GLU N 122 -1.21 34.91 -16.25
N TYR N 123 -1.41 34.28 -15.10
CA TYR N 123 -2.72 33.79 -14.71
C TYR N 123 -3.18 34.67 -13.55
N THR N 124 -4.26 35.42 -13.75
CA THR N 124 -4.80 36.29 -12.71
C THR N 124 -6.29 36.04 -12.62
N THR N 125 -6.76 35.64 -11.44
CA THR N 125 -8.17 35.36 -11.25
C THR N 125 -8.81 36.36 -10.30
N TYR N 126 -9.97 36.86 -10.70
CA TYR N 126 -10.71 37.81 -9.90
C TYR N 126 -11.89 37.02 -9.36
N GLN N 127 -12.09 37.07 -8.04
CA GLN N 127 -13.17 36.32 -7.40
C GLN N 127 -13.85 37.16 -6.32
N PHE N 128 -15.16 37.36 -6.43
CA PHE N 128 -15.89 38.16 -5.45
C PHE N 128 -16.19 37.43 -4.13
N ASP N 129 -15.85 38.09 -3.03
CA ASP N 129 -16.09 37.55 -1.70
C ASP N 129 -17.18 38.42 -1.06
N SER N 130 -18.31 37.79 -0.78
CA SER N 130 -19.47 38.46 -0.19
C SER N 130 -19.28 38.99 1.24
N ALA N 131 -18.65 38.17 2.09
CA ALA N 131 -18.44 38.54 3.49
C ALA N 131 -17.59 39.78 3.71
N THR N 132 -16.82 40.17 2.69
CA THR N 132 -15.97 41.35 2.80
C THR N 132 -16.33 42.35 1.69
N SER N 133 -17.29 41.97 0.86
CA SER N 133 -17.77 42.81 -0.24
C SER N 133 -16.66 43.31 -1.16
N SER N 134 -15.56 42.56 -1.23
CA SER N 134 -14.41 42.93 -2.06
C SER N 134 -14.07 41.86 -3.11
N THR N 135 -13.35 42.28 -4.16
CA THR N 135 -12.95 41.39 -5.25
C THR N 135 -11.46 41.03 -5.08
N ILE N 136 -11.17 39.76 -4.84
CA ILE N 136 -9.78 39.34 -4.65
C ILE N 136 -9.17 38.91 -5.96
N ALA N 137 -7.95 39.37 -6.21
CA ALA N 137 -7.24 39.02 -7.42
C ALA N 137 -6.03 38.20 -7.05
N ASP N 138 -5.89 37.02 -7.65
CA ASP N 138 -4.76 36.17 -7.39
C ASP N 138 -3.96 36.20 -8.68
N SER N 139 -2.65 36.37 -8.57
CA SER N 139 -1.81 36.45 -9.76
C SER N 139 -0.58 35.57 -9.72
N ARG N 140 -0.44 34.76 -10.77
CA ARG N 140 0.66 33.85 -10.93
C ARG N 140 1.31 34.22 -12.25
N VAL N 141 2.63 34.34 -12.25
CA VAL N 141 3.36 34.71 -13.46
C VAL N 141 4.53 33.76 -13.74
N LYS N 142 4.43 32.99 -14.82
CA LYS N 142 5.50 32.05 -15.17
C LYS N 142 6.41 32.53 -16.30
N PHE N 143 7.71 32.43 -16.09
CA PHE N 143 8.71 32.81 -17.09
C PHE N 143 9.33 31.50 -17.58
N SER N 144 9.44 31.33 -18.89
CA SER N 144 10.02 30.10 -19.43
C SER N 144 10.72 30.31 -20.76
N SER N 145 12.00 29.96 -20.81
CA SER N 145 12.78 30.12 -22.03
C SER N 145 13.23 28.78 -22.51
N GLY N 146 13.03 28.54 -23.81
CA GLY N 146 13.39 27.27 -24.41
C GLY N 146 14.79 27.27 -24.99
N PHE N 147 15.16 28.37 -25.63
CA PHE N 147 16.49 28.53 -26.21
C PHE N 147 17.48 28.50 -25.04
N ASN N 148 17.06 29.02 -23.90
CA ASN N 148 17.93 29.00 -22.74
C ASN N 148 18.20 27.53 -22.47
N MET N 149 17.18 26.84 -21.98
CA MET N 149 17.22 25.41 -21.67
C MET N 149 17.87 24.56 -22.75
N GLY N 150 17.68 24.96 -24.00
CA GLY N 150 18.30 24.23 -25.08
C GLY N 150 19.79 24.21 -24.77
N ILE N 151 20.30 25.34 -24.31
CA ILE N 151 21.70 25.48 -23.94
C ILE N 151 22.02 24.57 -22.77
N LYS N 152 21.38 24.82 -21.64
CA LYS N 152 21.64 24.03 -20.46
C LYS N 152 21.81 22.58 -20.85
N SER N 153 21.10 22.16 -21.89
CA SER N 153 21.16 20.78 -22.37
C SER N 153 22.36 20.42 -23.26
N LYS N 154 22.88 21.39 -24.00
CA LYS N 154 23.99 21.11 -24.88
C LYS N 154 25.27 21.03 -24.08
N VAL N 155 25.50 22.02 -23.23
CA VAL N 155 26.71 22.00 -22.43
C VAL N 155 26.68 20.72 -21.61
N GLU N 156 25.49 20.20 -21.35
CA GLU N 156 25.37 18.99 -20.58
C GLU N 156 25.86 17.83 -21.42
N ASP N 157 25.34 17.76 -22.63
CA ASP N 157 25.73 16.70 -23.55
C ASP N 157 27.19 16.79 -23.88
N TRP N 158 27.70 18.02 -24.06
CA TRP N 158 29.12 18.23 -24.36
C TRP N 158 29.99 17.55 -23.29
N SER N 159 29.63 17.72 -22.02
CA SER N 159 30.41 17.11 -20.97
C SER N 159 30.28 15.59 -20.98
N ARG N 160 29.08 15.08 -21.12
CA ARG N 160 28.89 13.63 -21.12
C ARG N 160 29.72 13.04 -22.24
N THR N 161 29.77 13.73 -23.36
CA THR N 161 30.55 13.27 -24.51
C THR N 161 32.02 13.31 -24.14
N LYS N 162 32.56 14.51 -23.99
CA LYS N 162 33.96 14.69 -23.61
C LYS N 162 34.31 13.73 -22.48
N PHE N 163 33.41 13.49 -21.55
CA PHE N 163 33.70 12.59 -20.44
C PHE N 163 33.77 11.17 -20.93
N ASP N 164 32.69 10.71 -21.56
CA ASP N 164 32.61 9.34 -22.08
C ASP N 164 33.78 9.01 -23.00
N GLU N 165 33.99 9.81 -24.06
CA GLU N 165 35.09 9.58 -25.00
C GLU N 165 36.37 9.34 -24.21
N ASN N 166 36.85 10.39 -23.56
CA ASN N 166 38.06 10.30 -22.78
C ASN N 166 38.14 9.22 -21.73
N VAL N 167 37.04 8.84 -21.09
CA VAL N 167 37.23 7.80 -20.10
C VAL N 167 37.50 6.51 -20.86
N LYS N 168 36.97 6.39 -22.07
CA LYS N 168 37.22 5.16 -22.83
C LYS N 168 38.71 5.10 -23.21
N LYS N 169 39.20 6.15 -23.86
CA LYS N 169 40.60 6.26 -24.27
C LYS N 169 41.56 5.95 -23.13
N SER N 170 41.59 6.84 -22.13
CA SER N 170 42.46 6.66 -20.98
C SER N 170 42.48 5.24 -20.48
N ARG N 171 41.31 4.61 -20.41
CA ARG N 171 41.18 3.22 -19.95
C ARG N 171 41.92 2.24 -20.85
N MET N 172 41.81 2.48 -22.16
CA MET N 172 42.48 1.63 -23.13
C MET N 172 43.97 1.98 -23.17
N GLY N 173 44.30 3.14 -22.62
CA GLY N 173 45.69 3.53 -22.59
C GLY N 173 46.31 2.62 -21.55
N MET N 174 45.66 2.56 -20.40
CA MET N 174 46.12 1.72 -19.31
C MET N 174 46.16 0.25 -19.67
N ALA N 175 45.27 -0.20 -20.55
CA ALA N 175 45.25 -1.61 -20.95
C ALA N 175 46.50 -1.96 -21.77
N PHE N 176 46.75 -1.14 -22.78
CA PHE N 176 47.90 -1.31 -23.63
C PHE N 176 49.12 -1.27 -22.71
N VAL N 177 49.38 -0.12 -22.14
CA VAL N 177 50.48 0.02 -21.20
C VAL N 177 50.64 -1.22 -20.30
N ILE N 178 49.52 -1.84 -19.90
CA ILE N 178 49.57 -3.03 -19.02
C ILE N 178 49.94 -4.27 -19.82
N GLN N 179 49.27 -4.48 -20.94
CA GLN N 179 49.56 -5.63 -21.78
C GLN N 179 51.04 -5.70 -22.16
N LYS N 180 51.53 -4.73 -22.94
CA LYS N 180 52.93 -4.74 -23.37
C LYS N 180 53.86 -4.95 -22.20
N LEU N 181 53.56 -4.27 -21.09
CA LEU N 181 54.36 -4.38 -19.89
C LEU N 181 54.30 -5.82 -19.37
N GLU N 182 53.70 -6.70 -20.17
CA GLU N 182 53.58 -8.13 -19.86
C GLU N 182 54.01 -8.91 -21.11
N GLU N 183 55.00 -8.37 -21.84
CA GLU N 183 55.51 -8.99 -23.06
C GLU N 183 56.86 -8.42 -23.45
N PHE O 9 -8.65 25.13 25.14
CA PHE O 9 -8.79 23.65 24.99
C PHE O 9 -9.44 23.06 26.24
N ALA O 10 -9.22 23.74 27.37
CA ALA O 10 -9.79 23.32 28.64
C ALA O 10 -10.99 24.22 28.95
N PRO O 11 -12.22 23.71 28.74
CA PRO O 11 -13.47 24.44 28.97
C PRO O 11 -13.54 25.28 30.26
N GLU O 12 -12.85 24.83 31.31
CA GLU O 12 -12.87 25.53 32.59
C GLU O 12 -11.95 26.76 32.67
N CYS O 13 -11.23 27.05 31.59
CA CYS O 13 -10.31 28.18 31.56
C CYS O 13 -10.74 29.25 30.55
N THR O 14 -11.81 28.95 29.81
CA THR O 14 -12.33 29.86 28.79
C THR O 14 -12.68 31.26 29.28
N ASP O 15 -13.41 31.35 30.39
CA ASP O 15 -13.76 32.65 30.92
C ASP O 15 -12.56 33.36 31.53
N LEU O 16 -11.58 32.58 31.99
CA LEU O 16 -10.36 33.13 32.57
C LEU O 16 -9.47 33.67 31.45
N LYS O 17 -9.63 33.10 30.26
CA LYS O 17 -8.88 33.52 29.09
C LYS O 17 -9.53 34.77 28.48
N THR O 18 -10.85 34.87 28.60
CA THR O 18 -11.61 36.01 28.07
C THR O 18 -11.29 37.28 28.85
N LYS O 19 -11.03 37.13 30.15
CA LYS O 19 -10.70 38.25 31.01
C LYS O 19 -9.23 38.66 30.86
N TYR O 20 -8.36 37.69 30.59
CA TYR O 20 -6.94 37.97 30.39
C TYR O 20 -6.72 38.62 29.03
N ASP O 21 -7.39 38.10 28.01
CA ASP O 21 -7.26 38.64 26.65
C ASP O 21 -7.80 40.07 26.52
N SER O 22 -8.89 40.36 27.23
CA SER O 22 -9.48 41.69 27.21
C SER O 22 -8.50 42.70 27.80
N CYS O 23 -7.88 42.34 28.91
CA CYS O 23 -6.91 43.21 29.59
C CYS O 23 -5.65 43.39 28.75
N PHE O 24 -5.19 42.32 28.12
CA PHE O 24 -3.99 42.39 27.29
C PHE O 24 -4.20 43.29 26.08
N ASN O 25 -5.34 43.12 25.39
CA ASN O 25 -5.64 43.91 24.20
C ASN O 25 -5.62 45.41 24.49
N GLU O 26 -6.16 45.77 25.64
CA GLU O 26 -6.18 47.16 26.07
C GLU O 26 -4.75 47.61 26.34
N TRP O 27 -4.02 46.83 27.11
CA TRP O 27 -2.63 47.12 27.47
C TRP O 27 -1.74 47.21 26.23
N TYR O 28 -1.94 46.29 25.28
CA TYR O 28 -1.16 46.25 24.06
C TYR O 28 -1.32 47.49 23.17
N SER O 29 -2.56 47.85 22.87
CA SER O 29 -2.85 48.99 22.01
C SER O 29 -2.62 50.37 22.62
N GLU O 30 -3.00 50.52 23.89
CA GLU O 30 -2.89 51.81 24.57
C GLU O 30 -1.58 52.05 25.33
N LYS O 31 -0.91 50.99 25.75
CA LYS O 31 0.33 51.13 26.50
C LYS O 31 1.60 50.65 25.78
N PHE O 32 1.67 49.36 25.49
CA PHE O 32 2.86 48.79 24.83
C PHE O 32 3.26 49.40 23.48
N LEU O 33 2.30 49.53 22.56
CA LEU O 33 2.58 50.09 21.24
C LEU O 33 2.84 51.59 21.24
N LYS O 34 2.51 52.25 22.34
CA LYS O 34 2.73 53.69 22.45
C LYS O 34 3.93 54.00 23.35
N GLY O 35 4.65 52.94 23.74
CA GLY O 35 5.82 53.09 24.59
C GLY O 35 5.58 53.56 26.00
N LYS O 36 4.41 53.26 26.56
CA LYS O 36 4.05 53.68 27.92
C LYS O 36 4.22 52.63 29.02
N SER O 37 4.56 51.41 28.66
CA SER O 37 4.76 50.34 29.65
C SER O 37 5.35 49.07 29.07
N VAL O 38 6.11 48.35 29.91
CA VAL O 38 6.74 47.10 29.50
C VAL O 38 6.51 46.03 30.57
N GLU O 39 5.63 46.33 31.52
CA GLU O 39 5.34 45.40 32.62
C GLU O 39 3.93 44.78 32.57
N ASN O 40 3.74 43.72 33.36
CA ASN O 40 2.47 43.01 33.41
C ASN O 40 1.41 43.77 34.21
N GLU O 41 0.52 44.45 33.49
CA GLU O 41 -0.56 45.22 34.09
C GLU O 41 -1.85 44.41 34.00
N CYS O 42 -1.69 43.11 33.77
CA CYS O 42 -2.79 42.16 33.66
C CYS O 42 -2.39 40.90 34.42
N SER O 43 -1.49 41.08 35.38
CA SER O 43 -0.96 39.99 36.19
C SER O 43 -2.03 39.11 36.84
N LYS O 44 -2.99 39.74 37.51
CA LYS O 44 -4.06 38.98 38.16
C LYS O 44 -4.87 38.13 37.19
N GLN O 45 -5.16 38.66 36.00
CA GLN O 45 -5.92 37.92 35.01
C GLN O 45 -5.06 36.83 34.35
N TRP O 46 -3.77 37.11 34.21
CA TRP O 46 -2.84 36.17 33.59
C TRP O 46 -2.57 34.93 34.46
N TYR O 47 -2.18 35.15 35.72
CA TYR O 47 -1.87 34.05 36.61
C TYR O 47 -3.07 33.16 36.98
N ALA O 48 -4.27 33.72 36.99
CA ALA O 48 -5.46 32.95 37.29
C ALA O 48 -5.76 32.07 36.08
N TYR O 49 -5.60 32.65 34.90
CA TYR O 49 -5.82 31.96 33.65
C TYR O 49 -4.76 30.90 33.34
N THR O 50 -3.48 31.25 33.54
CA THR O 50 -2.36 30.33 33.27
C THR O 50 -2.28 29.18 34.27
N THR O 51 -2.83 29.39 35.47
CA THR O 51 -2.82 28.37 36.50
C THR O 51 -3.87 27.32 36.10
N CYS O 52 -4.93 27.78 35.46
CA CYS O 52 -6.01 26.92 35.01
C CYS O 52 -5.58 26.08 33.81
N VAL O 53 -4.85 26.72 32.89
CA VAL O 53 -4.35 26.06 31.70
C VAL O 53 -3.28 25.03 32.03
N ASN O 54 -2.30 25.41 32.86
CA ASN O 54 -1.23 24.51 33.25
C ASN O 54 -1.75 23.25 33.94
N ALA O 55 -2.80 23.39 34.74
CA ALA O 55 -3.39 22.25 35.45
C ALA O 55 -4.05 21.30 34.45
N ALA O 56 -4.56 21.87 33.36
CA ALA O 56 -5.21 21.10 32.31
C ALA O 56 -4.18 20.45 31.38
N LEU O 57 -3.00 21.07 31.27
CA LEU O 57 -1.92 20.57 30.41
C LEU O 57 -1.15 19.38 30.98
N VAL O 58 -1.11 19.27 32.30
CA VAL O 58 -0.40 18.16 32.95
C VAL O 58 -1.07 16.84 32.57
N LYS O 59 -2.36 16.90 32.26
CA LYS O 59 -3.14 15.73 31.90
C LYS O 59 -3.26 15.51 30.39
N GLN O 60 -2.57 16.34 29.59
CA GLN O 60 -2.61 16.23 28.13
C GLN O 60 -1.38 15.50 27.58
N GLY O 61 -1.61 14.59 26.65
CA GLY O 61 -0.52 13.84 26.06
C GLY O 61 0.42 14.70 25.23
N ILE O 62 -0.04 15.90 24.88
CA ILE O 62 0.77 16.81 24.07
C ILE O 62 1.73 17.64 24.89
N LYS O 63 1.76 17.45 26.20
CA LYS O 63 2.66 18.24 27.03
C LYS O 63 4.15 17.99 26.77
N PRO O 64 4.58 16.71 26.65
CA PRO O 64 6.00 16.49 26.38
C PRO O 64 6.48 17.15 25.08
N ALA O 65 5.60 17.19 24.08
CA ALA O 65 5.91 17.79 22.79
C ALA O 65 5.87 19.33 22.84
N LEU O 66 5.04 19.87 23.74
CA LEU O 66 4.92 21.31 23.89
C LEU O 66 6.08 21.89 24.73
N ASP O 67 6.57 21.12 25.70
CA ASP O 67 7.68 21.56 26.55
C ASP O 67 9.00 21.60 25.77
N GLU O 68 9.12 20.71 24.79
CA GLU O 68 10.32 20.63 23.95
C GLU O 68 10.34 21.78 22.94
N ALA O 69 9.16 22.12 22.42
CA ALA O 69 9.00 23.19 21.44
C ALA O 69 9.21 24.57 22.05
N ARG O 70 9.02 24.67 23.37
CA ARG O 70 9.21 25.94 24.09
C ARG O 70 10.68 26.19 24.40
N GLU O 71 11.53 25.19 24.14
CA GLU O 71 12.97 25.29 24.37
C GLU O 71 13.72 25.61 23.07
N GLU O 72 13.01 25.59 21.96
CA GLU O 72 13.61 25.84 20.64
C GLU O 72 13.46 27.29 20.16
N ALA O 73 14.35 27.72 19.26
CA ALA O 73 14.35 29.07 18.71
C ALA O 73 14.11 29.03 17.19
N PRO O 74 12.92 29.43 16.73
CA PRO O 74 12.39 29.51 15.35
C PRO O 74 12.93 30.45 14.27
N PHE O 75 13.44 31.61 14.64
CA PHE O 75 13.88 32.55 13.60
C PHE O 75 15.34 33.01 13.60
N GLU O 76 16.20 32.30 14.32
CA GLU O 76 17.62 32.65 14.38
C GLU O 76 17.82 34.06 14.93
N MET P 15 11.82 14.40 2.26
CA MET P 15 11.11 15.10 1.14
C MET P 15 10.39 16.34 1.67
N VAL P 16 10.66 17.49 1.06
CA VAL P 16 10.01 18.74 1.48
C VAL P 16 9.65 19.68 0.32
N LEU P 17 8.37 19.87 0.10
CA LEU P 17 7.88 20.75 -0.96
C LEU P 17 7.51 22.06 -0.29
N LEU P 18 7.05 23.06 -1.05
CA LEU P 18 6.71 24.35 -0.46
C LEU P 18 6.63 25.48 -1.48
N HIS P 19 5.99 26.57 -1.08
CA HIS P 19 5.95 27.78 -1.90
C HIS P 19 5.30 29.02 -1.32
N LYS P 20 6.03 30.10 -1.52
CA LYS P 20 5.75 31.44 -1.05
C LYS P 20 4.57 32.13 -1.72
N SER P 21 4.12 33.21 -1.06
CA SER P 21 3.02 34.05 -1.52
C SER P 21 3.13 35.35 -0.72
N THR P 22 2.69 36.44 -1.31
CA THR P 22 2.73 37.73 -0.64
C THR P 22 1.38 38.40 -0.77
N HIS P 23 1.07 39.27 0.16
CA HIS P 23 -0.19 39.98 0.14
C HIS P 23 0.00 41.34 0.79
N ILE P 24 -0.70 42.34 0.27
CA ILE P 24 -0.62 43.68 0.80
C ILE P 24 -1.93 44.16 1.43
N PHE P 25 -1.87 44.42 2.72
CA PHE P 25 -3.03 44.90 3.46
C PHE P 25 -2.98 46.42 3.49
N PRO P 26 -3.96 47.09 2.86
CA PRO P 26 -3.94 48.56 2.88
C PRO P 26 -4.35 49.09 4.26
N THR P 27 -3.65 48.59 5.29
CA THR P 27 -3.91 48.96 6.68
C THR P 27 -2.59 49.19 7.43
N ASP P 28 -2.66 49.87 8.57
CA ASP P 28 -1.47 50.14 9.36
C ASP P 28 -1.06 48.94 10.21
N PHE P 29 0.13 49.01 10.80
CA PHE P 29 0.65 47.92 11.61
C PHE P 29 -0.21 47.53 12.82
N ALA P 30 -0.71 48.53 13.54
CA ALA P 30 -1.54 48.28 14.72
C ALA P 30 -2.79 47.47 14.41
N SER P 31 -3.48 47.82 13.33
CA SER P 31 -4.70 47.12 12.94
C SER P 31 -4.39 45.68 12.53
N VAL P 32 -3.31 45.52 11.78
CA VAL P 32 -2.90 44.21 11.30
C VAL P 32 -2.47 43.28 12.45
N SER P 33 -1.53 43.75 13.28
CA SER P 33 -1.04 42.96 14.39
C SER P 33 -2.16 42.65 15.38
N ARG P 34 -3.15 43.54 15.47
CA ARG P 34 -4.29 43.33 16.37
C ARG P 34 -5.24 42.30 15.78
N ALA P 35 -5.43 42.35 14.47
CA ALA P 35 -6.31 41.40 13.80
C ALA P 35 -5.75 39.99 13.94
N PHE P 36 -4.41 39.87 13.93
CA PHE P 36 -3.73 38.58 14.06
C PHE P 36 -4.06 37.90 15.39
N PHE P 37 -3.91 38.65 16.49
CA PHE P 37 -4.20 38.12 17.82
C PHE P 37 -5.69 37.87 18.03
N ASN P 38 -6.54 38.52 17.24
CA ASN P 38 -7.99 38.37 17.35
C ASN P 38 -8.60 37.88 16.04
N ARG P 39 -7.87 37.06 15.30
CA ARG P 39 -8.34 36.56 14.02
C ARG P 39 -9.47 35.54 14.19
N TYR P 40 -9.48 34.84 15.33
CA TYR P 40 -10.48 33.82 15.60
C TYR P 40 -11.48 34.26 16.68
N PRO P 41 -12.78 34.02 16.44
CA PRO P 41 -13.31 33.37 15.24
C PRO P 41 -13.62 34.28 14.06
N ASN P 42 -13.61 33.70 12.86
CA ASN P 42 -13.91 34.40 11.61
C ASN P 42 -14.50 33.35 10.66
N PRO P 43 -15.53 33.73 9.88
CA PRO P 43 -16.25 32.88 8.91
C PRO P 43 -15.45 31.99 7.96
N TYR P 44 -14.21 32.36 7.68
CA TYR P 44 -13.38 31.61 6.76
C TYR P 44 -12.61 30.44 7.35
N SER P 45 -12.54 30.38 8.68
CA SER P 45 -11.83 29.29 9.37
C SER P 45 -12.73 28.60 10.39
N PRO P 46 -13.84 27.97 9.94
CA PRO P 46 -14.74 27.29 10.85
C PRO P 46 -14.13 26.04 11.48
N HIS P 47 -13.01 25.59 10.92
CA HIS P 47 -12.33 24.39 11.40
C HIS P 47 -11.45 24.62 12.64
N VAL P 48 -11.20 25.88 12.98
CA VAL P 48 -10.40 26.18 14.16
C VAL P 48 -11.33 26.03 15.36
N LEU P 49 -11.16 24.95 16.11
CA LEU P 49 -12.03 24.68 17.26
C LEU P 49 -11.73 25.56 18.47
N SER P 50 -10.44 25.86 18.68
CA SER P 50 -10.05 26.69 19.80
C SER P 50 -8.64 27.25 19.67
N ILE P 51 -8.33 28.23 20.51
CA ILE P 51 -7.02 28.86 20.54
C ILE P 51 -6.79 29.43 21.94
N ASP P 52 -5.61 29.17 22.48
CA ASP P 52 -5.24 29.65 23.80
C ASP P 52 -3.89 30.34 23.74
N THR P 53 -3.59 31.16 24.75
CA THR P 53 -2.32 31.85 24.84
C THR P 53 -1.54 31.12 25.95
N ILE P 54 -0.54 30.33 25.56
CA ILE P 54 0.27 29.54 26.49
C ILE P 54 1.30 30.35 27.27
N SER P 55 1.87 31.36 26.64
CA SER P 55 2.86 32.21 27.29
C SER P 55 2.91 33.56 26.60
N ARG P 56 3.19 34.60 27.37
CA ARG P 56 3.27 35.95 26.83
C ARG P 56 4.06 36.87 27.75
N ASN P 57 5.02 37.57 27.17
CA ASN P 57 5.87 38.49 27.92
C ASN P 57 6.56 39.45 26.97
N VAL P 58 7.19 40.48 27.53
CA VAL P 58 7.94 41.45 26.74
C VAL P 58 9.39 41.15 27.09
N ASP P 59 10.20 40.80 26.07
CA ASP P 59 11.60 40.51 26.33
C ASP P 59 12.41 41.76 26.62
N GLN P 60 13.70 41.58 26.86
CA GLN P 60 14.61 42.69 27.18
C GLN P 60 14.76 43.72 26.06
N GLU P 61 14.30 43.39 24.86
CA GLU P 61 14.38 44.30 23.74
C GLU P 61 13.08 45.08 23.56
N GLY P 62 12.12 44.84 24.44
CA GLY P 62 10.85 45.54 24.36
C GLY P 62 9.87 44.98 23.34
N ASN P 63 10.17 43.80 22.82
CA ASN P 63 9.31 43.15 21.83
C ASN P 63 8.35 42.18 22.52
N LEU P 64 7.17 41.98 21.96
CA LEU P 64 6.17 41.08 22.54
C LEU P 64 6.31 39.65 22.01
N ARG P 65 6.60 38.70 22.91
CA ARG P 65 6.76 37.29 22.53
C ARG P 65 5.51 36.49 22.94
N THR P 66 4.81 35.94 21.95
CA THR P 66 3.59 35.18 22.21
C THR P 66 3.55 33.77 21.60
N THR P 67 3.24 32.76 22.42
CA THR P 67 3.13 31.37 21.96
C THR P 67 1.66 31.00 22.19
N ARG P 68 0.98 30.53 21.15
CA ARG P 68 -0.42 30.14 21.30
C ARG P 68 -0.72 28.75 20.73
N LEU P 69 -1.70 28.08 21.34
CA LEU P 69 -2.10 26.72 20.95
C LEU P 69 -3.47 26.67 20.31
N LEU P 70 -3.54 26.13 19.09
CA LEU P 70 -4.80 26.02 18.37
C LEU P 70 -5.15 24.57 18.03
N LYS P 71 -6.43 24.24 18.03
CA LYS P 71 -6.87 22.91 17.65
C LYS P 71 -7.67 23.11 16.37
N LYS P 72 -7.34 22.34 15.35
CA LYS P 72 -8.04 22.45 14.08
C LYS P 72 -8.53 21.10 13.61
N SER P 73 -9.79 21.04 13.21
CA SER P 73 -10.40 19.80 12.73
C SER P 73 -10.18 19.66 11.23
N GLY P 74 -10.45 18.47 10.71
CA GLY P 74 -10.28 18.24 9.29
C GLY P 74 -10.59 16.82 8.89
N LYS P 75 -10.43 16.54 7.59
CA LYS P 75 -10.68 15.21 7.03
C LYS P 75 -9.58 14.82 6.06
N GLY P 86 -7.04 7.10 11.36
CA GLY P 86 -8.06 8.13 11.37
C GLY P 86 -7.63 9.41 12.09
N ILE P 87 -7.59 10.51 11.34
CA ILE P 87 -7.20 11.82 11.87
C ILE P 87 -8.28 12.85 11.54
N THR P 88 -8.93 13.40 12.56
CA THR P 88 -9.97 14.39 12.34
C THR P 88 -9.61 15.74 12.96
N GLU P 89 -8.50 15.79 13.70
CA GLU P 89 -8.05 17.03 14.33
C GLU P 89 -6.54 17.11 14.56
N THR P 90 -6.02 18.34 14.60
CA THR P 90 -4.60 18.59 14.79
C THR P 90 -4.28 19.79 15.69
N TRP P 91 -3.27 19.63 16.54
CA TRP P 91 -2.83 20.72 17.43
C TRP P 91 -1.81 21.54 16.65
N ILE P 92 -1.86 22.86 16.80
CA ILE P 92 -0.95 23.77 16.08
C ILE P 92 -0.37 24.84 17.00
N ILE P 93 0.95 24.93 17.07
CA ILE P 93 1.61 25.94 17.90
C ILE P 93 1.82 27.21 17.06
N GLU P 94 1.53 28.36 17.66
CA GLU P 94 1.68 29.65 16.98
C GLU P 94 2.62 30.59 17.74
N VAL P 95 3.81 30.79 17.20
CA VAL P 95 4.81 31.66 17.82
C VAL P 95 4.88 33.00 17.10
N SER P 96 4.93 34.09 17.86
CA SER P 96 5.00 35.43 17.27
C SER P 96 5.86 36.41 18.10
N VAL P 97 6.47 37.37 17.41
CA VAL P 97 7.31 38.39 18.05
C VAL P 97 6.93 39.76 17.49
N VAL P 98 6.34 40.61 18.33
CA VAL P 98 5.94 41.96 17.90
C VAL P 98 6.97 43.02 18.27
N ASN P 99 7.48 43.70 17.26
CA ASN P 99 8.47 44.77 17.46
C ASN P 99 7.81 46.11 17.10
N PRO P 100 7.34 46.85 18.11
CA PRO P 100 6.69 48.14 17.86
C PRO P 100 7.64 49.22 17.34
N ALA P 101 8.94 49.03 17.59
CA ALA P 101 9.95 49.98 17.15
C ALA P 101 10.07 50.10 15.64
N ASN P 102 10.07 48.97 14.95
CA ASN P 102 10.19 48.98 13.49
C ASN P 102 8.94 48.51 12.76
N SER P 103 7.84 48.38 13.49
CA SER P 103 6.57 47.93 12.90
C SER P 103 6.73 46.62 12.14
N THR P 104 7.20 45.58 12.83
CA THR P 104 7.39 44.26 12.25
C THR P 104 6.80 43.18 13.17
N MET P 105 6.20 42.16 12.56
CA MET P 105 5.60 41.06 13.33
C MET P 105 5.89 39.71 12.67
N LYS P 106 6.81 38.94 13.26
CA LYS P 106 7.17 37.61 12.76
C LYS P 106 6.24 36.55 13.35
N THR P 107 5.68 35.70 12.50
CA THR P 107 4.78 34.65 12.98
C THR P 107 5.25 33.30 12.45
N TYR P 108 5.07 32.26 13.26
CA TYR P 108 5.47 30.90 12.90
C TYR P 108 4.44 29.90 13.42
N THR P 109 4.07 28.93 12.60
CA THR P 109 3.12 27.91 13.00
C THR P 109 3.52 26.54 12.45
N ARG P 110 3.18 25.50 13.20
CA ARG P 110 3.47 24.13 12.77
C ARG P 110 2.64 23.17 13.62
N ASN P 111 2.17 22.10 13.01
CA ASN P 111 1.40 21.12 13.74
C ASN P 111 2.30 20.46 14.79
N LEU P 112 1.74 20.14 15.95
CA LEU P 112 2.50 19.50 17.01
C LEU P 112 2.37 17.97 16.96
N ASP P 113 1.30 17.51 16.32
CA ASP P 113 1.05 16.08 16.15
C ASP P 113 0.88 15.72 14.68
N HIS P 114 1.14 14.47 14.34
CA HIS P 114 1.05 13.96 12.97
C HIS P 114 2.30 14.38 12.17
N THR P 115 3.35 14.84 12.86
CA THR P 115 4.58 15.28 12.21
C THR P 115 5.34 14.15 11.51
N GLY P 116 5.10 12.91 11.95
CA GLY P 116 5.77 11.77 11.34
C GLY P 116 5.18 11.52 9.96
N ILE P 117 3.91 11.89 9.81
CA ILE P 117 3.18 11.74 8.56
C ILE P 117 3.44 12.96 7.68
N MET P 118 3.21 14.13 8.27
CA MET P 118 3.38 15.40 7.56
C MET P 118 3.53 16.58 8.52
N LYS P 119 4.62 17.33 8.38
CA LYS P 119 4.86 18.50 9.21
C LYS P 119 4.73 19.74 8.32
N VAL P 120 3.86 20.66 8.71
CA VAL P 120 3.65 21.88 7.93
C VAL P 120 4.07 23.13 8.68
N GLU P 121 5.22 23.69 8.31
CA GLU P 121 5.76 24.88 8.94
C GLU P 121 5.50 26.15 8.13
N GLU P 122 4.97 27.18 8.79
CA GLU P 122 4.68 28.45 8.13
C GLU P 122 5.36 29.64 8.80
N TYR P 123 6.01 30.47 8.00
CA TYR P 123 6.67 31.68 8.49
C TYR P 123 5.99 32.85 7.79
N THR P 124 5.20 33.63 8.53
CA THR P 124 4.52 34.78 7.93
C THR P 124 4.89 36.09 8.64
N THR P 125 5.58 36.97 7.91
CA THR P 125 6.00 38.26 8.45
C THR P 125 5.17 39.45 7.95
N TYR P 126 4.68 40.24 8.90
CA TYR P 126 3.90 41.44 8.60
C TYR P 126 4.82 42.62 8.86
N GLN P 127 5.07 43.41 7.82
CA GLN P 127 5.97 44.56 7.95
C GLN P 127 5.29 45.81 7.43
N PHE P 128 5.26 46.86 8.25
CA PHE P 128 4.64 48.10 7.80
C PHE P 128 5.58 48.88 6.89
N ASP P 129 5.02 49.39 5.79
CA ASP P 129 5.79 50.18 4.83
C ASP P 129 5.24 51.60 4.80
N SER P 130 6.02 52.53 5.36
CA SER P 130 5.62 53.93 5.43
C SER P 130 5.36 54.55 4.06
N ALA P 131 6.22 54.23 3.09
CA ALA P 131 6.10 54.76 1.74
C ALA P 131 4.78 54.45 1.06
N THR P 132 4.23 53.27 1.32
CA THR P 132 2.97 52.87 0.71
C THR P 132 1.82 52.82 1.73
N SER P 133 2.12 53.18 2.97
CA SER P 133 1.12 53.19 4.04
C SER P 133 0.37 51.87 4.11
N SER P 134 1.07 50.77 3.89
CA SER P 134 0.44 49.46 3.92
C SER P 134 1.32 48.46 4.65
N THR P 135 0.72 47.36 5.08
CA THR P 135 1.45 46.30 5.78
C THR P 135 1.65 45.13 4.81
N ILE P 136 2.90 44.78 4.55
CA ILE P 136 3.23 43.69 3.63
C ILE P 136 3.43 42.37 4.36
N ALA P 137 2.70 41.34 3.93
CA ALA P 137 2.80 40.03 4.55
C ALA P 137 3.46 39.02 3.62
N ASP P 138 4.62 38.52 4.06
CA ASP P 138 5.35 37.53 3.27
C ASP P 138 5.27 36.18 3.96
N SER P 139 4.79 35.18 3.22
CA SER P 139 4.65 33.84 3.78
C SER P 139 5.50 32.78 3.10
N ARG P 140 6.00 31.84 3.91
CA ARG P 140 6.83 30.73 3.46
C ARG P 140 6.29 29.48 4.17
N VAL P 141 5.96 28.44 3.42
CA VAL P 141 5.42 27.21 3.99
C VAL P 141 6.23 25.99 3.54
N LYS P 142 6.51 25.05 4.46
CA LYS P 142 7.32 23.85 4.19
C LYS P 142 6.70 22.54 4.75
N PHE P 143 6.80 21.42 4.01
CA PHE P 143 6.25 20.12 4.49
C PHE P 143 7.16 18.89 4.30
N SER P 144 7.03 17.89 5.19
CA SER P 144 7.82 16.63 5.10
C SER P 144 7.45 15.47 6.05
N SER P 145 7.99 14.29 5.72
CA SER P 145 7.82 13.06 6.49
C SER P 145 9.12 12.25 6.29
N GLY P 146 10.21 12.77 6.85
CA GLY P 146 11.53 12.17 6.74
C GLY P 146 11.64 10.68 6.47
N PHE P 147 10.59 9.96 6.84
CA PHE P 147 10.52 8.52 6.66
C PHE P 147 10.77 8.11 5.22
N ASN P 148 9.71 8.18 4.41
CA ASN P 148 9.79 7.79 3.00
C ASN P 148 10.87 8.56 2.28
N MET P 149 11.41 9.57 2.96
CA MET P 149 12.48 10.36 2.40
C MET P 149 13.73 9.48 2.43
N GLY P 150 13.81 8.64 3.47
CA GLY P 150 14.95 7.75 3.64
C GLY P 150 14.87 6.43 2.90
N ILE P 151 13.66 6.01 2.53
CA ILE P 151 13.46 4.77 1.80
C ILE P 151 13.95 4.92 0.38
N LYS P 152 13.84 6.13 -0.14
CA LYS P 152 14.29 6.43 -1.49
C LYS P 152 15.70 5.88 -1.64
N SER P 153 16.59 6.29 -0.73
CA SER P 153 17.97 5.85 -0.77
C SER P 153 18.22 4.37 -0.53
N LYS P 154 17.28 3.67 0.11
CA LYS P 154 17.51 2.25 0.36
C LYS P 154 17.32 1.45 -0.92
N VAL P 155 16.23 1.72 -1.63
CA VAL P 155 15.91 0.98 -2.83
C VAL P 155 16.87 1.19 -3.98
N GLU P 156 17.22 2.43 -4.28
CA GLU P 156 18.14 2.68 -5.37
C GLU P 156 19.49 2.08 -5.02
N ASP P 157 20.05 2.49 -3.88
CA ASP P 157 21.34 1.98 -3.42
C ASP P 157 21.44 0.47 -3.56
N TRP P 158 20.31 -0.19 -3.40
CA TRP P 158 20.26 -1.64 -3.52
C TRP P 158 20.33 -2.02 -4.99
N SER P 159 19.33 -1.60 -5.76
CA SER P 159 19.26 -1.88 -7.18
C SER P 159 20.52 -1.39 -7.92
N ARG P 160 21.28 -0.52 -7.26
CA ARG P 160 22.49 0.00 -7.84
C ARG P 160 23.46 -1.17 -7.81
N THR P 161 23.66 -1.71 -6.62
CA THR P 161 24.56 -2.84 -6.44
C THR P 161 24.07 -4.04 -7.22
N LYS P 162 22.74 -4.17 -7.36
CA LYS P 162 22.13 -5.29 -8.09
C LYS P 162 22.49 -5.26 -9.59
N PHE P 163 22.36 -4.10 -10.21
CA PHE P 163 22.69 -4.00 -11.63
C PHE P 163 24.16 -4.16 -11.93
N ASP P 164 25.01 -3.92 -10.94
CA ASP P 164 26.43 -4.04 -11.16
C ASP P 164 26.79 -5.49 -11.39
N GLU P 165 26.26 -6.36 -10.56
CA GLU P 165 26.54 -7.77 -10.70
C GLU P 165 25.65 -8.27 -11.84
N ASN P 166 24.47 -7.69 -11.97
CA ASN P 166 23.61 -8.11 -13.05
C ASN P 166 24.41 -7.98 -14.36
N VAL P 167 25.18 -6.89 -14.50
CA VAL P 167 25.97 -6.70 -15.73
C VAL P 167 27.31 -7.44 -15.67
N LYS P 168 27.90 -7.55 -14.48
CA LYS P 168 29.16 -8.27 -14.36
C LYS P 168 28.90 -9.66 -14.94
N LYS P 169 27.93 -10.36 -14.37
CA LYS P 169 27.54 -11.69 -14.83
C LYS P 169 27.36 -11.65 -16.34
N SER P 170 26.67 -10.62 -16.82
CA SER P 170 26.44 -10.44 -18.24
C SER P 170 27.76 -10.62 -18.96
N ARG P 171 28.66 -9.66 -18.72
CA ARG P 171 29.98 -9.66 -19.35
C ARG P 171 30.65 -11.04 -19.29
N MET P 172 30.50 -11.74 -18.17
CA MET P 172 31.12 -13.06 -18.03
C MET P 172 30.65 -14.08 -19.08
N GLY P 173 29.33 -14.31 -19.10
CA GLY P 173 28.75 -15.24 -20.06
C GLY P 173 29.22 -14.91 -21.46
N MET P 174 29.27 -13.62 -21.79
CA MET P 174 29.73 -13.19 -23.10
C MET P 174 31.16 -13.76 -23.32
N ALA P 175 31.97 -13.71 -22.27
CA ALA P 175 33.34 -14.21 -22.33
C ALA P 175 33.33 -15.73 -22.39
N PHE P 176 32.35 -16.33 -21.72
CA PHE P 176 32.24 -17.78 -21.72
C PHE P 176 31.85 -18.28 -23.09
N VAL P 177 31.12 -17.45 -23.83
CA VAL P 177 30.68 -17.82 -25.17
C VAL P 177 31.78 -17.49 -26.18
N ILE P 178 32.54 -16.41 -25.90
CA ILE P 178 33.63 -15.97 -26.76
C ILE P 178 34.58 -17.14 -26.98
N GLN P 179 34.85 -17.86 -25.91
CA GLN P 179 35.74 -19.04 -25.92
C GLN P 179 35.06 -20.29 -26.45
N LYS P 180 33.91 -20.63 -25.90
CA LYS P 180 33.19 -21.80 -26.34
C LYS P 180 33.15 -21.81 -27.86
N LEU P 181 33.20 -20.60 -28.45
CA LEU P 181 33.16 -20.41 -29.90
C LEU P 181 34.47 -20.48 -30.68
N GLU P 182 35.59 -20.69 -29.99
CA GLU P 182 36.89 -20.77 -30.66
C GLU P 182 37.33 -22.23 -30.73
N GLU P 183 37.36 -22.87 -29.56
CA GLU P 183 37.74 -24.27 -29.43
C GLU P 183 36.90 -25.17 -30.33
O1 PX2 Q . 43.92 10.65 -22.57
O2 PX2 Q . 45.03 12.48 -21.22
P1 PX2 Q . 44.41 11.15 -21.27
O3 PX2 Q . 45.19 10.13 -20.52
O4 PX2 Q . 43.07 11.20 -20.38
C1 PX2 Q . 43.15 11.58 -19.00
C2 PX2 Q . 42.20 12.75 -18.73
C3 PX2 Q . 42.19 13.00 -17.22
O5 PX2 Q . 41.62 14.30 -17.02
C4 PX2 Q . 42.55 15.09 -16.43
O6 PX2 Q . 43.09 14.80 -15.35
C5 PX2 Q . 42.60 16.51 -16.96
C6 PX2 Q . 41.62 17.34 -16.13
C7 PX2 Q . 41.81 18.83 -16.42
C8 PX2 Q . 41.56 19.14 -17.90
C9 PX2 Q . 41.48 20.67 -17.97
C10 PX2 Q . 41.23 21.18 -19.39
C11 PX2 Q . 41.02 22.69 -19.30
C12 PX2 Q . 40.72 23.25 -20.67
C13 PX2 Q . 40.13 24.66 -20.53
C14 PX2 Q . 39.79 25.20 -21.91
C15 PX2 Q . 39.03 26.52 -21.75
O7 PX2 Q . 42.68 13.93 -19.37
C16 PX2 Q . 42.02 14.18 -20.53
O8 PX2 Q . 41.93 13.38 -21.46
C17 PX2 Q . 41.21 15.48 -20.54
C18 PX2 Q . 41.99 16.63 -21.17
C19 PX2 Q . 42.21 16.36 -22.66
C20 PX2 Q . 42.10 17.69 -23.40
C21 PX2 Q . 43.12 18.70 -22.88
C22 PX2 Q . 42.80 20.08 -23.45
C23 PX2 Q . 43.78 21.11 -22.88
C24 PX2 Q . 43.21 22.53 -23.02
C25 PX2 Q . 43.22 22.98 -24.48
C26 PX2 Q . 42.65 24.40 -24.57
C27 PX2 Q . 43.49 25.36 -23.73
O1 PX2 R . 12.93 -17.51 23.18
O2 PX2 R . 14.12 -18.32 25.21
P1 PX2 R . 13.09 -17.41 24.65
O3 PX2 R . 13.12 -16.04 25.19
O4 PX2 R . 11.71 -18.02 25.21
C1 PX2 R . 10.47 -17.29 25.18
C2 PX2 R . 10.01 -17.05 23.74
C3 PX2 R . 8.55 -16.57 23.75
O5 PX2 R . 8.42 -15.41 24.57
C4 PX2 R . 7.41 -14.62 24.14
O6 PX2 R . 6.24 -14.77 24.46
C5 PX2 R . 7.84 -13.42 23.27
C6 PX2 R . 6.63 -12.49 23.09
C7 PX2 R . 7.02 -11.26 22.27
C8 PX2 R . 7.46 -11.67 20.85
C9 PX2 R . 7.70 -10.41 20.01
C10 PX2 R . 6.39 -9.62 19.97
C11 PX2 R . 6.59 -8.22 19.40
C12 PX2 R . 6.74 -8.24 17.87
C13 PX2 R . 6.84 -6.79 17.40
C14 PX2 R . 6.69 -6.70 15.87
C15 PX2 R . 7.80 -7.50 15.19
O7 PX2 R . 10.83 -16.04 23.15
C16 PX2 R . 10.43 -15.84 21.86
O8 PX2 R . 10.04 -16.73 21.12
C17 PX2 R . 10.29 -14.36 21.45
C18 PX2 R . 11.56 -13.88 20.75
C19 PX2 R . 11.25 -12.52 20.13
C20 PX2 R . 12.47 -11.99 19.36
C21 PX2 R . 12.02 -10.81 18.49
C22 PX2 R . 11.50 -9.66 19.35
C23 PX2 R . 10.64 -8.73 18.49
C24 PX2 R . 11.43 -8.24 17.27
C25 PX2 R . 12.51 -7.23 17.69
C26 PX2 R . 12.14 -5.84 17.19
C27 PX2 R . 10.81 -5.38 17.81
#